data_1X86
#
_entry.id   1X86
#
_cell.length_a   296.418
_cell.length_b   95.239
_cell.length_c   157.338
_cell.angle_alpha   90.00
_cell.angle_beta   94.19
_cell.angle_gamma   90.00
#
_symmetry.space_group_name_H-M   'C 1 2 1'
#
loop_
_entity.id
_entity.type
_entity.pdbx_description
1 polymer 'Rho guanine nucleotide exchange factor 12'
2 polymer 'Transforming protein RhoA'
3 non-polymer 'PHOSPHATE ION'
#
loop_
_entity_poly.entity_id
_entity_poly.type
_entity_poly.pdbx_seq_one_letter_code
_entity_poly.pdbx_strand_id
1 'polypeptide(L)'
;GSPPNWQQLVSREVLLGLKPCEIKRQEVINELFYTERAHVRTLKVLDQVFYQRVSREGILSPSELRKIFSNLEDILQLHI
GLNEQMKAVRKRNETSVIDQIGEDLLTWFSGPGEEKLKHAAATFCSNQPFALEMIKSRQKKDSRFQTFVQDAESNPLCRR
LQLKDIIPTQMQRLTKYPLLLDNIAKYTEWPTEREKVKKAADHCRQILNFVNQAVKEAENKQRLEDYQRRLDTSSLKLSE
YPNVEELRNLDLTKRKMIHEGPLVWKVNRDKTIDLYTLLLEDILVLLQKQDDRLVLRCHSKILASTADSKHTFSPVIKLS
TVLVRQVATDNKALFVISMSDNGAQIYELVAQTVSEKTVWQDLICRMAASVKEQSVDGGHHHHHH
;
A,C,E,G
2 'polypeptide(L)'
;GEFMAAIRKKLVIVGDGACGKTCLLIVFSKDQFPEVYVPTVFENYVADIEVDGKQVELALWDTAGQEDYDRLRPLSYPDT
DVILMCFSIDSPDSLENIPEKWTPEVKHFCPNVPIILVGNKKDLRNDEHTRRELAKMKQEPVKPEEGRDMANRIGAFGYM
ECSAKTKDGVREVFEMATRAALQARRGKKKSGCLVL
;
B,D,F,H
#
# COMPACT_ATOMS: atom_id res chain seq x y z
N PRO A 3 4.39 15.55 -20.33
CA PRO A 3 5.36 14.65 -21.04
C PRO A 3 4.86 13.19 -21.39
N PRO A 4 4.88 12.24 -20.40
CA PRO A 4 5.37 10.86 -20.60
C PRO A 4 4.34 9.79 -20.93
N ASN A 5 4.65 9.09 -22.02
CA ASN A 5 3.96 7.89 -22.46
C ASN A 5 3.64 6.87 -21.36
N TRP A 6 2.83 5.89 -21.72
CA TRP A 6 2.48 4.80 -20.84
C TRP A 6 3.64 3.89 -20.61
N GLN A 7 4.40 3.57 -21.64
CA GLN A 7 5.56 2.68 -21.51
C GLN A 7 6.64 3.09 -20.51
N GLN A 8 6.64 4.35 -20.07
CA GLN A 8 7.66 4.78 -19.13
C GLN A 8 7.38 4.19 -17.77
N LEU A 9 6.13 3.90 -17.51
CA LEU A 9 5.74 3.42 -16.21
C LEU A 9 5.87 1.90 -16.11
N VAL A 10 5.67 1.16 -17.20
CA VAL A 10 5.66 -0.28 -17.07
C VAL A 10 7.07 -0.87 -17.11
N SER A 11 7.28 -1.86 -16.26
CA SER A 11 8.47 -2.69 -16.27
C SER A 11 8.88 -3.07 -17.68
N ARG A 12 10.18 -3.12 -17.94
CA ARG A 12 10.68 -3.67 -19.19
C ARG A 12 10.04 -5.01 -19.46
N GLU A 13 9.90 -5.81 -18.41
CA GLU A 13 9.47 -7.19 -18.55
C GLU A 13 7.96 -7.32 -18.80
N VAL A 14 7.15 -6.56 -18.10
CA VAL A 14 5.72 -6.45 -18.44
C VAL A 14 5.49 -6.20 -19.95
N LEU A 15 6.15 -5.18 -20.50
CA LEU A 15 5.95 -4.79 -21.89
C LEU A 15 6.37 -5.89 -22.83
N LEU A 16 7.38 -6.62 -22.43
CA LEU A 16 7.90 -7.64 -23.31
C LEU A 16 6.96 -8.84 -23.36
N GLY A 17 5.93 -8.83 -22.53
CA GLY A 17 4.86 -9.80 -22.58
C GLY A 17 3.68 -9.30 -23.37
N LEU A 18 3.80 -8.12 -23.96
CA LEU A 18 2.69 -7.53 -24.71
C LEU A 18 3.11 -7.35 -26.15
N LYS A 19 2.19 -7.74 -27.04
CA LYS A 19 2.31 -7.56 -28.50
C LYS A 19 2.24 -6.05 -28.78
N PRO A 20 2.81 -5.59 -29.90
CA PRO A 20 3.29 -4.19 -30.02
C PRO A 20 2.14 -3.19 -30.19
N CYS A 21 0.93 -3.72 -30.39
CA CYS A 21 -0.25 -2.92 -30.61
C CYS A 21 -1.23 -3.05 -29.47
N GLU A 22 -1.15 -4.11 -28.65
CA GLU A 22 -1.83 -4.03 -27.35
C GLU A 22 -1.16 -2.93 -26.53
N ILE A 23 0.14 -2.75 -26.73
CA ILE A 23 0.86 -1.62 -26.20
C ILE A 23 0.26 -0.37 -26.76
N LYS A 24 -0.07 -0.38 -28.03
CA LYS A 24 -0.54 0.86 -28.60
C LYS A 24 -1.88 1.21 -27.97
N ARG A 25 -2.78 0.26 -27.84
CA ARG A 25 -4.11 0.50 -27.29
C ARG A 25 -3.99 1.11 -25.92
N GLN A 26 -3.08 0.53 -25.15
CA GLN A 26 -2.75 1.03 -23.84
C GLN A 26 -2.31 2.47 -23.90
N GLU A 27 -1.41 2.74 -24.84
CA GLU A 27 -0.88 4.09 -25.01
C GLU A 27 -1.98 5.14 -25.15
N VAL A 28 -3.01 4.78 -25.91
CA VAL A 28 -4.22 5.57 -26.09
C VAL A 28 -5.12 5.64 -24.85
N ILE A 29 -5.54 4.48 -24.36
CA ILE A 29 -6.43 4.45 -23.23
C ILE A 29 -5.79 5.41 -22.22
N ASN A 30 -4.53 5.18 -21.93
CA ASN A 30 -3.80 6.11 -21.09
C ASN A 30 -4.09 7.58 -21.44
N GLU A 31 -4.05 7.92 -22.72
CA GLU A 31 -4.35 9.30 -23.14
C GLU A 31 -5.77 9.73 -22.82
N LEU A 32 -6.73 8.87 -23.18
CA LEU A 32 -8.12 9.12 -22.86
C LEU A 32 -8.16 9.62 -21.45
N PHE A 33 -7.56 8.83 -20.55
CA PHE A 33 -7.62 9.11 -19.12
C PHE A 33 -6.87 10.38 -18.75
N TYR A 34 -5.66 10.59 -19.24
CA TYR A 34 -4.88 11.67 -18.67
C TYR A 34 -5.27 13.01 -19.25
N THR A 35 -5.85 12.92 -20.45
CA THR A 35 -6.46 14.03 -21.11
C THR A 35 -7.62 14.50 -20.28
N GLU A 36 -8.56 13.58 -19.98
CA GLU A 36 -9.76 13.87 -19.19
C GLU A 36 -9.41 14.72 -17.98
N ARG A 37 -8.36 14.30 -17.29
CA ARG A 37 -7.84 15.06 -16.15
C ARG A 37 -7.37 16.46 -16.48
N ALA A 38 -6.76 16.62 -17.62
CA ALA A 38 -6.22 17.92 -17.92
C ALA A 38 -7.39 18.86 -18.10
N HIS A 39 -8.39 18.35 -18.81
CA HIS A 39 -9.63 19.07 -19.05
C HIS A 39 -10.17 19.58 -17.77
N VAL A 40 -10.39 18.61 -16.88
CA VAL A 40 -10.98 18.86 -15.58
C VAL A 40 -10.18 19.96 -14.91
N ARG A 41 -8.86 20.01 -15.15
CA ARG A 41 -8.00 21.05 -14.58
C ARG A 41 -8.30 22.43 -15.13
N THR A 42 -8.44 22.49 -16.44
CA THR A 42 -8.80 23.73 -17.11
C THR A 42 -10.12 24.24 -16.58
N LEU A 43 -11.20 23.42 -16.67
CA LEU A 43 -12.54 23.77 -16.15
C LEU A 43 -12.42 24.44 -14.76
N LYS A 44 -11.63 23.80 -13.89
CA LYS A 44 -11.35 24.33 -12.56
C LYS A 44 -10.73 25.70 -12.61
N VAL A 45 -9.78 25.92 -13.52
CA VAL A 45 -9.10 27.20 -13.60
C VAL A 45 -10.20 28.20 -13.78
N LEU A 46 -11.11 27.84 -14.68
CA LEU A 46 -12.20 28.72 -15.10
C LEU A 46 -13.05 29.13 -13.91
N ASP A 47 -13.42 28.11 -13.14
CA ASP A 47 -14.14 28.24 -11.90
C ASP A 47 -13.29 29.02 -10.90
N GLN A 48 -12.10 28.57 -10.54
CA GLN A 48 -11.35 29.16 -9.39
C GLN A 48 -10.65 30.47 -9.69
N VAL A 49 -9.97 30.48 -10.83
CA VAL A 49 -9.16 31.64 -11.21
C VAL A 49 -10.08 32.84 -11.55
N PHE A 50 -11.17 32.53 -12.29
CA PHE A 50 -12.06 33.53 -12.89
C PHE A 50 -13.42 33.62 -12.24
N TYR A 51 -14.28 32.61 -12.45
CA TYR A 51 -15.68 32.70 -12.01
C TYR A 51 -15.76 33.06 -10.55
N GLN A 52 -14.90 32.48 -9.74
CA GLN A 52 -15.09 32.58 -8.32
C GLN A 52 -14.56 33.88 -7.78
N ARG A 53 -13.51 34.43 -8.37
CA ARG A 53 -12.86 35.58 -7.76
C ARG A 53 -13.55 36.83 -8.19
N VAL A 54 -14.20 36.82 -9.36
CA VAL A 54 -14.95 37.99 -9.85
C VAL A 54 -16.27 38.05 -9.14
N SER A 55 -16.83 36.86 -8.97
CA SER A 55 -18.09 36.77 -8.31
C SER A 55 -17.92 37.46 -6.99
N ARG A 56 -16.90 37.05 -6.24
CA ARG A 56 -16.57 37.59 -4.91
C ARG A 56 -16.23 39.06 -4.93
N GLU A 57 -15.59 39.51 -6.00
CA GLU A 57 -15.04 40.84 -6.07
C GLU A 57 -16.15 41.84 -6.06
N GLY A 58 -17.25 41.51 -6.72
CA GLY A 58 -18.40 42.41 -6.78
C GLY A 58 -18.62 43.00 -8.16
N ILE A 59 -17.55 43.06 -8.95
CA ILE A 59 -17.61 43.58 -10.31
C ILE A 59 -18.87 43.18 -11.09
N LEU A 60 -19.14 41.90 -11.27
CA LEU A 60 -20.26 41.52 -12.11
C LEU A 60 -21.52 41.28 -11.29
N SER A 61 -22.66 41.65 -11.88
CA SER A 61 -23.99 41.30 -11.39
C SER A 61 -24.24 39.81 -11.54
N PRO A 62 -25.35 39.30 -10.98
CA PRO A 62 -25.61 37.87 -11.00
C PRO A 62 -26.17 37.28 -12.31
N SER A 63 -26.63 38.14 -13.21
CA SER A 63 -27.05 37.71 -14.54
C SER A 63 -25.88 37.84 -15.56
N GLU A 64 -25.02 38.84 -15.34
CA GLU A 64 -23.79 39.02 -16.12
C GLU A 64 -22.88 37.88 -15.79
N LEU A 65 -22.74 37.59 -14.50
CA LEU A 65 -22.10 36.35 -14.12
C LEU A 65 -22.62 35.19 -14.90
N ARG A 66 -23.92 34.96 -14.93
CA ARG A 66 -24.40 33.74 -15.58
C ARG A 66 -24.25 33.81 -17.07
N LYS A 67 -24.25 35.01 -17.60
CA LYS A 67 -24.10 35.15 -19.03
C LYS A 67 -22.74 34.68 -19.41
N ILE A 68 -21.70 35.14 -18.68
CA ILE A 68 -20.30 34.75 -18.90
C ILE A 68 -20.10 33.27 -18.62
N PHE A 69 -20.22 32.86 -17.35
CA PHE A 69 -19.91 31.48 -16.96
C PHE A 69 -20.95 30.38 -17.13
N SER A 70 -22.25 30.70 -17.25
CA SER A 70 -23.33 29.66 -17.44
C SER A 70 -23.06 28.32 -16.73
N ASN A 71 -23.35 27.17 -17.30
CA ASN A 71 -23.26 26.02 -16.40
C ASN A 71 -21.96 25.31 -16.28
N LEU A 72 -20.88 26.11 -16.19
CA LEU A 72 -19.48 25.66 -15.95
C LEU A 72 -19.42 24.72 -14.77
N GLU A 73 -20.17 25.02 -13.71
CA GLU A 73 -20.35 24.01 -12.67
C GLU A 73 -20.86 22.65 -13.15
N ASP A 74 -22.11 22.59 -13.60
CA ASP A 74 -22.68 21.32 -13.97
C ASP A 74 -21.64 20.51 -14.72
N ILE A 75 -20.91 21.12 -15.68
CA ILE A 75 -19.95 20.36 -16.53
C ILE A 75 -18.70 20.05 -15.71
N LEU A 76 -18.07 21.06 -15.09
CA LEU A 76 -16.92 20.79 -14.23
C LEU A 76 -17.14 19.50 -13.46
N GLN A 77 -18.23 19.47 -12.70
CA GLN A 77 -18.67 18.25 -11.98
C GLN A 77 -18.89 17.05 -12.83
N LEU A 78 -19.40 17.24 -14.03
CA LEU A 78 -19.60 16.12 -14.92
C LEU A 78 -18.32 15.39 -15.22
N HIS A 79 -17.31 16.18 -15.57
CA HIS A 79 -15.97 15.68 -15.89
C HIS A 79 -15.26 15.22 -14.61
N ILE A 80 -15.18 16.08 -13.61
CA ILE A 80 -14.72 15.59 -12.35
C ILE A 80 -15.15 14.17 -12.07
N GLY A 81 -16.41 13.86 -12.29
CA GLY A 81 -16.94 12.55 -11.96
C GLY A 81 -16.62 11.49 -13.00
N LEU A 82 -16.71 11.90 -14.26
CA LEU A 82 -16.22 11.10 -15.38
C LEU A 82 -14.77 10.71 -15.21
N ASN A 83 -14.00 11.51 -14.52
CA ASN A 83 -12.60 11.24 -14.31
C ASN A 83 -12.43 10.26 -13.17
N GLU A 84 -13.05 10.49 -12.00
CA GLU A 84 -12.91 9.51 -10.90
C GLU A 84 -13.47 8.14 -11.37
N GLN A 85 -14.38 8.17 -12.32
CA GLN A 85 -14.91 6.96 -12.86
C GLN A 85 -13.81 6.26 -13.57
N MET A 86 -12.97 7.02 -14.27
CA MET A 86 -11.75 6.49 -14.92
C MET A 86 -10.75 6.09 -13.86
N LYS A 87 -10.55 6.91 -12.82
CA LYS A 87 -9.54 6.54 -11.83
C LYS A 87 -9.88 5.14 -11.38
N ALA A 88 -11.11 4.98 -10.94
CA ALA A 88 -11.76 3.66 -10.83
C ALA A 88 -11.25 2.56 -11.71
N VAL A 89 -11.34 2.76 -13.02
CA VAL A 89 -11.06 1.71 -13.97
C VAL A 89 -9.60 1.29 -13.90
N ARG A 90 -8.75 2.24 -13.54
CA ARG A 90 -7.34 1.97 -13.31
C ARG A 90 -7.06 1.06 -12.10
N LYS A 91 -7.76 1.31 -10.99
CA LYS A 91 -7.61 0.48 -9.81
C LYS A 91 -8.06 -0.93 -10.11
N ARG A 92 -9.21 -1.09 -10.73
CA ARG A 92 -9.65 -2.41 -11.06
C ARG A 92 -8.49 -3.39 -11.27
N ASN A 93 -7.49 -3.04 -12.09
CA ASN A 93 -6.52 -4.03 -12.57
C ASN A 93 -5.28 -3.91 -11.75
N GLU A 94 -4.73 -5.03 -11.29
CA GLU A 94 -3.54 -5.05 -10.39
C GLU A 94 -2.29 -4.51 -11.10
N THR A 95 -2.13 -5.02 -12.32
CA THR A 95 -1.26 -4.51 -13.34
C THR A 95 -1.46 -2.99 -13.62
N SER A 96 -0.64 -2.44 -14.51
CA SER A 96 -0.93 -1.15 -15.11
C SER A 96 -1.37 -1.37 -16.54
N VAL A 97 -1.63 -2.63 -16.89
CA VAL A 97 -2.23 -2.91 -18.16
C VAL A 97 -3.70 -2.88 -17.87
N ILE A 98 -4.36 -1.88 -18.43
CA ILE A 98 -5.76 -1.69 -18.24
C ILE A 98 -6.27 -2.66 -19.24
N ASP A 99 -6.91 -3.71 -18.73
CA ASP A 99 -7.44 -4.80 -19.54
C ASP A 99 -8.69 -4.26 -20.26
N GLN A 100 -9.63 -5.11 -20.68
CA GLN A 100 -10.95 -4.66 -21.23
C GLN A 100 -11.62 -3.36 -20.61
N ILE A 101 -11.90 -2.36 -21.47
CA ILE A 101 -12.41 -1.03 -21.08
C ILE A 101 -13.74 -0.68 -21.78
N GLY A 102 -14.34 -1.62 -22.52
CA GLY A 102 -15.55 -1.34 -23.36
C GLY A 102 -16.82 -0.97 -22.61
N GLU A 103 -17.40 -1.91 -21.90
CA GLU A 103 -18.44 -1.59 -20.95
C GLU A 103 -18.38 -0.18 -20.42
N ASP A 104 -17.19 0.23 -20.00
CA ASP A 104 -17.03 1.51 -19.35
C ASP A 104 -17.18 2.70 -20.28
N LEU A 105 -16.96 2.47 -21.56
CA LEU A 105 -16.98 3.54 -22.54
C LEU A 105 -18.43 3.77 -22.96
N LEU A 106 -19.18 2.66 -23.05
CA LEU A 106 -20.58 2.74 -23.31
C LEU A 106 -21.18 3.38 -22.11
N THR A 107 -20.71 3.02 -20.93
CA THR A 107 -21.32 3.59 -19.74
C THR A 107 -21.12 5.11 -19.64
N TRP A 108 -19.96 5.61 -20.02
CA TRP A 108 -19.69 7.01 -19.91
C TRP A 108 -20.28 7.82 -21.05
N PHE A 109 -20.41 7.20 -22.20
CA PHE A 109 -20.78 7.92 -23.41
C PHE A 109 -22.13 7.49 -24.01
N SER A 110 -22.57 6.25 -23.79
CA SER A 110 -23.87 5.83 -24.30
C SER A 110 -24.89 6.03 -23.22
N GLY A 111 -26.12 5.63 -23.53
CA GLY A 111 -27.21 5.49 -22.56
C GLY A 111 -27.42 6.80 -21.85
N PRO A 112 -27.53 6.76 -20.53
CA PRO A 112 -27.94 7.91 -19.79
C PRO A 112 -26.81 8.78 -19.48
N GLY A 113 -25.61 8.34 -19.85
CA GLY A 113 -24.42 9.18 -19.80
C GLY A 113 -24.44 10.15 -20.95
N GLU A 114 -24.71 9.59 -22.13
CA GLU A 114 -24.95 10.41 -23.30
C GLU A 114 -25.84 11.56 -22.89
N GLU A 115 -27.05 11.21 -22.42
CA GLU A 115 -28.07 12.21 -22.16
C GLU A 115 -27.55 13.26 -21.20
N LYS A 116 -26.78 12.88 -20.20
CA LYS A 116 -26.26 13.90 -19.31
C LYS A 116 -25.28 14.84 -20.04
N LEU A 117 -24.30 14.27 -20.75
CA LEU A 117 -23.22 15.04 -21.38
C LEU A 117 -23.82 15.96 -22.43
N LYS A 118 -24.74 15.46 -23.23
CA LYS A 118 -25.18 16.26 -24.36
C LYS A 118 -25.96 17.46 -23.92
N HIS A 119 -26.83 17.28 -22.93
CA HIS A 119 -27.60 18.43 -22.39
C HIS A 119 -26.77 19.53 -21.71
N ALA A 120 -25.84 19.10 -20.86
CA ALA A 120 -24.96 19.99 -20.12
C ALA A 120 -23.99 20.66 -21.07
N ALA A 121 -23.52 19.88 -22.04
CA ALA A 121 -22.66 20.39 -23.07
C ALA A 121 -23.44 21.44 -23.83
N ALA A 122 -24.35 21.01 -24.68
CA ALA A 122 -25.08 21.99 -25.44
C ALA A 122 -25.37 23.33 -24.68
N THR A 123 -25.80 23.30 -23.43
CA THR A 123 -26.07 24.60 -22.77
C THR A 123 -24.78 25.38 -22.53
N PHE A 124 -23.67 24.67 -22.34
CA PHE A 124 -22.43 25.36 -22.05
C PHE A 124 -21.86 25.84 -23.33
N CYS A 125 -21.74 24.91 -24.29
CA CYS A 125 -21.02 25.19 -25.52
C CYS A 125 -21.74 26.29 -26.27
N SER A 126 -23.06 26.25 -26.34
CA SER A 126 -23.79 27.21 -27.16
C SER A 126 -23.72 28.64 -26.56
N ASN A 127 -23.47 28.76 -25.27
CA ASN A 127 -23.52 30.09 -24.67
C ASN A 127 -22.32 30.94 -25.06
N GLN A 128 -21.27 30.26 -25.54
CA GLN A 128 -19.93 30.84 -25.74
C GLN A 128 -20.01 32.14 -26.51
N PRO A 129 -20.59 32.12 -27.71
CA PRO A 129 -20.75 33.32 -28.48
C PRO A 129 -21.15 34.50 -27.66
N PHE A 130 -22.13 34.25 -26.78
CA PHE A 130 -22.79 35.28 -26.00
C PHE A 130 -21.98 35.60 -24.79
N ALA A 131 -21.27 34.59 -24.28
CA ALA A 131 -20.30 34.79 -23.21
C ALA A 131 -19.15 35.67 -23.64
N LEU A 132 -18.65 35.44 -24.85
CA LEU A 132 -17.47 36.15 -25.29
C LEU A 132 -17.78 37.61 -25.56
N GLU A 133 -18.91 37.84 -26.22
CA GLU A 133 -19.43 39.19 -26.35
C GLU A 133 -19.41 39.95 -25.03
N MET A 134 -19.79 39.27 -23.95
CA MET A 134 -19.85 39.94 -22.67
C MET A 134 -18.47 40.30 -22.20
N ILE A 135 -17.57 39.34 -22.22
CA ILE A 135 -16.23 39.60 -21.71
C ILE A 135 -15.64 40.78 -22.46
N LYS A 136 -15.74 40.74 -23.79
CA LYS A 136 -15.12 41.75 -24.65
C LYS A 136 -15.67 43.09 -24.34
N SER A 137 -16.99 43.13 -24.22
CA SER A 137 -17.74 44.33 -23.85
C SER A 137 -17.37 44.82 -22.46
N ARG A 138 -17.72 44.06 -21.43
CA ARG A 138 -17.54 44.50 -20.06
C ARG A 138 -16.09 44.88 -19.76
N GLN A 139 -15.17 44.42 -20.63
CA GLN A 139 -13.75 44.84 -20.60
C GLN A 139 -13.51 46.26 -21.08
N LYS A 140 -14.09 46.64 -22.22
CA LYS A 140 -14.02 48.06 -22.60
C LYS A 140 -14.80 48.90 -21.59
N LYS A 141 -15.88 48.33 -21.06
CA LYS A 141 -16.83 49.08 -20.23
C LYS A 141 -16.45 49.32 -18.74
N ASP A 142 -15.43 48.60 -18.22
CA ASP A 142 -15.15 48.57 -16.74
C ASP A 142 -13.64 48.53 -16.32
N SER A 143 -13.15 49.64 -15.76
CA SER A 143 -11.82 49.71 -15.12
C SER A 143 -11.48 48.40 -14.47
N ARG A 144 -12.37 47.99 -13.57
CA ARG A 144 -12.11 46.89 -12.67
C ARG A 144 -12.31 45.56 -13.33
N PHE A 145 -13.29 45.44 -14.22
CA PHE A 145 -13.49 44.14 -14.84
C PHE A 145 -12.31 43.82 -15.71
N GLN A 146 -11.72 44.83 -16.33
CA GLN A 146 -10.59 44.55 -17.21
C GLN A 146 -9.31 44.37 -16.42
N THR A 147 -9.05 45.29 -15.51
CA THR A 147 -8.10 45.03 -14.46
C THR A 147 -8.15 43.55 -14.03
N PHE A 148 -9.36 43.11 -13.67
CA PHE A 148 -9.55 41.76 -13.12
C PHE A 148 -9.18 40.65 -14.06
N VAL A 149 -9.58 40.74 -15.33
CA VAL A 149 -9.33 39.63 -16.25
C VAL A 149 -7.87 39.59 -16.51
N GLN A 150 -7.26 40.77 -16.58
CA GLN A 150 -5.85 40.83 -16.92
C GLN A 150 -5.06 40.12 -15.85
N ASP A 151 -5.24 40.55 -14.60
CA ASP A 151 -4.55 39.97 -13.46
C ASP A 151 -4.76 38.45 -13.35
N ALA A 152 -5.99 38.03 -13.55
CA ALA A 152 -6.33 36.64 -13.51
C ALA A 152 -5.56 35.84 -14.63
N GLU A 153 -5.35 36.49 -15.76
CA GLU A 153 -4.76 35.82 -16.92
C GLU A 153 -3.27 35.52 -16.67
N SER A 154 -2.72 36.33 -15.75
CA SER A 154 -1.34 36.22 -15.32
C SER A 154 -1.15 35.19 -14.21
N ASN A 155 -2.16 34.38 -13.89
CA ASN A 155 -1.92 33.28 -12.96
C ASN A 155 -1.40 32.10 -13.75
N PRO A 156 -0.28 31.57 -13.32
CA PRO A 156 0.29 30.52 -14.19
C PRO A 156 -0.57 29.25 -14.36
N LEU A 157 -1.58 29.08 -13.54
CA LEU A 157 -2.56 28.04 -13.84
C LEU A 157 -3.19 28.19 -15.24
N CYS A 158 -3.14 29.43 -15.74
CA CYS A 158 -3.78 29.76 -17.00
C CYS A 158 -3.02 29.13 -18.13
N ARG A 159 -1.69 29.01 -17.92
CA ARG A 159 -0.70 28.61 -18.93
C ARG A 159 -0.59 29.64 -20.03
N ARG A 160 -0.88 30.89 -19.65
CA ARG A 160 -0.81 32.03 -20.55
C ARG A 160 -1.86 31.97 -21.67
N LEU A 161 -2.87 31.11 -21.51
CA LEU A 161 -4.11 31.32 -22.22
C LEU A 161 -4.91 32.48 -21.57
N GLN A 162 -5.79 33.09 -22.36
CA GLN A 162 -6.57 34.21 -21.90
C GLN A 162 -7.94 33.64 -21.62
N LEU A 163 -8.82 34.49 -21.07
CA LEU A 163 -10.13 33.98 -20.75
C LEU A 163 -10.78 33.46 -22.04
N LYS A 164 -10.82 34.32 -23.05
CA LYS A 164 -11.42 33.96 -24.31
C LYS A 164 -10.84 32.71 -24.94
N ASP A 165 -9.58 32.39 -24.66
CA ASP A 165 -8.89 31.19 -25.22
C ASP A 165 -9.28 29.93 -24.41
N ILE A 166 -9.76 30.12 -23.16
CA ILE A 166 -10.11 28.96 -22.30
C ILE A 166 -11.58 28.53 -22.41
N ILE A 167 -12.48 29.45 -22.76
CA ILE A 167 -13.92 29.18 -22.75
C ILE A 167 -14.30 28.11 -23.79
N PRO A 168 -13.71 28.20 -25.01
CA PRO A 168 -14.02 27.25 -26.09
C PRO A 168 -13.67 25.81 -25.82
N THR A 169 -13.18 25.46 -24.65
CA THR A 169 -12.59 24.17 -24.49
C THR A 169 -13.56 23.02 -24.31
N GLN A 170 -14.73 23.29 -23.75
CA GLN A 170 -15.69 22.18 -23.50
C GLN A 170 -16.09 21.52 -24.86
N MET A 171 -16.27 22.43 -25.81
CA MET A 171 -16.52 22.09 -27.17
C MET A 171 -15.33 21.34 -27.66
N GLN A 172 -14.15 21.89 -27.45
CA GLN A 172 -13.00 21.19 -27.85
C GLN A 172 -13.06 19.71 -27.35
N ARG A 173 -13.12 19.42 -26.04
CA ARG A 173 -13.00 17.99 -25.59
C ARG A 173 -14.00 17.06 -26.28
N LEU A 174 -15.28 17.33 -26.06
CA LEU A 174 -16.35 16.62 -26.72
C LEU A 174 -15.88 16.13 -28.05
N THR A 175 -15.19 17.05 -28.74
CA THR A 175 -14.83 16.89 -30.09
C THR A 175 -13.85 15.76 -30.33
N LYS A 176 -12.95 15.57 -29.34
CA LYS A 176 -11.87 14.56 -29.40
C LYS A 176 -12.32 13.15 -28.99
N TYR A 177 -13.28 13.04 -28.08
CA TYR A 177 -13.83 11.72 -27.67
C TYR A 177 -14.02 10.73 -28.82
N PRO A 178 -14.47 11.15 -30.01
CA PRO A 178 -14.69 10.05 -30.91
C PRO A 178 -13.40 9.65 -31.64
N LEU A 179 -12.35 10.46 -31.52
CA LEU A 179 -11.03 10.12 -32.03
C LEU A 179 -10.39 9.07 -31.12
N LEU A 180 -10.26 9.44 -29.85
CA LEU A 180 -9.66 8.56 -28.89
C LEU A 180 -10.37 7.23 -28.96
N LEU A 181 -11.69 7.24 -28.97
CA LEU A 181 -12.38 5.95 -29.03
C LEU A 181 -12.04 5.21 -30.31
N ASP A 182 -12.02 5.93 -31.40
CA ASP A 182 -11.71 5.29 -32.65
C ASP A 182 -10.30 4.67 -32.70
N ASN A 183 -9.33 5.29 -32.06
CA ASN A 183 -8.06 4.62 -31.92
C ASN A 183 -8.06 3.43 -31.00
N ILE A 184 -8.31 3.62 -29.71
CA ILE A 184 -8.63 2.46 -28.86
C ILE A 184 -9.30 1.32 -29.66
N ALA A 185 -10.29 1.66 -30.49
CA ALA A 185 -11.08 0.62 -31.18
C ALA A 185 -10.25 -0.01 -32.22
N LYS A 186 -9.42 0.83 -32.84
CA LYS A 186 -8.52 0.43 -33.88
C LYS A 186 -7.44 -0.54 -33.43
N TYR A 187 -6.96 -0.45 -32.20
CA TYR A 187 -5.96 -1.42 -31.72
C TYR A 187 -6.54 -2.52 -30.82
N THR A 188 -7.85 -2.67 -30.85
CA THR A 188 -8.52 -3.57 -29.94
C THR A 188 -8.63 -4.95 -30.68
N GLU A 189 -7.89 -5.94 -30.21
CA GLU A 189 -7.71 -7.15 -30.98
C GLU A 189 -9.02 -7.94 -30.92
N TRP A 190 -9.75 -7.81 -29.81
CA TRP A 190 -10.86 -8.73 -29.53
C TRP A 190 -12.19 -8.32 -30.19
N PRO A 191 -12.68 -9.11 -31.16
CA PRO A 191 -13.98 -8.92 -31.72
C PRO A 191 -15.03 -8.28 -30.82
N THR A 192 -15.52 -9.00 -29.81
CA THR A 192 -16.80 -8.64 -29.18
C THR A 192 -16.69 -7.35 -28.42
N GLU A 193 -15.47 -7.06 -27.94
CA GLU A 193 -15.18 -5.84 -27.21
C GLU A 193 -14.71 -4.72 -28.13
N ARG A 194 -14.14 -4.99 -29.30
CA ARG A 194 -13.89 -3.91 -30.29
C ARG A 194 -15.19 -3.26 -30.66
N GLU A 195 -16.16 -4.08 -31.03
CA GLU A 195 -17.41 -3.51 -31.42
C GLU A 195 -18.01 -2.59 -30.38
N LYS A 196 -17.90 -2.92 -29.10
CA LYS A 196 -18.34 -1.98 -28.05
C LYS A 196 -17.71 -0.60 -28.17
N VAL A 197 -16.41 -0.56 -28.42
CA VAL A 197 -15.64 0.70 -28.45
C VAL A 197 -16.02 1.54 -29.65
N LYS A 198 -16.43 0.80 -30.70
CA LYS A 198 -16.78 1.38 -31.99
C LYS A 198 -18.10 2.09 -31.85
N LYS A 199 -18.99 1.49 -31.06
CA LYS A 199 -20.28 2.10 -30.76
C LYS A 199 -20.09 3.28 -29.79
N ALA A 200 -19.45 3.08 -28.67
CA ALA A 200 -19.20 4.24 -27.83
C ALA A 200 -18.71 5.49 -28.59
N ALA A 201 -17.91 5.28 -29.64
CA ALA A 201 -17.42 6.36 -30.51
C ALA A 201 -18.58 7.00 -31.20
N ASP A 202 -19.40 6.18 -31.87
CA ASP A 202 -20.68 6.58 -32.46
C ASP A 202 -21.61 7.48 -31.59
N HIS A 203 -21.71 7.11 -30.32
CA HIS A 203 -22.46 7.92 -29.40
C HIS A 203 -21.68 9.18 -29.05
N CYS A 204 -20.37 9.23 -29.20
CA CYS A 204 -19.74 10.52 -28.97
C CYS A 204 -19.92 11.43 -30.18
N ARG A 205 -20.38 10.86 -31.29
CA ARG A 205 -20.66 11.64 -32.45
C ARG A 205 -22.01 12.19 -32.26
N GLN A 206 -22.97 11.32 -31.95
CA GLN A 206 -24.36 11.76 -31.79
C GLN A 206 -24.48 12.88 -30.75
N ILE A 207 -23.79 12.73 -29.62
CA ILE A 207 -23.55 13.87 -28.71
C ILE A 207 -23.08 15.14 -29.44
N LEU A 208 -22.17 14.97 -30.37
CA LEU A 208 -21.64 16.13 -31.06
C LEU A 208 -22.67 16.75 -31.90
N ASN A 209 -23.37 15.99 -32.69
CA ASN A 209 -24.25 16.63 -33.61
C ASN A 209 -25.18 17.47 -32.83
N PHE A 210 -25.69 16.86 -31.75
CA PHE A 210 -26.59 17.51 -30.79
C PHE A 210 -26.08 18.85 -30.30
N VAL A 211 -24.88 18.84 -29.73
CA VAL A 211 -24.23 20.06 -29.28
C VAL A 211 -24.01 21.03 -30.44
N ASN A 212 -23.78 20.48 -31.60
CA ASN A 212 -23.62 21.30 -32.80
C ASN A 212 -24.96 22.00 -33.08
N GLN A 213 -26.04 21.21 -33.05
CA GLN A 213 -27.36 21.64 -33.47
C GLN A 213 -27.96 22.56 -32.40
N ALA A 214 -27.62 22.30 -31.13
CA ALA A 214 -27.81 23.27 -30.04
C ALA A 214 -27.29 24.67 -30.30
N VAL A 215 -26.10 24.74 -30.87
CA VAL A 215 -25.32 25.96 -31.03
C VAL A 215 -25.89 26.69 -32.22
N LYS A 216 -26.55 25.97 -33.11
CA LYS A 216 -26.92 26.53 -34.40
C LYS A 216 -28.16 27.32 -34.14
N GLU A 217 -29.04 26.63 -33.39
CA GLU A 217 -30.33 27.12 -32.99
C GLU A 217 -30.09 28.36 -32.18
N ALA A 218 -29.24 28.26 -31.18
CA ALA A 218 -29.01 29.35 -30.28
C ALA A 218 -28.50 30.65 -30.83
N GLU A 219 -27.78 30.63 -31.94
CA GLU A 219 -27.28 31.89 -32.50
C GLU A 219 -28.18 32.27 -33.67
N ASN A 220 -28.79 31.28 -34.30
CA ASN A 220 -29.82 31.58 -35.28
C ASN A 220 -30.99 32.36 -34.70
N LYS A 221 -31.32 32.09 -33.45
CA LYS A 221 -32.26 32.92 -32.73
C LYS A 221 -31.73 34.33 -32.67
N GLN A 222 -30.54 34.53 -32.13
CA GLN A 222 -29.96 35.86 -32.04
C GLN A 222 -29.65 36.50 -33.36
N ARG A 223 -29.57 35.72 -34.41
CA ARG A 223 -29.29 36.34 -35.68
C ARG A 223 -30.58 36.87 -36.30
N LEU A 224 -31.71 36.18 -36.14
CA LEU A 224 -32.98 36.70 -36.65
C LEU A 224 -33.30 37.95 -35.89
N GLU A 225 -33.14 37.92 -34.57
CA GLU A 225 -33.34 39.12 -33.74
C GLU A 225 -32.62 40.31 -34.36
N ASP A 226 -31.43 40.10 -34.88
CA ASP A 226 -30.69 41.18 -35.52
C ASP A 226 -31.16 41.47 -36.94
N TYR A 227 -31.35 40.47 -37.79
CA TYR A 227 -31.75 40.72 -39.19
C TYR A 227 -33.12 41.38 -39.24
N GLN A 228 -34.05 40.87 -38.45
CA GLN A 228 -35.34 41.49 -38.30
C GLN A 228 -35.19 42.96 -37.92
N ARG A 229 -34.23 43.31 -37.07
CA ARG A 229 -34.04 44.71 -36.71
C ARG A 229 -33.44 45.52 -37.83
N ARG A 230 -32.51 44.95 -38.60
CA ARG A 230 -32.01 45.67 -39.77
C ARG A 230 -32.73 45.27 -41.04
N LEU A 231 -34.06 45.40 -41.01
CA LEU A 231 -34.93 45.07 -42.14
C LEU A 231 -35.50 46.34 -42.72
N ASP A 232 -36.06 46.22 -43.93
CA ASP A 232 -36.84 47.31 -44.56
C ASP A 232 -37.97 46.81 -45.45
N THR A 233 -39.17 47.29 -45.15
CA THR A 233 -40.39 47.00 -45.92
C THR A 233 -41.11 48.28 -46.39
N SER A 234 -40.48 49.44 -46.27
CA SER A 234 -41.11 50.71 -46.67
C SER A 234 -41.58 50.65 -48.13
N SER A 235 -40.70 50.19 -49.01
CA SER A 235 -41.05 49.94 -50.40
C SER A 235 -41.88 48.67 -50.50
N LEU A 236 -43.09 48.66 -49.95
CA LEU A 236 -43.96 47.50 -50.06
C LEU A 236 -45.37 47.92 -50.38
N LYS A 237 -45.85 47.44 -51.54
CA LYS A 237 -46.92 48.08 -52.32
C LYS A 237 -48.31 47.88 -51.75
N LEU A 238 -48.62 48.74 -50.79
CA LEU A 238 -49.94 48.91 -50.22
C LEU A 238 -51.02 48.47 -51.22
N SER A 239 -50.89 48.95 -52.46
CA SER A 239 -51.86 48.70 -53.51
C SER A 239 -51.30 47.87 -54.67
N GLU A 240 -51.31 46.56 -54.51
CA GLU A 240 -51.24 45.67 -55.66
C GLU A 240 -51.79 44.27 -55.35
N TYR A 241 -51.18 43.56 -54.41
CA TYR A 241 -51.73 42.24 -54.01
C TYR A 241 -51.96 42.13 -52.49
N PRO A 242 -53.25 42.18 -52.05
CA PRO A 242 -53.69 42.01 -50.66
C PRO A 242 -53.06 40.85 -49.90
N ASN A 243 -52.29 40.02 -50.59
CA ASN A 243 -51.27 39.18 -49.96
C ASN A 243 -50.51 39.93 -48.87
N VAL A 244 -50.36 41.24 -49.06
CA VAL A 244 -49.19 42.01 -48.59
C VAL A 244 -49.22 42.64 -47.17
N GLU A 245 -50.20 42.33 -46.31
CA GLU A 245 -50.11 42.72 -44.88
C GLU A 245 -49.22 41.74 -44.15
N GLU A 246 -49.49 40.46 -44.39
CA GLU A 246 -48.61 39.40 -43.97
C GLU A 246 -47.14 39.77 -44.26
N LEU A 247 -46.93 40.60 -45.29
CA LEU A 247 -45.60 40.95 -45.82
C LEU A 247 -44.96 42.19 -45.21
N ARG A 248 -45.71 43.27 -45.04
CA ARG A 248 -45.18 44.43 -44.34
C ARG A 248 -44.91 43.99 -42.93
N ASN A 249 -45.91 43.32 -42.33
CA ASN A 249 -45.85 42.90 -40.93
C ASN A 249 -44.98 41.67 -40.67
N LEU A 250 -44.39 41.05 -41.70
CA LEU A 250 -43.47 39.89 -41.52
C LEU A 250 -42.44 40.13 -40.44
N ASP A 251 -42.27 39.12 -39.62
CA ASP A 251 -41.47 39.27 -38.44
C ASP A 251 -40.70 38.00 -38.46
N LEU A 252 -39.47 38.11 -38.95
CA LEU A 252 -38.55 37.01 -39.11
C LEU A 252 -38.43 36.27 -37.82
N THR A 253 -38.49 37.08 -36.77
CA THR A 253 -38.17 36.70 -35.42
C THR A 253 -39.12 35.70 -34.75
N LYS A 254 -40.19 35.31 -35.43
CA LYS A 254 -41.16 34.38 -34.88
C LYS A 254 -40.93 32.97 -35.42
N ARG A 255 -39.92 32.86 -36.29
CA ARG A 255 -39.55 31.62 -36.98
C ARG A 255 -38.21 31.04 -36.55
N LYS A 256 -38.04 29.76 -36.81
CA LYS A 256 -36.76 29.12 -36.67
C LYS A 256 -36.14 29.26 -38.04
N MET A 257 -34.88 29.70 -38.07
CA MET A 257 -34.12 29.80 -39.31
C MET A 257 -33.30 28.55 -39.54
N ILE A 258 -33.62 27.82 -40.59
CA ILE A 258 -32.98 26.52 -40.86
C ILE A 258 -31.61 26.69 -41.53
N HIS A 259 -31.50 27.67 -42.41
CA HIS A 259 -30.32 27.82 -43.21
C HIS A 259 -30.35 29.12 -43.93
N GLU A 260 -29.19 29.64 -44.27
CA GLU A 260 -29.15 30.97 -44.84
C GLU A 260 -27.97 31.14 -45.73
N GLY A 261 -27.83 32.36 -46.26
CA GLY A 261 -26.66 32.75 -47.01
C GLY A 261 -26.92 33.47 -48.31
N PRO A 262 -25.84 33.83 -49.03
CA PRO A 262 -26.00 34.71 -50.15
C PRO A 262 -26.28 33.91 -51.39
N LEU A 263 -27.30 34.33 -52.14
CA LEU A 263 -27.63 33.74 -53.45
C LEU A 263 -27.75 34.78 -54.56
N VAL A 264 -27.67 34.29 -55.80
CA VAL A 264 -27.80 35.10 -57.00
C VAL A 264 -29.06 34.62 -57.72
N TRP A 265 -30.05 35.51 -57.77
CA TRP A 265 -31.31 35.26 -58.46
C TRP A 265 -31.16 35.60 -59.93
N LYS A 266 -31.07 34.58 -60.78
CA LYS A 266 -31.29 34.77 -62.20
C LYS A 266 -32.80 34.67 -62.34
N VAL A 267 -33.50 35.81 -62.44
CA VAL A 267 -34.94 35.79 -62.78
C VAL A 267 -35.16 36.19 -64.23
N ASN A 268 -34.06 36.57 -64.90
CA ASN A 268 -34.06 36.95 -66.32
C ASN A 268 -32.59 37.03 -66.80
N ARG A 269 -32.36 36.88 -68.10
CA ARG A 269 -31.01 36.97 -68.65
C ARG A 269 -30.57 38.45 -68.81
N ASP A 270 -31.54 39.38 -68.72
CA ASP A 270 -31.28 40.83 -68.63
C ASP A 270 -31.76 41.48 -67.32
N LYS A 271 -32.04 40.69 -66.27
CA LYS A 271 -32.43 41.17 -64.90
C LYS A 271 -32.13 40.14 -63.80
N THR A 272 -30.91 40.12 -63.27
CA THR A 272 -30.49 39.06 -62.36
C THR A 272 -29.96 39.64 -61.06
N ILE A 273 -30.60 39.28 -59.95
CA ILE A 273 -30.38 39.93 -58.64
C ILE A 273 -29.39 39.12 -57.83
N ASP A 274 -28.80 39.75 -56.81
CA ASP A 274 -28.10 39.02 -55.73
C ASP A 274 -28.73 39.32 -54.35
N LEU A 275 -29.41 38.30 -53.86
CA LEU A 275 -30.11 38.35 -52.61
C LEU A 275 -29.14 37.99 -51.51
N TYR A 276 -29.65 38.10 -50.28
CA TYR A 276 -29.18 37.31 -49.16
C TYR A 276 -30.41 36.56 -48.68
N THR A 277 -30.32 35.25 -48.62
CA THR A 277 -31.50 34.41 -48.60
C THR A 277 -31.63 33.69 -47.27
N LEU A 278 -32.80 33.77 -46.62
CA LEU A 278 -33.09 32.97 -45.41
C LEU A 278 -34.06 31.87 -45.76
N LEU A 279 -33.69 30.62 -45.61
CA LEU A 279 -34.69 29.58 -45.62
C LEU A 279 -35.06 29.46 -44.15
N LEU A 280 -36.22 29.99 -43.78
CA LEU A 280 -36.76 29.81 -42.43
C LEU A 280 -37.57 28.52 -42.35
N GLU A 281 -38.20 28.31 -41.20
CA GLU A 281 -38.98 27.10 -40.95
C GLU A 281 -40.08 26.84 -41.96
N ASP A 282 -40.82 27.90 -42.34
CA ASP A 282 -42.12 27.75 -43.06
C ASP A 282 -42.26 28.62 -44.31
N ILE A 283 -41.41 29.63 -44.39
CA ILE A 283 -41.29 30.43 -45.57
C ILE A 283 -39.85 30.41 -46.01
N LEU A 284 -39.59 30.93 -47.20
CA LEU A 284 -38.24 31.17 -47.66
C LEU A 284 -38.22 32.66 -47.78
N VAL A 285 -37.15 33.34 -47.43
CA VAL A 285 -37.17 34.80 -47.55
C VAL A 285 -36.04 35.25 -48.43
N LEU A 286 -36.30 36.27 -49.25
CA LEU A 286 -35.37 36.73 -50.25
C LEU A 286 -35.05 38.18 -50.04
N LEU A 287 -34.06 38.46 -49.23
CA LEU A 287 -33.72 39.84 -48.95
C LEU A 287 -32.79 40.39 -49.99
N GLN A 288 -32.55 41.70 -49.94
CA GLN A 288 -31.45 42.35 -50.67
C GLN A 288 -30.55 43.12 -49.72
N LYS A 289 -29.29 42.74 -49.59
CA LYS A 289 -28.37 43.54 -48.74
C LYS A 289 -28.35 44.95 -49.37
N GLN A 290 -28.28 46.01 -48.56
CA GLN A 290 -28.27 47.40 -49.12
C GLN A 290 -27.87 48.45 -48.06
N ASP A 291 -26.58 48.78 -47.99
CA ASP A 291 -25.99 49.41 -46.82
C ASP A 291 -26.08 48.35 -45.70
N ASP A 292 -26.63 48.66 -44.54
CA ASP A 292 -26.93 47.61 -43.54
C ASP A 292 -28.31 47.00 -43.77
N ARG A 293 -29.31 47.85 -43.96
CA ARG A 293 -30.68 47.39 -44.11
C ARG A 293 -30.82 46.34 -45.21
N LEU A 294 -31.43 45.21 -44.86
CA LEU A 294 -31.81 44.14 -45.80
C LEU A 294 -33.21 44.43 -46.32
N VAL A 295 -33.42 44.46 -47.63
CA VAL A 295 -34.69 44.96 -48.12
C VAL A 295 -35.65 43.91 -48.62
N LEU A 296 -36.87 43.98 -48.09
CA LEU A 296 -37.95 43.12 -48.51
C LEU A 296 -38.77 43.86 -49.55
N ARG A 297 -38.70 43.37 -50.77
CA ARG A 297 -39.17 44.08 -51.95
C ARG A 297 -39.62 43.02 -52.96
N CYS A 298 -40.23 43.41 -54.08
CA CYS A 298 -40.72 42.41 -55.05
C CYS A 298 -40.88 42.88 -56.51
N HIS A 299 -39.83 42.73 -57.33
CA HIS A 299 -39.85 43.36 -58.66
C HIS A 299 -40.35 42.44 -59.79
N SER A 300 -40.73 43.08 -60.91
CA SER A 300 -41.04 42.40 -62.16
C SER A 300 -39.72 41.95 -62.81
N THR A 312 -45.80 40.33 -60.69
CA THR A 312 -45.03 40.44 -59.45
C THR A 312 -44.61 39.06 -58.96
N PHE A 313 -43.41 38.95 -58.38
CA PHE A 313 -42.94 37.75 -57.69
C PHE A 313 -42.65 38.21 -56.27
N SER A 314 -43.26 37.62 -55.25
CA SER A 314 -43.08 38.14 -53.87
C SER A 314 -41.75 37.63 -53.33
N PRO A 315 -41.17 38.31 -52.29
CA PRO A 315 -39.88 37.91 -51.71
C PRO A 315 -40.06 36.90 -50.63
N VAL A 316 -41.25 36.38 -50.48
CA VAL A 316 -41.50 35.38 -49.47
C VAL A 316 -42.18 34.21 -50.18
N ILE A 317 -41.86 32.99 -49.79
CA ILE A 317 -42.30 31.81 -50.51
C ILE A 317 -42.74 30.75 -49.53
N LYS A 318 -44.01 30.44 -49.58
CA LYS A 318 -44.57 29.48 -48.67
C LYS A 318 -44.00 28.10 -49.00
N LEU A 319 -43.38 27.48 -48.00
CA LEU A 319 -42.80 26.15 -48.19
C LEU A 319 -43.82 25.04 -48.39
N SER A 320 -45.10 25.33 -48.16
CA SER A 320 -46.17 24.39 -48.52
C SER A 320 -46.37 24.28 -50.03
N THR A 321 -45.95 25.29 -50.78
CA THR A 321 -46.09 25.28 -52.25
C THR A 321 -44.81 24.90 -52.98
N VAL A 322 -43.71 24.73 -52.25
CA VAL A 322 -42.44 24.62 -52.91
C VAL A 322 -42.20 23.23 -53.51
N LEU A 323 -41.60 23.25 -54.69
CA LEU A 323 -40.94 22.08 -55.29
C LEU A 323 -39.61 22.55 -55.86
N VAL A 324 -38.54 21.77 -55.62
CA VAL A 324 -37.21 22.12 -56.14
C VAL A 324 -36.96 21.27 -57.36
N ARG A 325 -36.19 21.80 -58.32
CA ARG A 325 -35.65 20.98 -59.41
C ARG A 325 -34.25 21.45 -59.78
N GLN A 326 -33.46 20.51 -60.32
CA GLN A 326 -32.09 20.80 -60.74
C GLN A 326 -32.09 21.41 -62.15
N VAL A 327 -31.23 22.41 -62.34
CA VAL A 327 -31.02 23.06 -63.61
C VAL A 327 -29.89 22.33 -64.31
N ALA A 328 -30.20 21.55 -65.35
CA ALA A 328 -29.24 20.58 -65.91
C ALA A 328 -28.09 21.15 -66.79
N THR A 329 -27.92 22.49 -66.77
CA THR A 329 -26.77 23.17 -67.41
C THR A 329 -25.83 23.80 -66.37
N ASP A 330 -26.31 24.82 -65.67
CA ASP A 330 -25.59 25.44 -64.55
C ASP A 330 -25.65 24.43 -63.39
N ASN A 331 -24.50 24.04 -62.85
CA ASN A 331 -24.44 23.06 -61.75
C ASN A 331 -24.64 23.66 -60.39
N LYS A 332 -24.77 24.99 -60.35
CA LYS A 332 -25.01 25.74 -59.12
C LYS A 332 -26.43 26.29 -59.02
N ALA A 333 -27.31 26.00 -59.99
CA ALA A 333 -28.64 26.64 -60.05
C ALA A 333 -29.80 25.69 -59.70
N LEU A 334 -30.79 26.22 -58.97
CA LEU A 334 -31.86 25.43 -58.35
C LEU A 334 -33.23 25.93 -58.76
N PHE A 335 -33.97 25.13 -59.50
CA PHE A 335 -35.30 25.58 -59.88
C PHE A 335 -36.29 25.50 -58.72
N VAL A 336 -36.43 26.59 -57.98
CA VAL A 336 -37.48 26.67 -56.96
C VAL A 336 -38.79 27.10 -57.60
N ILE A 337 -39.64 26.11 -57.81
CA ILE A 337 -40.97 26.34 -58.20
C ILE A 337 -41.69 26.79 -56.93
N SER A 338 -42.75 27.58 -57.07
CA SER A 338 -43.70 27.84 -56.00
C SER A 338 -45.07 27.63 -56.58
N MET A 339 -45.70 26.52 -56.24
CA MET A 339 -46.99 26.12 -56.84
C MET A 339 -48.22 26.75 -56.20
N SER A 340 -48.98 27.52 -56.98
CA SER A 340 -50.14 28.28 -56.49
C SER A 340 -51.40 27.95 -57.25
N ASP A 341 -52.52 28.52 -56.80
CA ASP A 341 -53.79 28.51 -57.56
C ASP A 341 -53.82 29.58 -58.68
N ASN A 342 -52.91 30.56 -58.56
CA ASN A 342 -52.75 31.65 -59.53
C ASN A 342 -51.95 31.16 -60.74
N GLY A 343 -50.71 30.72 -60.48
CA GLY A 343 -49.87 30.14 -61.53
C GLY A 343 -48.92 29.13 -60.92
N ALA A 344 -47.63 29.29 -61.22
CA ALA A 344 -46.56 28.59 -60.52
C ALA A 344 -45.29 29.36 -60.79
N GLN A 345 -44.76 30.02 -59.79
CA GLN A 345 -43.79 31.07 -60.01
C GLN A 345 -42.40 30.54 -59.73
N ILE A 346 -41.53 30.62 -60.73
CA ILE A 346 -40.24 29.99 -60.60
C ILE A 346 -39.18 30.99 -60.18
N TYR A 347 -38.33 30.54 -59.28
CA TYR A 347 -37.26 31.34 -58.76
C TYR A 347 -35.96 30.62 -59.04
N GLU A 348 -35.42 30.73 -60.26
CA GLU A 348 -34.16 30.06 -60.63
C GLU A 348 -32.99 30.71 -59.90
N LEU A 349 -32.30 29.96 -59.05
CA LEU A 349 -31.31 30.56 -58.16
C LEU A 349 -29.94 29.86 -58.25
N VAL A 350 -28.91 30.66 -58.54
CA VAL A 350 -27.53 30.19 -58.66
C VAL A 350 -26.74 30.48 -57.36
N ALA A 351 -25.86 29.55 -56.95
CA ALA A 351 -24.97 29.70 -55.77
C ALA A 351 -23.51 29.96 -56.19
N GLN A 352 -22.66 30.28 -55.20
CA GLN A 352 -21.23 30.54 -55.47
C GLN A 352 -20.42 29.27 -55.73
N THR A 353 -20.76 28.18 -55.05
CA THR A 353 -20.10 26.88 -55.24
C THR A 353 -21.13 25.74 -55.29
N VAL A 354 -20.91 24.74 -56.13
CA VAL A 354 -21.83 23.60 -56.19
C VAL A 354 -22.21 23.21 -54.78
N SER A 355 -21.18 22.94 -53.98
CA SER A 355 -21.32 22.55 -52.59
C SER A 355 -22.45 23.26 -51.85
N GLU A 356 -22.76 24.51 -52.21
CA GLU A 356 -23.88 25.26 -51.61
C GLU A 356 -25.20 24.83 -52.21
N LYS A 357 -25.34 25.01 -53.51
CA LYS A 357 -26.51 24.54 -54.22
C LYS A 357 -26.91 23.16 -53.72
N THR A 358 -25.96 22.27 -53.45
CA THR A 358 -26.38 20.92 -53.09
C THR A 358 -27.15 20.95 -51.76
N VAL A 359 -26.71 21.79 -50.83
CA VAL A 359 -27.44 21.97 -49.56
C VAL A 359 -28.74 22.83 -49.64
N TRP A 360 -28.74 23.93 -50.40
CA TRP A 360 -29.98 24.65 -50.69
C TRP A 360 -30.98 23.65 -51.18
N GLN A 361 -30.60 22.94 -52.23
CA GLN A 361 -31.44 21.87 -52.70
C GLN A 361 -31.96 21.06 -51.57
N ASP A 362 -31.11 20.58 -50.68
CA ASP A 362 -31.59 19.54 -49.80
C ASP A 362 -32.38 20.05 -48.64
N LEU A 363 -31.99 21.20 -48.10
CA LEU A 363 -32.72 21.78 -46.96
C LEU A 363 -34.10 22.25 -47.37
N ILE A 364 -34.15 22.93 -48.52
CA ILE A 364 -35.42 23.27 -49.14
C ILE A 364 -36.28 22.03 -49.41
N CYS A 365 -35.74 21.09 -50.14
CA CYS A 365 -36.46 19.90 -50.45
C CYS A 365 -37.03 19.27 -49.20
N ARG A 366 -36.27 19.25 -48.11
CA ARG A 366 -36.72 18.56 -46.88
C ARG A 366 -37.74 19.34 -46.08
N MET A 367 -37.59 20.66 -46.03
CA MET A 367 -38.59 21.52 -45.39
C MET A 367 -39.92 21.36 -46.11
N ALA A 368 -39.88 21.55 -47.42
CA ALA A 368 -41.04 21.37 -48.25
C ALA A 368 -41.84 20.18 -47.79
N ALA A 369 -41.22 19.01 -47.70
CA ALA A 369 -41.98 17.79 -47.37
C ALA A 369 -42.32 17.67 -45.89
N SER A 370 -41.50 18.26 -45.02
CA SER A 370 -41.79 18.31 -43.58
C SER A 370 -43.04 19.15 -43.31
N VAL A 371 -43.08 20.31 -43.96
CA VAL A 371 -44.20 21.22 -43.85
C VAL A 371 -45.47 20.57 -44.44
N LYS A 372 -45.42 20.14 -45.70
CA LYS A 372 -46.59 19.49 -46.33
C LYS A 372 -47.11 18.26 -45.58
N GLU A 373 -46.22 17.57 -44.86
CA GLU A 373 -46.61 16.42 -44.02
C GLU A 373 -47.03 16.83 -42.59
N GLN A 374 -47.26 18.13 -42.37
CA GLN A 374 -48.03 18.60 -41.21
C GLN A 374 -49.39 19.08 -41.76
N SER A 375 -50.27 18.12 -42.07
CA SER A 375 -51.58 18.43 -42.67
C SER A 375 -52.57 18.87 -41.59
N ALA B 5 5.53 44.83 -23.12
CA ALA B 5 4.69 43.59 -23.22
C ALA B 5 5.11 42.66 -24.37
N ALA B 6 4.53 41.46 -24.43
CA ALA B 6 4.86 40.51 -25.53
C ALA B 6 3.76 40.50 -26.57
N ILE B 7 4.05 39.83 -27.68
CA ILE B 7 3.16 39.85 -28.80
C ILE B 7 2.45 38.51 -28.92
N ARG B 8 1.17 38.45 -28.51
CA ARG B 8 0.39 37.21 -28.72
C ARG B 8 -0.21 37.15 -30.12
N LYS B 9 -0.11 36.00 -30.77
CA LYS B 9 -0.91 35.74 -31.95
C LYS B 9 -1.60 34.38 -31.89
N LYS B 10 -2.72 34.31 -32.56
CA LYS B 10 -3.48 33.11 -32.53
C LYS B 10 -3.33 32.57 -33.89
N LEU B 11 -2.85 31.34 -33.97
CA LEU B 11 -2.78 30.63 -35.26
C LEU B 11 -3.77 29.50 -35.12
N VAL B 12 -4.68 29.39 -36.08
CA VAL B 12 -5.53 28.19 -36.26
C VAL B 12 -5.07 27.36 -37.45
N ILE B 13 -5.19 26.06 -37.35
CA ILE B 13 -4.83 25.21 -38.44
C ILE B 13 -6.05 24.44 -38.90
N VAL B 14 -6.71 24.94 -39.93
CA VAL B 14 -7.78 24.15 -40.57
C VAL B 14 -7.35 23.21 -41.67
N GLY B 15 -8.30 22.47 -42.18
CA GLY B 15 -8.06 21.71 -43.40
C GLY B 15 -8.76 20.41 -43.17
N ASP B 16 -9.24 19.79 -44.24
CA ASP B 16 -9.63 18.38 -44.17
C ASP B 16 -9.11 17.62 -42.97
N GLY B 17 -9.70 16.49 -42.71
CA GLY B 17 -9.49 15.87 -41.43
C GLY B 17 -8.26 15.03 -41.45
N ALA B 18 -8.28 14.20 -42.48
CA ALA B 18 -7.42 13.07 -42.66
C ALA B 18 -5.95 13.40 -42.94
N CYS B 19 -5.60 14.66 -43.00
CA CYS B 19 -4.28 15.02 -43.44
C CYS B 19 -3.30 15.57 -42.39
N GLY B 20 -3.49 15.17 -41.15
CA GLY B 20 -2.43 15.34 -40.14
C GLY B 20 -2.19 16.68 -39.48
N LYS B 21 -3.24 17.30 -38.95
CA LYS B 21 -3.11 18.68 -38.45
C LYS B 21 -2.58 18.68 -37.03
N THR B 22 -3.03 17.68 -36.28
CA THR B 22 -2.82 17.65 -34.86
C THR B 22 -1.35 17.53 -34.70
N CYS B 23 -0.84 16.47 -35.29
CA CYS B 23 0.53 16.04 -35.19
C CYS B 23 1.51 17.12 -35.56
N LEU B 24 1.26 17.67 -36.72
CA LEU B 24 2.03 18.76 -37.23
C LEU B 24 2.14 19.97 -36.21
N LEU B 25 1.11 20.16 -35.40
CA LEU B 25 1.18 21.05 -34.26
C LEU B 25 1.97 20.49 -33.09
N ILE B 26 1.86 19.18 -32.84
CA ILE B 26 2.68 18.45 -31.86
C ILE B 26 4.16 18.58 -32.21
N VAL B 27 4.47 18.15 -33.44
CA VAL B 27 5.82 18.14 -33.95
C VAL B 27 6.30 19.55 -33.90
N PHE B 28 5.50 20.56 -34.23
CA PHE B 28 6.08 21.89 -34.19
C PHE B 28 6.40 22.32 -32.77
N SER B 29 5.54 21.89 -31.85
CA SER B 29 5.59 22.46 -30.53
C SER B 29 6.65 21.73 -29.71
N LYS B 30 6.56 20.41 -29.59
CA LYS B 30 7.63 19.71 -28.88
C LYS B 30 8.97 19.86 -29.61
N ASP B 31 8.92 20.15 -30.91
CA ASP B 31 10.07 20.23 -31.77
C ASP B 31 10.74 18.92 -31.69
N GLN B 32 10.06 17.92 -32.22
CA GLN B 32 10.59 16.58 -32.35
C GLN B 32 9.49 15.64 -32.67
N PHE B 33 9.56 14.97 -33.78
CA PHE B 33 8.55 13.99 -34.06
C PHE B 33 8.56 12.95 -32.96
N PRO B 34 7.38 12.61 -32.41
CA PRO B 34 7.31 11.58 -31.38
C PRO B 34 7.36 10.16 -32.01
N GLU B 35 8.31 9.33 -31.61
CA GLU B 35 8.47 8.04 -32.33
C GLU B 35 7.62 6.94 -31.70
N VAL B 36 7.72 6.93 -30.36
CA VAL B 36 6.89 6.20 -29.39
C VAL B 36 5.33 6.17 -29.55
N TYR B 37 4.67 7.33 -29.39
CA TYR B 37 3.23 7.47 -29.49
C TYR B 37 3.00 8.86 -30.01
N VAL B 38 2.24 8.93 -31.08
CA VAL B 38 1.58 10.14 -31.54
C VAL B 38 0.24 10.37 -30.82
N PRO B 39 0.17 11.40 -30.02
CA PRO B 39 -1.09 11.65 -29.39
C PRO B 39 -2.24 11.79 -30.40
N THR B 40 -3.47 11.59 -29.93
CA THR B 40 -4.68 11.87 -30.70
C THR B 40 -5.17 13.29 -30.41
N VAL B 41 -4.61 13.91 -29.40
CA VAL B 41 -5.10 15.16 -28.88
C VAL B 41 -4.05 16.24 -28.84
N PHE B 42 -4.43 17.51 -29.04
CA PHE B 42 -3.47 18.60 -28.81
C PHE B 42 -4.10 19.85 -28.26
N GLU B 43 -3.67 20.35 -27.12
CA GLU B 43 -4.48 21.34 -26.43
C GLU B 43 -4.11 22.76 -26.81
N ASN B 44 -5.08 23.67 -26.96
CA ASN B 44 -4.73 25.12 -26.98
C ASN B 44 -3.49 25.32 -26.10
N TYR B 45 -2.42 25.75 -26.74
CA TYR B 45 -1.08 25.73 -26.18
C TYR B 45 -0.37 26.93 -26.72
N VAL B 46 0.37 27.64 -25.89
CA VAL B 46 1.06 28.84 -26.34
C VAL B 46 2.53 28.60 -26.56
N ALA B 47 2.93 28.62 -27.83
CA ALA B 47 4.32 28.34 -28.27
C ALA B 47 5.16 29.59 -28.29
N ASP B 48 6.21 29.56 -27.54
CA ASP B 48 7.21 30.58 -27.72
C ASP B 48 7.95 30.48 -29.09
N ILE B 49 8.08 31.61 -29.80
CA ILE B 49 8.76 31.69 -31.11
C ILE B 49 9.26 33.09 -31.42
N GLU B 50 10.45 33.15 -32.01
CA GLU B 50 10.97 34.40 -32.58
C GLU B 50 11.12 34.29 -34.09
N VAL B 51 10.78 35.36 -34.79
CA VAL B 51 11.08 35.48 -36.20
C VAL B 51 11.46 36.92 -36.39
N ASP B 52 12.33 37.13 -37.38
CA ASP B 52 12.77 38.45 -37.82
C ASP B 52 13.16 39.31 -36.60
N GLY B 53 13.72 38.63 -35.61
CA GLY B 53 14.16 39.30 -34.39
C GLY B 53 13.05 39.77 -33.47
N LYS B 54 11.80 39.61 -33.89
CA LYS B 54 10.66 39.89 -33.01
C LYS B 54 10.39 38.63 -32.21
N GLN B 55 9.98 38.83 -30.96
CA GLN B 55 9.66 37.73 -30.07
C GLN B 55 8.16 37.54 -30.04
N VAL B 56 7.71 36.38 -30.49
CA VAL B 56 6.28 36.16 -30.61
C VAL B 56 5.77 35.03 -29.71
N GLU B 57 4.48 35.06 -29.40
CA GLU B 57 3.85 34.13 -28.51
C GLU B 57 2.68 33.51 -29.27
N LEU B 58 2.99 32.59 -30.17
CA LEU B 58 2.01 32.03 -31.10
C LEU B 58 1.09 31.08 -30.39
N ALA B 59 -0.18 31.43 -30.17
CA ALA B 59 -1.10 30.52 -29.46
C ALA B 59 -1.79 29.52 -30.42
N LEU B 60 -1.57 28.24 -30.21
CA LEU B 60 -1.80 27.31 -31.29
C LEU B 60 -3.09 26.56 -31.07
N TRP B 61 -3.99 26.63 -32.05
CA TRP B 61 -5.29 26.01 -31.94
C TRP B 61 -5.54 24.95 -32.95
N ASP B 62 -5.53 23.70 -32.55
CA ASP B 62 -5.96 22.59 -33.46
C ASP B 62 -7.46 22.71 -33.83
N THR B 63 -7.88 22.14 -34.95
CA THR B 63 -9.29 22.01 -35.27
C THR B 63 -9.53 20.60 -35.66
N ALA B 64 -8.80 19.69 -35.07
CA ALA B 64 -8.96 18.34 -35.51
C ALA B 64 -10.29 17.76 -34.91
N GLY B 65 -11.15 17.33 -35.77
CA GLY B 65 -12.37 16.71 -35.27
C GLY B 65 -13.56 17.63 -35.30
N GLN B 66 -13.33 18.83 -35.83
CA GLN B 66 -14.40 19.78 -36.06
C GLN B 66 -14.82 19.75 -37.54
N GLU B 67 -14.37 18.75 -38.27
CA GLU B 67 -14.57 18.78 -39.70
C GLU B 67 -16.05 18.61 -39.98
N ASP B 68 -16.70 17.82 -39.16
CA ASP B 68 -18.06 17.46 -39.46
C ASP B 68 -19.15 18.20 -38.65
N TYR B 69 -18.73 19.16 -37.83
CA TYR B 69 -19.66 19.91 -37.05
C TYR B 69 -19.56 21.32 -37.46
N ASP B 70 -20.26 21.63 -38.56
CA ASP B 70 -20.14 22.90 -39.33
C ASP B 70 -20.56 24.18 -38.57
N ARG B 71 -21.35 23.99 -37.52
CA ARG B 71 -21.71 25.10 -36.63
C ARG B 71 -20.91 25.13 -35.34
N LEU B 72 -20.24 24.01 -35.01
CA LEU B 72 -19.20 23.94 -33.94
C LEU B 72 -17.93 24.66 -34.39
N ARG B 73 -17.51 24.19 -35.55
CA ARG B 73 -16.21 24.48 -36.07
C ARG B 73 -15.88 25.94 -35.99
N PRO B 74 -16.82 26.79 -36.32
CA PRO B 74 -16.55 28.20 -36.30
C PRO B 74 -16.16 28.81 -34.95
N LEU B 75 -16.41 28.09 -33.86
CA LEU B 75 -16.03 28.61 -32.53
C LEU B 75 -14.48 28.72 -32.43
N SER B 76 -13.80 27.83 -33.16
CA SER B 76 -12.35 27.87 -33.21
C SER B 76 -11.89 29.21 -33.83
N TYR B 77 -12.62 29.79 -34.79
CA TYR B 77 -12.02 30.89 -35.60
C TYR B 77 -11.85 32.30 -34.96
N PRO B 78 -12.68 32.68 -34.00
CA PRO B 78 -12.74 34.12 -33.80
C PRO B 78 -11.52 34.64 -33.16
N ASP B 79 -11.06 35.78 -33.65
CA ASP B 79 -9.83 36.46 -33.21
C ASP B 79 -8.52 35.81 -33.68
N THR B 80 -8.62 34.97 -34.70
CA THR B 80 -7.48 34.33 -35.31
C THR B 80 -6.67 35.36 -36.03
N ASP B 81 -5.35 35.13 -36.11
CA ASP B 81 -4.40 36.09 -36.68
C ASP B 81 -3.57 35.60 -37.85
N VAL B 82 -3.52 34.27 -38.07
CA VAL B 82 -2.94 33.63 -39.30
C VAL B 82 -3.51 32.25 -39.45
N ILE B 83 -3.65 31.72 -40.65
CA ILE B 83 -4.29 30.42 -40.72
C ILE B 83 -3.57 29.44 -41.52
N LEU B 84 -3.28 28.28 -40.98
CA LEU B 84 -2.70 27.25 -41.80
C LEU B 84 -3.76 26.37 -42.43
N MET B 85 -4.02 26.62 -43.69
CA MET B 85 -4.98 25.84 -44.41
C MET B 85 -4.23 24.68 -44.96
N CYS B 86 -4.64 23.45 -44.74
CA CYS B 86 -3.86 22.41 -45.41
C CYS B 86 -4.47 21.15 -45.96
N PHE B 87 -3.61 20.42 -46.65
CA PHE B 87 -4.03 19.38 -47.54
C PHE B 87 -2.91 18.33 -47.77
N SER B 88 -3.36 17.09 -47.89
CA SER B 88 -2.48 15.96 -47.97
C SER B 88 -1.91 15.77 -49.41
N ILE B 89 -0.59 15.76 -49.50
CA ILE B 89 0.07 15.71 -50.79
C ILE B 89 -0.23 14.40 -51.49
N ASP B 90 -0.87 13.49 -50.78
CA ASP B 90 -1.18 12.22 -51.34
C ASP B 90 -2.66 12.13 -51.57
N SER B 91 -3.37 13.24 -51.47
CA SER B 91 -4.85 13.22 -51.54
C SER B 91 -5.29 14.35 -52.37
N PRO B 92 -5.34 14.16 -53.67
CA PRO B 92 -5.66 15.35 -54.43
C PRO B 92 -7.11 15.72 -54.20
N ASP B 93 -7.87 14.85 -53.53
CA ASP B 93 -9.23 15.15 -53.17
C ASP B 93 -9.22 16.25 -52.09
N SER B 94 -8.21 16.21 -51.24
CA SER B 94 -8.02 17.24 -50.22
C SER B 94 -7.62 18.55 -50.83
N LEU B 95 -6.90 18.50 -51.93
CA LEU B 95 -6.42 19.70 -52.52
C LEU B 95 -7.59 20.47 -53.03
N GLU B 96 -8.56 19.79 -53.64
CA GLU B 96 -9.71 20.47 -54.30
C GLU B 96 -10.79 20.89 -53.40
N ASN B 97 -10.82 20.32 -52.19
CA ASN B 97 -11.57 20.91 -51.08
C ASN B 97 -11.06 22.25 -50.66
N ILE B 98 -9.86 22.65 -51.04
CA ILE B 98 -9.32 23.88 -50.50
C ILE B 98 -10.07 25.08 -51.03
N PRO B 99 -10.26 25.16 -52.34
CA PRO B 99 -11.02 26.26 -52.89
C PRO B 99 -12.53 26.07 -52.76
N GLU B 100 -12.96 24.81 -52.76
CA GLU B 100 -14.36 24.44 -52.58
C GLU B 100 -14.93 24.84 -51.24
N LYS B 101 -14.18 24.55 -50.17
CA LYS B 101 -14.68 24.40 -48.78
C LYS B 101 -14.03 25.29 -47.68
N TRP B 102 -12.71 25.41 -47.66
CA TRP B 102 -12.01 26.07 -46.54
C TRP B 102 -11.73 27.56 -46.74
N THR B 103 -11.30 27.88 -47.97
CA THR B 103 -11.01 29.25 -48.31
C THR B 103 -12.27 30.08 -48.15
N PRO B 104 -13.44 29.58 -48.67
CA PRO B 104 -14.76 30.26 -48.54
C PRO B 104 -15.08 30.57 -47.11
N GLU B 105 -14.93 29.54 -46.27
CA GLU B 105 -15.14 29.67 -44.83
C GLU B 105 -14.17 30.67 -44.20
N VAL B 106 -12.89 30.35 -44.28
CA VAL B 106 -11.85 31.17 -43.69
C VAL B 106 -11.95 32.59 -44.14
N LYS B 107 -12.38 32.83 -45.37
CA LYS B 107 -12.41 34.19 -45.82
C LYS B 107 -13.66 34.82 -45.30
N HIS B 108 -14.68 34.01 -45.01
CA HIS B 108 -15.87 34.54 -44.33
C HIS B 108 -15.56 34.86 -42.87
N PHE B 109 -15.34 33.83 -42.08
CA PHE B 109 -15.24 33.96 -40.63
C PHE B 109 -14.02 34.67 -40.10
N CYS B 110 -12.97 34.69 -40.91
CA CYS B 110 -11.66 35.27 -40.60
C CYS B 110 -11.24 36.13 -41.80
N PRO B 111 -11.83 37.31 -41.92
CA PRO B 111 -11.68 38.00 -43.17
C PRO B 111 -10.49 38.92 -43.06
N ASN B 112 -9.55 38.84 -44.02
CA ASN B 112 -8.26 39.56 -43.99
C ASN B 112 -7.30 38.94 -42.98
N VAL B 113 -7.51 37.67 -42.73
CA VAL B 113 -6.56 36.89 -42.03
C VAL B 113 -5.73 36.16 -43.10
N PRO B 114 -4.40 36.37 -43.10
CA PRO B 114 -3.52 35.81 -44.13
C PRO B 114 -3.47 34.29 -44.09
N ILE B 115 -3.64 33.64 -45.23
CA ILE B 115 -3.64 32.16 -45.25
C ILE B 115 -2.21 31.60 -45.55
N ILE B 116 -1.94 30.33 -45.29
CA ILE B 116 -0.69 29.71 -45.64
C ILE B 116 -1.00 28.33 -46.13
N LEU B 117 -1.18 28.13 -47.43
CA LEU B 117 -1.42 26.75 -47.89
C LEU B 117 -0.30 25.82 -47.44
N VAL B 118 -0.59 24.56 -47.20
CA VAL B 118 0.47 23.63 -46.82
C VAL B 118 0.29 22.20 -47.32
N GLY B 119 1.21 21.75 -48.14
CA GLY B 119 1.24 20.37 -48.61
C GLY B 119 1.83 19.60 -47.46
N ASN B 120 0.99 18.95 -46.66
CA ASN B 120 1.51 18.01 -45.67
C ASN B 120 1.76 16.69 -46.34
N LYS B 121 2.42 15.79 -45.61
CA LYS B 121 2.62 14.43 -46.10
C LYS B 121 3.47 14.37 -47.39
N LYS B 122 4.22 15.46 -47.62
CA LYS B 122 5.09 15.61 -48.78
C LYS B 122 5.87 14.31 -49.06
N ASP B 123 6.33 13.66 -47.99
CA ASP B 123 7.20 12.49 -48.09
C ASP B 123 6.54 11.23 -48.65
N LEU B 124 5.29 11.35 -49.12
CA LEU B 124 4.61 10.30 -49.84
C LEU B 124 4.34 10.72 -51.27
N ARG B 125 4.78 11.89 -51.68
CA ARG B 125 4.74 12.21 -53.11
C ARG B 125 5.60 11.23 -53.92
N ASN B 126 6.53 10.54 -53.28
CA ASN B 126 7.18 9.49 -54.01
C ASN B 126 6.96 8.03 -53.55
N ASP B 127 5.99 7.79 -52.67
CA ASP B 127 5.78 6.44 -52.12
C ASP B 127 5.26 5.51 -53.17
N GLU B 128 5.76 4.27 -53.15
CA GLU B 128 5.29 3.18 -54.02
C GLU B 128 3.83 2.85 -53.81
N HIS B 129 3.49 2.62 -52.55
CA HIS B 129 2.12 2.33 -52.20
C HIS B 129 1.22 3.44 -52.69
N THR B 130 1.46 4.63 -52.16
CA THR B 130 0.68 5.80 -52.40
C THR B 130 0.45 6.09 -53.86
N ARG B 131 1.49 6.21 -54.66
CA ARG B 131 1.30 6.29 -56.11
C ARG B 131 0.21 5.34 -56.53
N ARG B 132 0.28 4.10 -56.04
CA ARG B 132 -0.37 2.96 -56.67
C ARG B 132 -1.73 2.65 -56.13
N GLU B 133 -2.07 3.16 -54.96
CA GLU B 133 -3.49 3.21 -54.53
C GLU B 133 -4.24 4.36 -55.26
N LEU B 134 -3.66 5.55 -55.30
CA LEU B 134 -4.26 6.65 -56.05
C LEU B 134 -4.43 6.25 -57.51
N ALA B 135 -3.48 5.51 -58.03
CA ALA B 135 -3.50 5.13 -59.43
C ALA B 135 -4.63 4.16 -59.78
N LYS B 136 -5.22 3.55 -58.76
CA LYS B 136 -6.46 2.82 -58.91
C LYS B 136 -7.57 3.81 -59.24
N MET B 137 -7.47 5.04 -58.78
CA MET B 137 -8.54 6.00 -58.97
C MET B 137 -8.25 7.02 -60.05
N LYS B 138 -7.27 6.73 -60.90
CA LYS B 138 -6.83 7.68 -61.93
C LYS B 138 -6.03 8.88 -61.38
N GLN B 139 -6.08 9.10 -60.07
CA GLN B 139 -5.44 10.22 -59.44
C GLN B 139 -3.94 10.00 -59.27
N GLU B 140 -3.24 11.07 -58.88
CA GLU B 140 -1.81 10.98 -58.53
C GLU B 140 -1.44 12.14 -57.58
N PRO B 141 -0.31 12.00 -56.84
CA PRO B 141 0.00 12.96 -55.79
C PRO B 141 0.16 14.36 -56.30
N VAL B 142 0.08 15.31 -55.39
CA VAL B 142 0.05 16.72 -55.76
C VAL B 142 1.41 17.22 -56.21
N LYS B 143 1.46 17.79 -57.39
CA LYS B 143 2.74 18.27 -57.89
C LYS B 143 3.02 19.64 -57.25
N PRO B 144 4.25 19.94 -56.82
CA PRO B 144 4.56 21.23 -56.22
C PRO B 144 4.16 22.51 -56.97
N GLU B 145 3.94 22.43 -58.27
CA GLU B 145 3.32 23.53 -59.00
C GLU B 145 1.85 23.64 -58.64
N GLU B 146 1.07 22.61 -58.95
CA GLU B 146 -0.29 22.50 -58.46
C GLU B 146 -0.47 23.17 -57.09
N GLY B 147 0.40 22.81 -56.17
CA GLY B 147 0.34 23.36 -54.84
C GLY B 147 0.49 24.88 -54.81
N ARG B 148 1.43 25.40 -55.57
CA ARG B 148 1.66 26.86 -55.57
C ARG B 148 0.48 27.52 -56.26
N ASP B 149 0.03 26.92 -57.36
CA ASP B 149 -1.03 27.49 -58.20
C ASP B 149 -2.28 27.60 -57.42
N MET B 150 -2.45 26.68 -56.47
CA MET B 150 -3.55 26.75 -55.52
C MET B 150 -3.39 27.91 -54.57
N ALA B 151 -2.20 28.10 -54.05
CA ALA B 151 -2.02 29.11 -53.05
C ALA B 151 -2.09 30.48 -53.65
N ASN B 152 -1.77 30.64 -54.92
CA ASN B 152 -1.85 31.96 -55.53
C ASN B 152 -3.26 32.18 -55.90
N ARG B 153 -3.93 31.12 -56.31
CA ARG B 153 -5.34 31.18 -56.67
C ARG B 153 -6.20 31.53 -55.49
N ILE B 154 -6.00 30.83 -54.36
CA ILE B 154 -6.85 31.02 -53.17
C ILE B 154 -6.48 32.30 -52.43
N GLY B 155 -5.55 33.03 -53.00
CA GLY B 155 -5.17 34.28 -52.42
C GLY B 155 -4.37 34.08 -51.16
N ALA B 156 -3.60 32.98 -51.08
CA ALA B 156 -2.78 32.73 -49.87
C ALA B 156 -1.61 33.70 -49.72
N PHE B 157 -0.96 33.64 -48.57
CA PHE B 157 0.24 34.42 -48.26
C PHE B 157 1.51 33.68 -48.63
N GLY B 158 1.39 32.43 -49.07
CA GLY B 158 2.55 31.61 -49.34
C GLY B 158 2.18 30.15 -49.28
N TYR B 159 3.07 29.33 -49.82
CA TYR B 159 2.89 27.89 -49.87
C TYR B 159 4.01 27.22 -49.07
N MET B 160 3.85 25.93 -48.79
CA MET B 160 4.80 25.24 -47.94
C MET B 160 4.49 23.77 -47.85
N GLU B 161 5.49 22.93 -48.07
CA GLU B 161 5.23 21.51 -47.96
C GLU B 161 6.05 21.05 -46.80
N CYS B 162 5.75 19.86 -46.29
CA CYS B 162 6.46 19.34 -45.13
C CYS B 162 6.15 17.88 -44.86
N SER B 163 7.13 17.24 -44.26
CA SER B 163 7.06 15.82 -44.14
C SER B 163 6.10 15.46 -43.02
N ALA B 164 5.27 14.49 -43.37
CA ALA B 164 4.41 13.83 -42.39
C ALA B 164 5.15 12.98 -41.43
N LYS B 165 5.93 12.04 -41.95
CA LYS B 165 6.51 10.99 -41.11
C LYS B 165 7.69 11.46 -40.24
N THR B 166 8.00 12.76 -40.28
CA THR B 166 9.01 13.38 -39.41
C THR B 166 8.82 14.91 -39.16
N LYS B 167 9.95 15.54 -38.82
CA LYS B 167 10.06 16.92 -38.49
C LYS B 167 10.26 17.82 -39.69
N ASP B 168 10.19 17.31 -40.90
CA ASP B 168 10.79 18.07 -42.03
C ASP B 168 10.10 19.31 -42.56
N GLY B 169 10.85 20.40 -42.58
CA GLY B 169 10.33 21.68 -43.00
C GLY B 169 9.03 22.04 -42.31
N VAL B 170 8.86 21.58 -41.06
CA VAL B 170 7.73 21.92 -40.19
C VAL B 170 8.02 23.22 -39.45
N ARG B 171 9.23 23.44 -38.99
CA ARG B 171 9.57 24.78 -38.50
C ARG B 171 9.29 25.86 -39.52
N GLU B 172 9.63 25.57 -40.76
CA GLU B 172 9.61 26.62 -41.76
C GLU B 172 8.15 27.07 -41.99
N VAL B 173 7.19 26.17 -41.87
CA VAL B 173 5.79 26.56 -41.90
C VAL B 173 5.56 27.60 -40.80
N PHE B 174 5.88 27.28 -39.57
CA PHE B 174 5.44 28.14 -38.49
C PHE B 174 6.17 29.48 -38.46
N GLU B 175 7.41 29.52 -38.96
CA GLU B 175 8.18 30.79 -39.14
C GLU B 175 7.47 31.75 -40.08
N MET B 176 6.89 31.17 -41.11
CA MET B 176 6.20 31.89 -42.14
C MET B 176 4.84 32.35 -41.69
N ALA B 177 4.13 31.53 -40.91
CA ALA B 177 2.80 31.93 -40.44
C ALA B 177 3.08 33.02 -39.47
N THR B 178 4.11 32.85 -38.64
CA THR B 178 4.45 33.88 -37.70
C THR B 178 4.85 35.22 -38.39
N ARG B 179 5.50 35.14 -39.54
CA ARG B 179 5.83 36.32 -40.31
C ARG B 179 4.56 37.00 -40.80
N ALA B 180 3.63 36.21 -41.32
CA ALA B 180 2.35 36.71 -41.83
C ALA B 180 1.66 37.42 -40.71
N ALA B 181 1.33 36.63 -39.69
CA ALA B 181 0.62 37.11 -38.53
C ALA B 181 1.13 38.45 -38.05
N LEU B 182 2.40 38.76 -38.31
CA LEU B 182 3.02 39.98 -37.84
C LEU B 182 2.81 41.19 -38.73
N GLN B 183 1.83 41.19 -39.63
CA GLN B 183 1.80 42.24 -40.66
C GLN B 183 0.61 43.26 -40.65
N ALA B 184 -0.63 42.76 -40.56
CA ALA B 184 -1.86 43.62 -40.45
C ALA B 184 -2.46 44.07 -41.81
N PRO C 3 13.57 -15.41 10.64
CA PRO C 3 13.76 -14.85 11.98
C PRO C 3 14.51 -13.49 12.07
N PRO C 4 14.17 -12.49 11.21
CA PRO C 4 15.01 -11.26 11.13
C PRO C 4 14.51 -10.15 12.03
N ASN C 5 15.39 -9.21 12.33
CA ASN C 5 15.16 -8.32 13.46
C ASN C 5 14.67 -6.94 13.05
N TRP C 6 13.96 -6.31 13.97
CA TRP C 6 13.12 -5.14 13.68
C TRP C 6 13.84 -4.01 12.98
N GLN C 7 15.14 -3.88 13.19
CA GLN C 7 15.89 -2.83 12.50
C GLN C 7 15.96 -3.03 10.99
N GLN C 8 15.68 -4.23 10.51
CA GLN C 8 15.77 -4.56 9.08
C GLN C 8 14.55 -4.11 8.26
N LEU C 9 13.39 -4.01 8.88
CA LEU C 9 12.18 -3.66 8.14
C LEU C 9 11.79 -2.22 8.41
N VAL C 10 12.76 -1.46 8.88
CA VAL C 10 12.59 -0.03 9.06
C VAL C 10 13.53 0.65 8.09
N SER C 11 13.08 1.72 7.48
CA SER C 11 13.94 2.53 6.64
C SER C 11 14.92 3.26 7.55
N ARG C 12 16.17 3.44 7.10
CA ARG C 12 17.19 4.21 7.83
C ARG C 12 16.64 5.58 8.24
N GLU C 13 15.86 6.16 7.33
CA GLU C 13 15.14 7.40 7.59
C GLU C 13 14.59 7.39 9.02
N VAL C 14 13.78 6.38 9.32
CA VAL C 14 13.18 6.27 10.63
C VAL C 14 14.26 6.13 11.69
N LEU C 15 15.11 5.11 11.56
CA LEU C 15 16.13 4.77 12.57
C LEU C 15 16.67 5.98 13.31
N LEU C 16 17.01 7.03 12.56
CA LEU C 16 17.60 8.23 13.17
C LEU C 16 16.62 9.07 14.02
N GLY C 17 15.37 9.20 13.58
CA GLY C 17 14.36 9.96 14.31
C GLY C 17 14.19 9.49 15.74
N LEU C 18 14.45 8.19 15.96
CA LEU C 18 14.23 7.50 17.25
C LEU C 18 15.46 7.46 18.14
N LYS C 19 15.24 7.51 19.45
CA LYS C 19 16.35 7.45 20.42
C LYS C 19 16.83 5.99 20.54
N PRO C 20 18.11 5.77 20.92
CA PRO C 20 18.77 4.45 20.89
C PRO C 20 18.06 3.31 21.62
N CYS C 21 17.69 3.56 22.87
CA CYS C 21 17.01 2.58 23.72
C CYS C 21 15.61 2.32 23.19
N GLU C 22 14.97 3.40 22.77
CA GLU C 22 13.64 3.30 22.18
C GLU C 22 13.65 2.20 21.11
N ILE C 23 14.68 2.17 20.29
CA ILE C 23 14.85 1.12 19.30
C ILE C 23 14.92 -0.30 19.88
N LYS C 24 15.65 -0.45 20.99
CA LYS C 24 15.62 -1.70 21.74
C LYS C 24 14.18 -2.01 22.13
N ARG C 25 13.45 -0.99 22.58
CA ARG C 25 12.09 -1.22 23.01
C ARG C 25 11.32 -1.86 21.87
N GLN C 26 11.45 -1.29 20.68
CA GLN C 26 10.69 -1.81 19.56
C GLN C 26 11.03 -3.28 19.27
N GLU C 27 12.32 -3.61 19.31
CA GLU C 27 12.82 -4.97 19.05
C GLU C 27 12.15 -5.97 19.97
N VAL C 28 11.95 -5.60 21.23
CA VAL C 28 11.36 -6.55 22.16
C VAL C 28 9.87 -6.72 21.85
N ILE C 29 9.18 -5.58 21.71
CA ILE C 29 7.76 -5.57 21.33
C ILE C 29 7.58 -6.44 20.08
N ASN C 30 8.59 -6.43 19.22
CA ASN C 30 8.67 -7.36 18.09
C ASN C 30 8.51 -8.75 18.64
N GLU C 31 9.52 -9.17 19.38
CA GLU C 31 9.65 -10.56 19.79
C GLU C 31 8.37 -11.05 20.43
N LEU C 32 7.83 -10.18 21.26
CA LEU C 32 6.59 -10.45 21.94
C LEU C 32 5.60 -10.88 20.91
N PHE C 33 5.46 -10.11 19.85
CA PHE C 33 4.51 -10.49 18.85
C PHE C 33 5.02 -11.73 18.11
N TYR C 34 6.19 -11.67 17.48
CA TYR C 34 6.57 -12.79 16.59
C TYR C 34 6.83 -14.12 17.30
N THR C 35 7.21 -14.06 18.57
CA THR C 35 7.15 -15.26 19.39
C THR C 35 5.71 -15.79 19.45
N GLU C 36 4.80 -14.94 19.88
CA GLU C 36 3.42 -15.33 20.12
C GLU C 36 2.85 -16.01 18.94
N ARG C 37 3.19 -15.52 17.76
CA ARG C 37 2.75 -16.14 16.53
C ARG C 37 3.35 -17.56 16.45
N ALA C 38 4.68 -17.63 16.48
CA ALA C 38 5.37 -18.93 16.32
C ALA C 38 4.95 -19.93 17.40
N HIS C 39 4.44 -19.42 18.52
CA HIS C 39 3.86 -20.24 19.57
C HIS C 39 2.56 -20.76 19.07
N VAL C 40 1.63 -19.86 18.72
CA VAL C 40 0.32 -20.32 18.27
C VAL C 40 0.49 -21.36 17.17
N ARG C 41 1.56 -21.19 16.40
CA ARG C 41 1.96 -22.18 15.44
C ARG C 41 2.14 -23.50 16.15
N THR C 42 3.11 -23.54 17.04
CA THR C 42 3.48 -24.79 17.72
C THR C 42 2.27 -25.47 18.31
N LEU C 43 1.43 -24.72 19.04
CA LEU C 43 0.13 -25.22 19.49
C LEU C 43 -0.65 -25.81 18.33
N LYS C 44 -0.78 -25.03 17.24
CA LYS C 44 -1.46 -25.50 16.03
C LYS C 44 -0.93 -26.90 15.60
N VAL C 45 0.40 -27.09 15.63
CA VAL C 45 1.00 -28.36 15.20
C VAL C 45 0.47 -29.48 16.05
N LEU C 46 0.55 -29.25 17.34
CA LEU C 46 0.16 -30.21 18.33
C LEU C 46 -1.27 -30.63 18.12
N ASP C 47 -2.11 -29.65 17.82
CA ASP C 47 -3.50 -29.90 17.54
C ASP C 47 -3.60 -30.66 16.24
N GLN C 48 -3.15 -30.02 15.17
CA GLN C 48 -3.45 -30.52 13.84
C GLN C 48 -2.67 -31.79 13.48
N VAL C 49 -1.35 -31.74 13.65
CA VAL C 49 -0.49 -32.86 13.28
C VAL C 49 -0.76 -34.11 14.14
N PHE C 50 -1.01 -33.92 15.45
CA PHE C 50 -1.28 -35.04 16.39
C PHE C 50 -2.77 -35.21 16.74
N TYR C 51 -3.18 -34.69 17.88
CA TYR C 51 -4.55 -34.77 18.39
C TYR C 51 -5.66 -34.87 17.33
N GLN C 52 -5.77 -33.83 16.51
CA GLN C 52 -6.86 -33.76 15.52
C GLN C 52 -6.92 -34.98 14.62
N ARG C 53 -5.75 -35.55 14.38
CA ARG C 53 -5.55 -36.55 13.37
C ARG C 53 -5.44 -37.94 13.98
N VAL C 54 -5.02 -38.01 15.24
CA VAL C 54 -5.08 -39.28 15.97
C VAL C 54 -6.51 -39.51 16.45
N SER C 55 -7.24 -38.42 16.72
CA SER C 55 -8.65 -38.51 17.10
C SER C 55 -9.44 -39.11 15.95
N ARG C 56 -9.30 -38.47 14.81
CA ARG C 56 -9.88 -38.97 13.58
C ARG C 56 -9.69 -40.48 13.49
N GLU C 57 -8.43 -40.91 13.53
CA GLU C 57 -8.03 -42.32 13.33
C GLU C 57 -8.96 -43.39 13.97
N GLY C 58 -8.98 -43.43 15.30
CA GLY C 58 -9.68 -44.49 16.03
C GLY C 58 -8.85 -44.95 17.21
N ILE C 59 -7.53 -44.96 17.00
CA ILE C 59 -6.53 -45.39 17.99
C ILE C 59 -6.89 -45.24 19.48
N LEU C 60 -7.35 -44.06 19.92
CA LEU C 60 -7.45 -43.76 21.37
C LEU C 60 -8.87 -43.50 21.88
N SER C 61 -9.17 -44.00 23.08
CA SER C 61 -10.49 -43.83 23.70
C SER C 61 -10.53 -42.44 24.32
N PRO C 62 -11.72 -41.80 24.34
CA PRO C 62 -11.87 -40.38 24.69
C PRO C 62 -11.04 -39.99 25.93
N SER C 63 -11.07 -40.88 26.92
CA SER C 63 -10.11 -40.89 28.00
C SER C 63 -8.68 -40.68 27.48
N GLU C 64 -8.07 -41.73 26.95
CA GLU C 64 -6.67 -41.71 26.52
C GLU C 64 -6.35 -40.42 25.78
N LEU C 65 -7.28 -39.99 24.92
CA LEU C 65 -7.10 -38.73 24.22
C LEU C 65 -6.87 -37.66 25.25
N ARG C 66 -7.94 -37.26 25.94
CA ARG C 66 -7.87 -36.12 26.85
C ARG C 66 -6.87 -36.35 28.01
N LYS C 67 -6.55 -37.62 28.30
CA LYS C 67 -5.48 -37.96 29.23
C LYS C 67 -4.14 -37.38 28.75
N ILE C 68 -3.85 -37.57 27.46
CA ILE C 68 -2.68 -36.95 26.84
C ILE C 68 -2.93 -35.44 26.60
N PHE C 69 -3.77 -35.12 25.62
CA PHE C 69 -3.88 -33.76 25.13
C PHE C 69 -4.63 -32.80 26.06
N SER C 70 -5.57 -33.30 26.86
CA SER C 70 -6.20 -32.50 27.94
C SER C 70 -7.07 -31.35 27.43
N ASN C 71 -6.76 -30.11 27.83
CA ASN C 71 -7.39 -28.94 27.26
C ASN C 71 -6.50 -28.20 26.24
N LEU C 72 -6.00 -28.92 25.23
CA LEU C 72 -5.15 -28.32 24.16
C LEU C 72 -5.96 -27.35 23.34
N GLU C 73 -7.04 -27.90 22.77
CA GLU C 73 -8.16 -27.15 22.24
C GLU C 73 -8.33 -25.74 22.80
N ASP C 74 -8.12 -25.63 24.09
CA ASP C 74 -8.55 -24.48 24.88
C ASP C 74 -7.52 -23.36 24.94
N ILE C 75 -6.29 -23.70 25.33
CA ILE C 75 -5.17 -22.76 25.29
C ILE C 75 -4.89 -22.39 23.85
N LEU C 76 -5.15 -23.32 22.94
CA LEU C 76 -4.92 -23.05 21.55
C LEU C 76 -5.64 -21.77 21.23
N GLN C 77 -6.94 -21.76 21.45
CA GLN C 77 -7.77 -20.61 21.13
C GLN C 77 -7.30 -19.39 21.87
N LEU C 78 -6.95 -19.55 23.14
CA LEU C 78 -6.55 -18.41 23.90
C LEU C 78 -5.41 -17.74 23.19
N HIS C 79 -4.33 -18.48 22.99
CA HIS C 79 -3.15 -17.92 22.33
C HIS C 79 -3.51 -17.44 20.89
N ILE C 80 -4.47 -18.06 20.23
CA ILE C 80 -4.92 -17.55 18.94
C ILE C 80 -5.55 -16.16 19.10
N GLY C 81 -6.45 -16.01 20.07
CA GLY C 81 -7.02 -14.69 20.35
C GLY C 81 -5.96 -13.72 20.84
N LEU C 82 -5.00 -14.25 21.57
CA LEU C 82 -3.94 -13.43 22.07
C LEU C 82 -3.04 -12.92 20.93
N ASN C 83 -2.89 -13.70 19.87
CA ASN C 83 -2.08 -13.27 18.72
C ASN C 83 -2.85 -12.23 17.94
N GLU C 84 -4.12 -12.53 17.70
CA GLU C 84 -5.00 -11.67 16.90
C GLU C 84 -5.06 -10.27 17.45
N GLN C 85 -5.10 -10.14 18.76
CA GLN C 85 -4.99 -8.82 19.39
C GLN C 85 -3.69 -8.13 19.06
N MET C 86 -2.61 -8.90 19.06
CA MET C 86 -1.28 -8.38 18.80
C MET C 86 -1.09 -8.01 17.35
N LYS C 87 -1.53 -8.87 16.43
CA LYS C 87 -1.52 -8.49 15.03
C LYS C 87 -2.25 -7.15 14.94
N ALA C 88 -3.34 -7.04 15.70
CA ALA C 88 -4.19 -5.85 15.72
C ALA C 88 -3.46 -4.61 16.18
N VAL C 89 -2.59 -4.72 17.19
CA VAL C 89 -1.83 -3.56 17.68
C VAL C 89 -0.88 -3.08 16.58
N ARG C 90 -0.36 -4.01 15.79
CA ARG C 90 0.53 -3.66 14.69
C ARG C 90 -0.17 -2.84 13.61
N LYS C 91 -1.46 -3.08 13.46
CA LYS C 91 -2.26 -2.42 12.44
C LYS C 91 -2.53 -0.93 12.70
N ARG C 92 -2.61 -0.54 13.96
CA ARG C 92 -3.09 0.79 14.38
C ARG C 92 -2.20 1.99 13.99
N ASN C 93 -1.05 1.72 13.39
CA ASN C 93 -0.06 2.72 13.10
C ASN C 93 0.62 2.21 11.85
N GLU C 94 0.51 2.94 10.75
CA GLU C 94 0.93 2.41 9.44
C GLU C 94 2.43 2.10 9.42
N THR C 95 3.20 2.95 10.13
CA THR C 95 4.64 2.74 10.33
C THR C 95 4.94 1.48 11.13
N SER C 96 6.18 1.02 11.03
CA SER C 96 6.57 -0.23 11.65
C SER C 96 6.67 -0.08 13.16
N VAL C 97 6.55 1.17 13.64
CA VAL C 97 6.92 1.54 15.01
C VAL C 97 5.73 1.48 15.94
N ILE C 98 5.68 0.47 16.81
CA ILE C 98 4.52 0.29 17.68
C ILE C 98 4.48 1.46 18.62
N ASP C 99 3.26 1.89 18.93
CA ASP C 99 2.99 3.18 19.56
C ASP C 99 3.12 3.05 21.08
N GLN C 100 2.01 3.05 21.81
CA GLN C 100 2.05 2.86 23.24
C GLN C 100 1.23 1.61 23.53
N ILE C 101 1.67 0.81 24.50
CA ILE C 101 1.24 -0.58 24.61
C ILE C 101 0.79 -1.05 26.03
N GLY C 102 1.01 -0.22 27.05
CA GLY C 102 0.67 -0.58 28.42
C GLY C 102 -0.71 -1.16 28.59
N GLU C 103 -1.74 -0.37 28.26
CA GLU C 103 -3.12 -0.80 28.42
C GLU C 103 -3.40 -2.10 27.67
N ASP C 104 -2.75 -2.33 26.53
CA ASP C 104 -2.94 -3.58 25.78
C ASP C 104 -2.38 -4.75 26.54
N LEU C 105 -1.21 -4.55 27.13
CA LEU C 105 -0.59 -5.60 27.90
C LEU C 105 -1.56 -5.99 28.99
N LEU C 106 -2.01 -4.99 29.75
CA LEU C 106 -2.91 -5.21 30.86
C LEU C 106 -4.21 -5.88 30.41
N THR C 107 -4.68 -5.57 29.22
CA THR C 107 -5.85 -6.26 28.65
C THR C 107 -5.59 -7.75 28.55
N TRP C 108 -4.35 -8.10 28.22
CA TRP C 108 -4.01 -9.47 27.91
C TRP C 108 -3.67 -10.26 29.16
N PHE C 109 -3.29 -9.54 30.21
CA PHE C 109 -2.65 -10.12 31.37
C PHE C 109 -3.26 -9.76 32.74
N SER C 110 -4.34 -8.99 32.77
CA SER C 110 -4.95 -8.57 34.03
C SER C 110 -6.43 -8.93 34.06
N GLY C 111 -6.98 -9.05 35.26
CA GLY C 111 -8.38 -9.40 35.45
C GLY C 111 -8.84 -10.53 34.55
N PRO C 112 -9.84 -10.26 33.67
CA PRO C 112 -10.35 -11.21 32.68
C PRO C 112 -9.27 -11.98 31.90
N GLY C 113 -8.23 -11.30 31.43
CA GLY C 113 -7.16 -11.94 30.66
C GLY C 113 -6.32 -12.82 31.55
N GLU C 114 -5.90 -12.26 32.68
CA GLU C 114 -5.13 -12.98 33.68
C GLU C 114 -5.78 -14.29 34.01
N GLU C 115 -7.08 -14.23 34.30
CA GLU C 115 -7.82 -15.37 34.81
C GLU C 115 -8.03 -16.43 33.75
N LYS C 116 -8.54 -16.02 32.60
CA LYS C 116 -8.67 -16.90 31.45
C LYS C 116 -7.37 -17.68 31.19
N LEU C 117 -6.23 -16.98 31.20
CA LEU C 117 -4.94 -17.62 30.90
C LEU C 117 -4.46 -18.50 32.04
N LYS C 118 -4.36 -17.94 33.24
CA LYS C 118 -3.75 -18.67 34.33
C LYS C 118 -4.45 -20.02 34.55
N HIS C 119 -5.78 -20.05 34.41
CA HIS C 119 -6.53 -21.26 34.68
C HIS C 119 -6.33 -22.31 33.61
N ALA C 120 -6.40 -21.89 32.36
CA ALA C 120 -6.20 -22.81 31.24
C ALA C 120 -4.75 -23.27 31.20
N ALA C 121 -3.82 -22.36 31.49
CA ALA C 121 -2.42 -22.70 31.62
C ALA C 121 -2.20 -23.80 32.69
N ALA C 122 -2.75 -23.56 33.87
CA ALA C 122 -2.65 -24.54 34.95
C ALA C 122 -3.13 -25.92 34.48
N THR C 123 -4.41 -26.03 34.16
CA THR C 123 -5.02 -27.29 33.71
C THR C 123 -4.20 -28.11 32.70
N PHE C 124 -3.52 -27.43 31.79
CA PHE C 124 -2.69 -28.06 30.79
C PHE C 124 -1.30 -28.46 31.34
N CYS C 125 -0.55 -27.56 31.97
CA CYS C 125 0.78 -27.94 32.48
C CYS C 125 0.69 -28.96 33.59
N SER C 126 -0.23 -28.69 34.52
CA SER C 126 -0.59 -29.63 35.58
C SER C 126 -0.74 -31.05 35.04
N ASN C 127 -1.32 -31.16 33.86
CA ASN C 127 -1.49 -32.47 33.26
C ASN C 127 -0.22 -33.00 32.56
N GLN C 128 0.82 -32.16 32.43
CA GLN C 128 1.97 -32.52 31.60
C GLN C 128 2.46 -33.93 31.91
N PRO C 129 2.80 -34.20 33.18
CA PRO C 129 3.40 -35.49 33.49
C PRO C 129 2.46 -36.67 33.27
N PHE C 130 1.17 -36.46 33.50
CA PHE C 130 0.16 -37.49 33.29
C PHE C 130 0.10 -37.82 31.81
N ALA C 131 0.30 -36.81 30.97
CA ALA C 131 0.25 -37.01 29.55
C ALA C 131 1.50 -37.70 29.09
N LEU C 132 2.66 -37.09 29.31
CA LEU C 132 3.93 -37.70 28.93
C LEU C 132 3.93 -39.19 29.28
N GLU C 133 3.42 -39.50 30.46
CA GLU C 133 3.37 -40.88 30.99
C GLU C 133 2.36 -41.79 30.24
N MET C 134 1.19 -41.24 29.92
CA MET C 134 0.23 -41.94 29.08
C MET C 134 0.86 -42.22 27.72
N ILE C 135 1.52 -41.21 27.15
CA ILE C 135 2.20 -41.37 25.89
C ILE C 135 3.14 -42.56 25.90
N LYS C 136 4.06 -42.62 26.87
CA LYS C 136 4.96 -43.79 26.96
C LYS C 136 4.15 -45.05 26.83
N SER C 137 3.10 -45.12 27.65
CA SER C 137 2.35 -46.35 27.88
C SER C 137 1.43 -46.81 26.75
N ARG C 138 1.27 -46.01 25.70
CA ARG C 138 0.62 -46.48 24.49
C ARG C 138 1.70 -46.90 23.49
N GLN C 139 2.81 -46.17 23.50
CA GLN C 139 3.92 -46.40 22.58
C GLN C 139 4.57 -47.74 22.77
N LYS C 140 4.38 -48.36 23.93
CA LYS C 140 4.84 -49.73 24.18
C LYS C 140 3.68 -50.72 23.95
N LYS C 141 2.57 -50.47 24.64
CA LYS C 141 1.40 -51.34 24.64
C LYS C 141 0.62 -51.31 23.33
N ASP C 142 1.04 -50.49 22.37
CA ASP C 142 0.26 -50.34 21.14
C ASP C 142 1.08 -49.93 19.91
N SER C 143 1.38 -50.89 19.02
CA SER C 143 2.21 -50.65 17.83
C SER C 143 1.49 -49.92 16.70
N ARG C 144 0.20 -49.59 16.89
CA ARG C 144 -0.53 -48.73 15.96
C ARG C 144 -0.35 -47.24 16.35
N PHE C 145 -0.54 -46.92 17.63
CA PHE C 145 -0.25 -45.59 18.17
C PHE C 145 1.25 -45.29 18.04
N GLN C 146 2.07 -46.36 18.09
CA GLN C 146 3.51 -46.23 17.90
C GLN C 146 3.81 -45.61 16.56
N THR C 147 3.42 -46.32 15.50
CA THR C 147 3.72 -45.89 14.14
C THR C 147 3.07 -44.54 13.78
N PHE C 148 1.88 -44.28 14.30
CA PHE C 148 1.26 -42.95 14.11
C PHE C 148 2.17 -41.86 14.61
N VAL C 149 2.65 -42.03 15.83
CA VAL C 149 3.53 -41.05 16.45
C VAL C 149 4.83 -40.90 15.69
N GLN C 150 5.50 -42.00 15.35
CA GLN C 150 6.68 -41.94 14.48
C GLN C 150 6.33 -41.13 13.22
N ASP C 151 5.31 -41.58 12.51
CA ASP C 151 4.89 -40.98 11.22
C ASP C 151 4.57 -39.48 11.33
N ALA C 152 4.03 -39.04 12.46
CA ALA C 152 3.69 -37.64 12.68
C ALA C 152 4.96 -36.83 12.87
N GLU C 153 5.75 -37.24 13.85
CA GLU C 153 6.97 -36.53 14.27
C GLU C 153 7.96 -36.24 13.13
N SER C 154 7.87 -37.03 12.07
CA SER C 154 8.68 -36.85 10.88
C SER C 154 7.99 -35.95 9.83
N ASN C 155 7.41 -34.86 10.30
CA ASN C 155 6.93 -33.80 9.43
C ASN C 155 7.69 -32.53 9.83
N PRO C 156 8.45 -31.94 8.89
CA PRO C 156 9.18 -30.71 9.16
C PRO C 156 8.51 -29.74 10.09
N LEU C 157 7.18 -29.66 10.07
CA LEU C 157 6.49 -28.82 11.04
C LEU C 157 6.88 -29.15 12.49
N CYS C 158 7.18 -30.41 12.76
CA CYS C 158 7.66 -30.75 14.07
C CYS C 158 8.98 -30.09 14.41
N ARG C 159 9.78 -29.81 13.39
CA ARG C 159 11.16 -29.39 13.55
C ARG C 159 11.99 -30.49 14.19
N ARG C 160 11.63 -31.75 13.94
CA ARG C 160 12.39 -32.86 14.49
C ARG C 160 12.41 -32.89 16.04
N LEU C 161 11.29 -32.58 16.67
CA LEU C 161 11.12 -32.75 18.10
C LEU C 161 10.01 -33.76 18.25
N GLN C 162 10.12 -34.65 19.21
CA GLN C 162 9.06 -35.62 19.41
C GLN C 162 7.92 -34.93 20.13
N LEU C 163 6.74 -35.54 20.07
CA LEU C 163 5.61 -35.08 20.84
C LEU C 163 5.99 -34.73 22.27
N LYS C 164 6.87 -35.53 22.87
CA LYS C 164 7.33 -35.25 24.23
C LYS C 164 8.09 -33.94 24.26
N ASP C 165 8.92 -33.70 23.23
CA ASP C 165 9.78 -32.51 23.20
C ASP C 165 8.92 -31.23 23.10
N ILE C 166 7.61 -31.43 22.85
CA ILE C 166 6.69 -30.38 22.48
C ILE C 166 5.70 -29.94 23.58
N ILE C 167 5.08 -30.87 24.30
CA ILE C 167 4.05 -30.48 25.30
C ILE C 167 4.51 -29.36 26.33
N PRO C 168 5.72 -29.47 26.88
CA PRO C 168 6.30 -28.42 27.72
C PRO C 168 6.21 -26.97 27.22
N THR C 169 6.02 -26.74 25.91
CA THR C 169 6.01 -25.39 25.38
C THR C 169 5.19 -24.46 26.25
N GLN C 170 3.91 -24.80 26.41
CA GLN C 170 2.93 -23.94 27.07
C GLN C 170 3.46 -23.35 28.39
N MET C 171 4.17 -24.19 29.16
CA MET C 171 4.91 -23.71 30.32
C MET C 171 5.99 -22.76 29.81
N GLN C 172 6.95 -23.33 29.06
CA GLN C 172 8.11 -22.57 28.54
C GLN C 172 7.74 -21.14 28.12
N ARG C 173 6.52 -21.01 27.61
CA ARG C 173 6.01 -19.75 27.15
C ARG C 173 5.68 -18.83 28.32
N LEU C 174 4.71 -19.25 29.14
CA LEU C 174 4.31 -18.45 30.30
C LEU C 174 5.53 -17.91 31.04
N THR C 175 6.63 -18.65 30.97
CA THR C 175 7.83 -18.30 31.71
C THR C 175 8.58 -17.14 31.12
N LYS C 176 8.30 -16.82 29.86
CA LYS C 176 9.10 -15.82 29.14
C LYS C 176 8.47 -14.43 29.17
N TYR C 177 7.13 -14.38 29.27
CA TYR C 177 6.37 -13.12 29.26
C TYR C 177 7.01 -12.17 30.20
N PRO C 178 7.22 -12.57 31.45
CA PRO C 178 7.73 -11.65 32.43
C PRO C 178 9.11 -11.09 32.06
N LEU C 179 9.94 -11.88 31.38
CA LEU C 179 11.27 -11.40 30.96
C LEU C 179 11.14 -10.24 29.94
N LEU C 180 10.30 -10.47 28.92
CA LEU C 180 10.12 -9.55 27.83
C LEU C 180 9.43 -8.33 28.39
N LEU C 181 8.40 -8.55 29.21
CA LEU C 181 7.68 -7.42 29.81
C LEU C 181 8.53 -6.56 30.70
N ASP C 182 9.50 -7.15 31.38
CA ASP C 182 10.53 -6.33 32.00
C ASP C 182 11.25 -5.54 30.92
N ASN C 183 11.96 -6.24 30.05
CA ASN C 183 12.75 -5.55 29.05
C ASN C 183 11.95 -4.45 28.38
N ILE C 184 10.76 -4.77 27.88
CA ILE C 184 9.88 -3.73 27.34
C ILE C 184 9.84 -2.53 28.30
N ALA C 185 9.70 -2.77 29.59
CA ALA C 185 9.67 -1.67 30.56
C ALA C 185 11.04 -0.99 30.79
N LYS C 186 12.12 -1.76 30.69
CA LYS C 186 13.48 -1.25 30.91
C LYS C 186 13.80 -0.01 30.07
N TYR C 187 13.33 -0.04 28.82
CA TYR C 187 13.55 1.01 27.84
C TYR C 187 12.31 1.84 27.58
N THR C 188 11.50 2.10 28.57
CA THR C 188 10.24 2.79 28.31
C THR C 188 10.32 4.19 28.86
N GLU C 189 10.67 5.16 28.01
CA GLU C 189 10.93 6.53 28.50
C GLU C 189 9.81 7.13 29.38
N TRP C 190 8.55 6.70 29.17
CA TRP C 190 7.37 7.37 29.76
C TRP C 190 6.80 6.69 31.02
N PRO C 191 6.76 7.43 32.14
CA PRO C 191 6.33 6.96 33.44
C PRO C 191 4.91 6.46 33.44
N THR C 192 3.98 7.25 32.93
CA THR C 192 2.56 6.89 32.99
C THR C 192 2.33 5.57 32.24
N GLU C 193 3.19 5.26 31.26
CA GLU C 193 3.11 3.95 30.63
C GLU C 193 4.01 2.92 31.31
N ARG C 194 5.27 3.27 31.52
CA ARG C 194 6.20 2.32 32.10
C ARG C 194 5.56 1.55 33.24
N GLU C 195 5.02 2.23 34.23
CA GLU C 195 4.48 1.56 35.41
C GLU C 195 3.31 0.66 35.08
N LYS C 196 2.60 0.96 33.99
CA LYS C 196 1.54 0.05 33.52
C LYS C 196 2.11 -1.24 32.96
N VAL C 197 3.30 -1.17 32.40
CA VAL C 197 3.99 -2.34 31.90
C VAL C 197 4.61 -3.13 33.05
N LYS C 198 5.14 -2.41 34.04
CA LYS C 198 5.77 -3.06 35.19
C LYS C 198 4.70 -3.81 35.92
N LYS C 199 3.48 -3.29 35.84
CA LYS C 199 2.31 -3.95 36.41
C LYS C 199 2.07 -5.20 35.60
N ALA C 200 1.81 -5.03 34.32
CA ALA C 200 1.54 -6.18 33.45
C ALA C 200 2.57 -7.30 33.63
N ALA C 201 3.83 -6.91 33.82
CA ALA C 201 4.91 -7.84 34.17
C ALA C 201 4.58 -8.71 35.39
N ASP C 202 4.19 -8.06 36.51
CA ASP C 202 3.97 -8.73 37.81
C ASP C 202 2.76 -9.60 37.83
N HIS C 203 1.75 -9.21 37.07
CA HIS C 203 0.63 -10.07 36.84
C HIS C 203 1.05 -11.34 36.11
N CYS C 204 2.05 -11.20 35.23
CA CYS C 204 2.52 -12.33 34.44
C CYS C 204 3.33 -13.29 35.26
N ARG C 205 3.78 -12.82 36.44
CA ARG C 205 4.38 -13.69 37.44
C ARG C 205 3.31 -14.24 38.34
N GLN C 206 2.32 -13.41 38.62
CA GLN C 206 1.16 -13.87 39.32
C GLN C 206 0.50 -15.04 38.58
N ILE C 207 0.50 -14.99 37.26
CA ILE C 207 0.05 -16.15 36.50
C ILE C 207 0.98 -17.31 36.79
N LEU C 208 2.28 -17.04 36.72
CA LEU C 208 3.26 -18.12 36.82
C LEU C 208 3.21 -18.84 38.15
N ASN C 209 3.17 -18.09 39.24
CA ASN C 209 3.11 -18.67 40.59
C ASN C 209 1.92 -19.58 40.79
N PHE C 210 0.79 -19.23 40.18
CA PHE C 210 -0.40 -20.03 40.25
C PHE C 210 -0.27 -21.33 39.47
N VAL C 211 0.23 -21.26 38.24
CA VAL C 211 0.40 -22.48 37.47
C VAL C 211 1.31 -23.38 38.27
N ASN C 212 2.45 -22.82 38.66
CA ASN C 212 3.45 -23.49 39.48
C ASN C 212 2.85 -24.29 40.66
N GLN C 213 1.88 -23.70 41.33
CA GLN C 213 1.17 -24.36 42.43
C GLN C 213 0.23 -25.45 41.91
N ALA C 214 -0.36 -25.22 40.75
CA ALA C 214 -1.18 -26.25 40.13
C ALA C 214 -0.34 -27.46 39.83
N VAL C 215 0.83 -27.24 39.23
CA VAL C 215 1.79 -28.30 38.99
C VAL C 215 2.15 -29.00 40.28
N LYS C 216 2.38 -28.23 41.35
CA LYS C 216 2.75 -28.83 42.64
C LYS C 216 1.69 -29.81 43.10
N GLU C 217 0.44 -29.37 43.06
CA GLU C 217 -0.68 -30.11 43.65
C GLU C 217 -1.05 -31.39 42.90
N ALA C 218 -0.95 -31.39 41.58
CA ALA C 218 -1.25 -32.61 40.82
C ALA C 218 -0.09 -33.60 40.86
N GLU C 219 1.13 -33.07 40.84
CA GLU C 219 2.34 -33.88 40.87
C GLU C 219 2.52 -34.57 42.25
N ASN C 220 2.65 -33.78 43.31
CA ASN C 220 2.74 -34.35 44.66
C ASN C 220 1.53 -35.26 44.99
N LYS C 221 0.31 -34.88 44.61
CA LYS C 221 -0.83 -35.74 44.88
C LYS C 221 -0.62 -37.14 44.29
N GLN C 222 -0.10 -37.18 43.07
CA GLN C 222 0.19 -38.43 42.39
C GLN C 222 1.34 -39.15 43.05
N ARG C 223 2.41 -38.42 43.36
CA ARG C 223 3.58 -39.03 43.97
C ARG C 223 3.27 -39.85 45.21
N LEU C 224 2.34 -39.38 46.04
CA LEU C 224 1.97 -40.12 47.22
C LEU C 224 1.35 -41.44 46.81
N GLU C 225 0.37 -41.41 45.93
CA GLU C 225 -0.27 -42.65 45.46
C GLU C 225 0.75 -43.70 45.05
N ASP C 226 1.88 -43.23 44.51
CA ASP C 226 3.00 -44.11 44.14
C ASP C 226 3.86 -44.49 45.33
N TYR C 227 4.09 -43.52 46.21
CA TYR C 227 4.85 -43.78 47.43
C TYR C 227 4.08 -44.80 48.30
N GLN C 228 2.76 -44.65 48.39
CA GLN C 228 1.90 -45.63 49.03
C GLN C 228 2.20 -47.05 48.53
N ARG C 229 2.26 -47.21 47.22
CA ARG C 229 2.60 -48.48 46.61
C ARG C 229 3.97 -48.99 47.05
N ARG C 230 4.95 -48.10 47.08
CA ARG C 230 6.32 -48.48 47.44
C ARG C 230 6.52 -48.67 48.95
N LEU C 231 5.59 -48.17 49.77
CA LEU C 231 5.77 -48.21 51.23
C LEU C 231 5.69 -49.62 51.79
N ASP C 232 6.76 -50.03 52.48
CA ASP C 232 6.94 -51.44 52.93
C ASP C 232 7.03 -51.62 54.44
N THR C 233 5.88 -51.84 55.08
CA THR C 233 5.84 -52.23 56.47
C THR C 233 5.87 -53.76 56.56
N SER C 234 7.01 -54.36 56.20
CA SER C 234 7.24 -55.80 56.40
C SER C 234 8.15 -56.00 57.61
N SER C 235 9.19 -55.15 57.74
CA SER C 235 9.92 -54.98 59.01
C SER C 235 9.08 -54.12 59.98
N LEU C 236 7.78 -54.37 59.96
CA LEU C 236 6.86 -54.00 61.01
C LEU C 236 7.25 -54.78 62.25
N LYS C 237 7.71 -54.08 63.28
CA LYS C 237 8.04 -54.72 64.55
C LYS C 237 6.73 -55.05 65.28
N LEU C 238 6.15 -56.21 64.98
CA LEU C 238 4.94 -56.68 65.67
C LEU C 238 5.16 -56.79 67.19
N SER C 239 6.04 -55.93 67.73
CA SER C 239 6.18 -55.71 69.16
C SER C 239 4.82 -55.26 69.72
N GLU C 240 4.03 -54.62 68.86
CA GLU C 240 2.60 -54.32 69.10
C GLU C 240 2.40 -53.21 70.13
N TYR C 241 3.24 -52.17 70.06
CA TYR C 241 3.02 -50.96 70.85
C TYR C 241 2.03 -50.09 70.08
N PRO C 242 0.94 -49.61 70.74
CA PRO C 242 -0.23 -49.00 70.10
C PRO C 242 -0.02 -48.28 68.76
N ASN C 243 1.19 -47.80 68.49
CA ASN C 243 1.66 -47.37 67.15
C ASN C 243 1.28 -48.33 66.02
N VAL C 244 1.49 -49.63 66.27
CA VAL C 244 1.50 -50.64 65.22
C VAL C 244 0.29 -50.55 64.27
N GLU C 245 -0.95 -50.73 64.77
CA GLU C 245 -2.17 -50.71 63.93
C GLU C 245 -2.23 -49.59 62.88
N GLU C 246 -1.92 -48.37 63.31
CA GLU C 246 -1.91 -47.25 62.40
C GLU C 246 -0.66 -47.26 61.52
N LEU C 247 0.50 -47.55 62.09
CA LEU C 247 1.72 -47.60 61.30
C LEU C 247 1.66 -48.67 60.20
N ARG C 248 1.00 -49.79 60.49
CA ARG C 248 0.82 -50.88 59.53
C ARG C 248 -0.01 -50.48 58.33
N ASN C 249 -1.19 -49.94 58.58
CA ASN C 249 -2.12 -49.58 57.51
C ASN C 249 -2.03 -48.10 57.18
N LEU C 250 -0.81 -47.56 57.26
CA LEU C 250 -0.54 -46.12 57.12
C LEU C 250 -0.85 -45.63 55.70
N ASP C 251 -1.95 -44.87 55.56
CA ASP C 251 -2.39 -44.36 54.26
C ASP C 251 -1.96 -42.92 54.08
N LEU C 252 -0.94 -42.72 53.24
CA LEU C 252 -0.39 -41.40 52.99
C LEU C 252 -1.39 -40.55 52.20
N THR C 253 -2.13 -41.24 51.32
CA THR C 253 -3.13 -40.64 50.41
C THR C 253 -4.17 -39.74 51.08
N LYS C 254 -4.39 -39.94 52.37
CA LYS C 254 -5.42 -39.18 53.10
C LYS C 254 -5.06 -37.69 53.25
N ARG C 255 -3.76 -37.37 53.25
CA ARG C 255 -3.29 -35.98 53.37
C ARG C 255 -2.84 -35.39 52.06
N LYS C 256 -2.65 -34.08 52.07
CA LYS C 256 -1.80 -33.43 51.09
C LYS C 256 -0.38 -33.55 51.62
N MET C 257 0.60 -33.63 50.72
CA MET C 257 2.01 -33.63 51.08
C MET C 257 2.66 -32.28 50.75
N ILE C 258 3.47 -31.78 51.66
CA ILE C 258 3.88 -30.40 51.64
C ILE C 258 5.33 -30.24 51.20
N HIS C 259 6.21 -31.09 51.71
CA HIS C 259 7.62 -31.10 51.28
C HIS C 259 8.14 -32.55 51.24
N GLU C 260 9.37 -32.72 50.74
CA GLU C 260 10.04 -34.00 50.82
C GLU C 260 11.53 -33.85 50.60
N GLY C 261 12.28 -34.92 50.93
CA GLY C 261 13.66 -35.10 50.46
C GLY C 261 14.67 -35.85 51.35
N PRO C 262 15.84 -36.22 50.77
CA PRO C 262 16.99 -36.78 51.46
C PRO C 262 17.40 -36.04 52.72
N LEU C 263 17.53 -36.82 53.80
CA LEU C 263 18.07 -36.36 55.09
C LEU C 263 18.92 -37.47 55.72
N VAL C 264 20.06 -37.10 56.30
CA VAL C 264 20.90 -38.07 57.02
C VAL C 264 20.46 -38.09 58.47
N TRP C 265 20.24 -39.29 59.00
CA TRP C 265 19.75 -39.51 60.36
C TRP C 265 20.78 -40.23 61.26
N LYS C 266 21.49 -39.45 62.07
CA LYS C 266 22.36 -40.02 63.08
C LYS C 266 21.43 -40.55 64.18
N VAL C 267 20.92 -41.78 64.01
CA VAL C 267 20.22 -42.45 65.11
C VAL C 267 21.19 -42.64 66.27
N ASN C 268 22.45 -42.85 65.89
CA ASN C 268 23.55 -43.00 66.82
C ASN C 268 24.76 -42.27 66.23
N ARG C 269 25.66 -41.76 67.09
CA ARG C 269 26.94 -41.21 66.61
C ARG C 269 27.92 -42.36 66.24
N ASP C 270 27.41 -43.59 66.27
CA ASP C 270 27.92 -44.70 65.45
C ASP C 270 27.03 -44.87 64.20
N LYS C 271 25.98 -45.69 64.31
CA LYS C 271 25.16 -46.13 63.15
C LYS C 271 24.26 -45.07 62.52
N THR C 272 24.83 -44.20 61.67
CA THR C 272 24.04 -43.22 60.89
C THR C 272 23.17 -43.92 59.83
N ILE C 273 22.17 -43.21 59.31
CA ILE C 273 21.20 -43.78 58.36
C ILE C 273 20.85 -42.74 57.28
N ASP C 274 20.74 -43.20 56.04
CA ASP C 274 20.29 -42.37 54.91
C ASP C 274 18.73 -42.44 54.78
N LEU C 275 18.06 -41.35 55.14
CA LEU C 275 16.59 -41.30 55.12
C LEU C 275 16.08 -40.51 53.92
N TYR C 276 14.97 -40.99 53.35
CA TYR C 276 14.13 -40.17 52.46
C TYR C 276 12.86 -39.74 53.20
N THR C 277 12.71 -38.44 53.37
CA THR C 277 11.81 -37.89 54.35
C THR C 277 10.67 -37.17 53.71
N LEU C 278 9.45 -37.56 54.03
CA LEU C 278 8.27 -36.82 53.57
C LEU C 278 7.71 -36.02 54.71
N LEU C 279 7.36 -34.77 54.42
CA LEU C 279 6.66 -33.93 55.37
C LEU C 279 5.24 -33.75 54.87
N LEU C 280 4.31 -34.58 55.33
CA LEU C 280 2.93 -34.45 54.88
C LEU C 280 2.24 -33.35 55.66
N GLU C 281 0.92 -33.23 55.53
CA GLU C 281 0.23 -32.11 56.19
C GLU C 281 0.31 -32.16 57.70
N ASP C 282 0.09 -33.32 58.31
CA ASP C 282 0.14 -33.41 59.77
C ASP C 282 1.11 -34.46 60.32
N ILE C 283 1.92 -35.09 59.48
CA ILE C 283 3.00 -35.93 60.00
C ILE C 283 4.30 -35.67 59.30
N LEU C 284 5.34 -36.31 59.81
CA LEU C 284 6.62 -36.30 59.16
C LEU C 284 7.15 -37.73 59.09
N VAL C 285 6.81 -38.41 58.00
CA VAL C 285 7.20 -39.81 57.81
C VAL C 285 8.65 -39.93 57.44
N LEU C 286 9.42 -40.66 58.26
CA LEU C 286 10.85 -40.88 58.00
C LEU C 286 10.98 -42.25 57.36
N LEU C 287 11.59 -42.33 56.18
CA LEU C 287 11.58 -43.57 55.40
C LEU C 287 12.97 -44.07 54.95
N GLN C 288 13.24 -45.35 55.20
CA GLN C 288 14.46 -46.01 54.73
C GLN C 288 14.22 -46.53 53.33
N LYS C 289 15.11 -46.15 52.42
CA LYS C 289 14.93 -46.38 50.99
C LYS C 289 15.70 -47.60 50.48
N GLN C 290 14.98 -48.71 50.25
CA GLN C 290 15.55 -49.95 49.67
C GLN C 290 15.04 -50.19 48.26
N ASP C 291 15.62 -51.17 47.55
CA ASP C 291 15.33 -51.45 46.12
C ASP C 291 14.35 -50.45 45.49
N ASP C 292 13.08 -50.84 45.40
CA ASP C 292 12.01 -49.93 45.00
C ASP C 292 11.40 -49.38 46.29
N ARG C 293 11.06 -50.31 47.20
CA ARG C 293 10.23 -50.01 48.36
C ARG C 293 10.87 -49.03 49.33
N LEU C 294 10.00 -48.34 50.07
CA LEU C 294 10.41 -47.33 51.03
C LEU C 294 10.11 -47.89 52.40
N VAL C 295 11.10 -48.51 52.99
CA VAL C 295 10.87 -49.28 54.19
C VAL C 295 10.58 -48.34 55.37
N LEU C 296 9.79 -48.85 56.30
CA LEU C 296 9.41 -48.15 57.52
C LEU C 296 9.86 -49.04 58.71
N ARG C 297 10.82 -48.56 59.52
CA ARG C 297 11.51 -49.40 60.54
C ARG C 297 11.87 -48.60 61.83
N CYS C 298 12.09 -49.32 62.94
CA CYS C 298 12.50 -48.72 64.23
C CYS C 298 13.96 -49.02 64.61
N HIS C 299 14.55 -48.15 65.43
CA HIS C 299 15.94 -48.31 65.92
C HIS C 299 16.07 -47.85 67.37
N SER C 300 16.97 -48.48 68.11
CA SER C 300 17.12 -48.23 69.57
C SER C 300 17.87 -46.94 69.91
N THR C 312 13.22 -47.49 71.39
CA THR C 312 12.84 -47.53 69.98
C THR C 312 12.34 -46.16 69.49
N PHE C 313 12.66 -45.84 68.24
CA PHE C 313 12.27 -44.58 67.62
C PHE C 313 11.27 -44.87 66.50
N SER C 314 10.08 -44.26 66.57
CA SER C 314 9.06 -44.36 65.52
C SER C 314 9.55 -43.68 64.22
N PRO C 315 9.06 -44.15 63.05
CA PRO C 315 9.29 -43.40 61.81
C PRO C 315 8.24 -42.31 61.46
N VAL C 316 7.02 -42.40 62.01
CA VAL C 316 6.03 -41.32 61.90
C VAL C 316 6.27 -40.36 63.04
N ILE C 317 6.29 -39.06 62.75
CA ILE C 317 6.29 -38.02 63.80
C ILE C 317 5.07 -37.10 63.65
N LYS C 318 4.05 -37.30 64.47
CA LYS C 318 2.91 -36.38 64.44
C LYS C 318 3.45 -34.97 64.69
N LEU C 319 2.96 -33.99 63.93
CA LEU C 319 3.55 -32.65 63.96
C LEU C 319 3.03 -31.77 65.12
N SER C 320 1.98 -32.25 65.78
CA SER C 320 1.45 -31.55 66.94
C SER C 320 2.49 -31.37 68.04
N THR C 321 3.42 -32.32 68.19
CA THR C 321 4.46 -32.23 69.26
C THR C 321 5.92 -32.25 68.78
N VAL C 322 6.19 -31.74 67.59
CA VAL C 322 7.57 -31.61 67.16
C VAL C 322 8.06 -30.29 67.70
N LEU C 323 9.37 -30.27 67.88
CA LEU C 323 10.10 -29.03 67.93
C LEU C 323 11.32 -29.20 67.06
N VAL C 324 11.85 -28.08 66.60
CA VAL C 324 13.14 -28.11 65.96
C VAL C 324 14.01 -27.06 66.60
N ARG C 325 15.10 -27.56 67.15
CA ARG C 325 16.16 -26.76 67.70
C ARG C 325 17.21 -26.78 66.58
N GLN C 326 18.03 -25.73 66.53
CA GLN C 326 19.06 -25.62 65.51
C GLN C 326 20.42 -26.05 66.05
N VAL C 327 21.00 -27.10 65.45
CA VAL C 327 22.20 -27.77 65.98
C VAL C 327 23.41 -26.86 66.01
N ALA C 328 23.70 -26.26 67.16
CA ALA C 328 24.68 -25.17 67.25
C ALA C 328 25.99 -25.43 66.48
N THR C 329 26.44 -26.69 66.41
CA THR C 329 27.73 -27.06 65.72
C THR C 329 27.65 -27.38 64.20
N ASP C 330 26.44 -27.44 63.63
CA ASP C 330 26.20 -27.95 62.26
C ASP C 330 25.34 -27.03 61.36
N ASN C 331 26.01 -26.36 60.42
CA ASN C 331 25.36 -25.66 59.32
C ASN C 331 24.14 -26.42 58.80
N LYS C 332 24.33 -27.70 58.49
CA LYS C 332 23.35 -28.45 57.74
C LYS C 332 22.33 -29.26 58.57
N ALA C 333 22.57 -29.43 59.87
CA ALA C 333 21.80 -30.41 60.69
C ALA C 333 20.75 -29.82 61.66
N LEU C 334 19.69 -30.60 61.86
CA LEU C 334 18.55 -30.19 62.64
C LEU C 334 17.97 -31.27 63.58
N PHE C 335 17.95 -30.96 64.88
CA PHE C 335 17.24 -31.77 65.87
C PHE C 335 15.76 -31.61 65.69
N VAL C 336 15.08 -32.72 65.49
CA VAL C 336 13.66 -32.72 65.32
C VAL C 336 13.09 -33.34 66.58
N ILE C 337 13.04 -32.58 67.67
CA ILE C 337 12.63 -33.15 68.96
C ILE C 337 11.15 -33.49 68.93
N SER C 338 10.83 -34.75 69.20
CA SER C 338 9.45 -35.20 69.27
C SER C 338 9.09 -35.21 70.76
N MET C 339 7.79 -35.20 71.09
CA MET C 339 7.34 -35.13 72.49
C MET C 339 6.06 -35.95 72.72
N SER C 340 6.21 -37.25 72.99
CA SER C 340 5.08 -38.07 73.45
C SER C 340 4.78 -37.76 74.90
N ASP C 341 3.68 -38.30 75.41
CA ASP C 341 3.13 -37.89 76.72
C ASP C 341 4.15 -37.93 77.88
N ASN C 342 4.91 -39.02 77.99
CA ASN C 342 5.81 -39.24 79.14
C ASN C 342 7.30 -38.85 78.88
N GLY C 343 7.64 -38.40 77.66
CA GLY C 343 9.04 -38.15 77.31
C GLY C 343 9.37 -37.43 76.01
N ALA C 344 10.62 -37.63 75.55
CA ALA C 344 11.24 -36.83 74.49
C ALA C 344 12.28 -37.61 73.65
N GLN C 345 11.91 -37.93 72.41
CA GLN C 345 12.76 -38.65 71.46
C GLN C 345 13.37 -37.63 70.51
N ILE C 346 14.69 -37.45 70.55
CA ILE C 346 15.38 -36.49 69.66
C ILE C 346 15.85 -37.17 68.34
N TYR C 347 15.46 -36.60 67.19
CA TYR C 347 15.94 -37.05 65.89
C TYR C 347 16.88 -36.01 65.38
N GLU C 348 18.18 -36.33 65.33
CA GLU C 348 19.09 -35.50 64.55
C GLU C 348 18.89 -35.78 63.05
N LEU C 349 18.66 -34.73 62.28
CA LEU C 349 18.58 -34.87 60.84
C LEU C 349 19.42 -33.80 60.17
N VAL C 350 20.53 -34.25 59.59
CA VAL C 350 21.39 -33.39 58.80
C VAL C 350 20.91 -33.46 57.37
N ALA C 351 20.86 -32.30 56.71
CA ALA C 351 20.50 -32.18 55.31
C ALA C 351 21.78 -31.91 54.60
N GLN C 352 21.84 -32.24 53.32
CA GLN C 352 23.13 -32.13 52.58
C GLN C 352 23.63 -30.68 52.41
N THR C 353 22.72 -29.72 52.24
CA THR C 353 23.07 -28.30 52.09
C THR C 353 22.43 -27.38 53.13
N VAL C 354 23.12 -26.27 53.38
CA VAL C 354 22.66 -25.25 54.32
C VAL C 354 21.29 -24.69 53.97
N SER C 355 21.03 -24.52 52.67
CA SER C 355 19.71 -24.08 52.24
C SER C 355 18.68 -25.21 52.42
N GLU C 356 18.99 -26.41 51.90
CA GLU C 356 18.09 -27.56 52.08
C GLU C 356 17.62 -27.61 53.52
N LYS C 357 18.53 -27.30 54.44
CA LYS C 357 18.15 -27.27 55.83
C LYS C 357 17.24 -26.04 56.08
N THR C 358 17.64 -24.85 55.65
CA THR C 358 16.90 -23.63 56.05
C THR C 358 15.43 -23.68 55.64
N VAL C 359 15.13 -24.48 54.61
CA VAL C 359 13.76 -24.69 54.17
C VAL C 359 13.07 -25.65 55.09
N TRP C 360 13.77 -26.76 55.33
CA TRP C 360 13.26 -27.87 56.13
C TRP C 360 12.76 -27.35 57.45
N GLN C 361 13.63 -26.61 58.12
CA GLN C 361 13.36 -25.96 59.38
C GLN C 361 12.11 -25.13 59.26
N ASP C 362 12.11 -24.22 58.30
CA ASP C 362 10.98 -23.34 58.09
C ASP C 362 9.67 -24.12 57.94
N LEU C 363 9.62 -25.02 56.96
CA LEU C 363 8.38 -25.70 56.60
C LEU C 363 7.78 -26.60 57.69
N ILE C 364 8.60 -27.46 58.29
CA ILE C 364 8.18 -28.26 59.44
C ILE C 364 7.51 -27.33 60.43
N CYS C 365 8.26 -26.29 60.81
CA CYS C 365 7.86 -25.29 61.79
C CYS C 365 6.60 -24.54 61.37
N ARG C 366 6.48 -24.30 60.08
CA ARG C 366 5.24 -23.79 59.52
C ARG C 366 4.10 -24.75 59.83
N MET C 367 4.28 -26.03 59.51
CA MET C 367 3.19 -27.01 59.64
C MET C 367 2.74 -27.34 61.07
N ALA C 368 3.51 -26.94 62.09
CA ALA C 368 3.06 -27.06 63.49
C ALA C 368 2.00 -25.98 63.79
N ALA C 369 2.27 -24.74 63.40
CA ALA C 369 1.27 -23.66 63.43
C ALA C 369 -0.06 -24.04 62.75
N SER C 370 -0.01 -25.03 61.89
CA SER C 370 -1.17 -25.50 61.17
C SER C 370 -1.67 -26.87 61.66
N VAL C 371 -1.04 -27.40 62.72
CA VAL C 371 -1.51 -28.61 63.39
C VAL C 371 -1.97 -28.25 64.80
N LYS C 372 -1.05 -27.69 65.59
CA LYS C 372 -1.35 -27.18 66.93
C LYS C 372 -2.55 -26.19 66.90
N GLU C 373 -2.50 -25.22 65.98
CA GLU C 373 -3.54 -24.19 65.88
C GLU C 373 -4.84 -24.74 65.35
N GLN C 374 -4.76 -25.45 64.23
CA GLN C 374 -5.96 -25.71 63.41
C GLN C 374 -6.98 -26.70 64.01
N SER C 375 -6.80 -27.04 65.29
CA SER C 375 -7.78 -27.78 66.09
C SER C 375 -8.37 -26.88 67.19
N ALA D 5 20.82 -45.26 11.70
CA ALA D 5 19.89 -44.46 12.57
C ALA D 5 20.51 -43.16 13.13
N ALA D 6 19.70 -42.14 13.34
CA ALA D 6 20.17 -40.91 13.99
C ALA D 6 20.33 -41.14 15.50
N ILE D 7 21.16 -40.32 16.15
CA ILE D 7 21.24 -40.32 17.62
C ILE D 7 20.73 -38.98 18.12
N ARG D 8 19.88 -39.01 19.12
CA ARG D 8 19.36 -37.78 19.68
C ARG D 8 19.63 -37.66 21.19
N LYS D 9 20.55 -36.77 21.55
CA LYS D 9 20.80 -36.52 22.94
C LYS D 9 20.16 -35.19 23.28
N LYS D 10 19.55 -35.12 24.47
CA LYS D 10 18.81 -33.94 24.93
C LYS D 10 19.57 -33.21 26.01
N LEU D 11 19.81 -31.92 25.84
CA LEU D 11 20.78 -31.22 26.65
C LEU D 11 20.11 -30.03 27.36
N VAL D 12 19.63 -30.18 28.58
CA VAL D 12 19.11 -29.01 29.28
C VAL D 12 20.25 -28.09 29.74
N ILE D 13 20.06 -26.78 29.67
CA ILE D 13 21.04 -25.85 30.27
C ILE D 13 20.47 -25.09 31.47
N VAL D 14 21.06 -25.33 32.64
CA VAL D 14 20.59 -24.78 33.91
C VAL D 14 21.59 -23.81 34.45
N GLY D 15 21.13 -22.86 35.24
CA GLY D 15 22.02 -21.89 35.88
C GLY D 15 21.30 -20.57 36.15
N ASP D 16 21.87 -19.75 36.99
CA ASP D 16 21.31 -18.46 37.37
C ASP D 16 20.63 -17.63 36.25
N GLY D 17 20.16 -16.44 36.63
CA GLY D 17 19.63 -15.45 35.69
C GLY D 17 20.70 -14.83 34.79
N ALA D 18 21.39 -13.81 35.30
CA ALA D 18 22.45 -13.14 34.52
C ALA D 18 23.63 -14.07 34.36
N CYS D 19 23.78 -14.62 33.17
CA CYS D 19 24.99 -15.41 32.84
C CYS D 19 25.04 -15.97 31.40
N GLY D 20 24.09 -15.56 30.56
CA GLY D 20 24.15 -15.89 29.16
C GLY D 20 23.83 -17.33 28.94
N LYS D 21 22.70 -17.79 29.49
CA LYS D 21 22.20 -19.10 29.10
C LYS D 21 21.55 -19.07 27.67
N THR D 22 20.45 -18.30 27.56
CA THR D 22 19.68 -18.11 26.33
C THR D 22 20.58 -17.63 25.18
N CYS D 23 21.76 -17.16 25.55
CA CYS D 23 22.72 -16.66 24.60
C CYS D 23 23.62 -17.76 24.08
N LEU D 24 24.38 -18.39 24.98
CA LEU D 24 25.25 -19.46 24.54
C LEU D 24 24.55 -20.41 23.60
N LEU D 25 23.31 -20.76 23.91
CA LEU D 25 22.54 -21.65 23.05
C LEU D 25 22.31 -21.07 21.64
N ILE D 26 22.15 -19.76 21.54
CA ILE D 26 22.04 -19.09 20.24
C ILE D 26 23.38 -19.09 19.51
N VAL D 27 24.37 -18.49 20.15
CA VAL D 27 25.68 -18.36 19.58
C VAL D 27 26.21 -19.68 19.10
N PHE D 28 25.89 -20.75 19.83
CA PHE D 28 26.30 -22.08 19.42
C PHE D 28 25.56 -22.53 18.22
N SER D 29 24.24 -22.41 18.31
CA SER D 29 23.34 -23.04 17.35
C SER D 29 23.27 -22.33 16.01
N LYS D 30 23.42 -21.00 16.02
CA LYS D 30 23.35 -20.22 14.78
C LYS D 30 24.68 -19.56 14.47
N ASP D 31 25.75 -20.31 14.72
CA ASP D 31 27.16 -19.91 14.50
C ASP D 31 27.49 -18.40 14.53
N GLN D 32 26.68 -17.59 15.21
CA GLN D 32 26.91 -16.16 15.24
C GLN D 32 26.27 -15.53 16.45
N PHE D 33 26.92 -14.51 16.97
CA PHE D 33 26.48 -13.79 18.14
C PHE D 33 25.66 -12.62 17.63
N PRO D 34 24.58 -12.23 18.34
CA PRO D 34 23.72 -11.15 17.87
C PRO D 34 24.09 -9.81 18.47
N GLU D 35 25.04 -9.14 17.85
CA GLU D 35 25.58 -7.88 18.38
C GLU D 35 24.52 -6.78 18.24
N VAL D 36 23.42 -7.10 17.52
CA VAL D 36 22.28 -6.20 17.37
C VAL D 36 21.34 -6.38 18.55
N TYR D 37 20.62 -7.50 18.63
CA TYR D 37 19.58 -7.65 19.65
C TYR D 37 19.59 -9.04 20.28
N VAL D 38 20.08 -9.13 21.52
CA VAL D 38 20.17 -10.41 22.21
C VAL D 38 18.77 -10.85 22.63
N PRO D 39 18.23 -11.82 21.92
CA PRO D 39 16.82 -12.13 22.06
C PRO D 39 16.52 -12.81 23.37
N THR D 40 15.34 -12.53 23.94
CA THR D 40 15.04 -12.93 25.29
C THR D 40 14.63 -14.37 25.26
N VAL D 41 14.26 -14.88 24.08
CA VAL D 41 13.67 -16.23 23.95
C VAL D 41 14.49 -17.14 23.06
N PHE D 42 14.49 -18.43 23.41
CA PHE D 42 15.09 -19.50 22.59
C PHE D 42 14.17 -20.71 22.57
N GLU D 43 13.61 -21.06 21.43
CA GLU D 43 12.63 -22.15 21.39
C GLU D 43 13.36 -23.47 21.29
N ASN D 44 12.73 -24.56 21.66
CA ASN D 44 13.46 -25.81 21.64
C ASN D 44 13.98 -26.16 20.26
N TYR D 45 15.28 -26.36 20.16
CA TYR D 45 15.94 -26.48 18.87
C TYR D 45 16.77 -27.78 18.77
N VAL D 46 16.82 -28.40 17.59
CA VAL D 46 17.69 -29.54 17.37
C VAL D 46 18.84 -29.09 16.52
N ALA D 47 20.04 -29.14 17.05
CA ALA D 47 21.25 -28.82 16.29
C ALA D 47 21.97 -30.10 15.97
N ASP D 48 22.72 -30.12 14.86
CA ASP D 48 23.49 -31.31 14.47
C ASP D 48 24.96 -31.10 14.75
N ILE D 49 25.64 -32.17 15.11
CA ILE D 49 27.05 -32.06 15.43
C ILE D 49 27.77 -33.40 15.34
N GLU D 50 29.02 -33.32 14.86
CA GLU D 50 29.92 -34.44 14.80
C GLU D 50 31.01 -34.28 15.84
N VAL D 51 31.24 -35.37 16.57
CA VAL D 51 32.24 -35.42 17.60
C VAL D 51 32.77 -36.83 17.59
N ASP D 52 34.10 -36.94 17.51
CA ASP D 52 34.78 -38.21 17.28
C ASP D 52 33.96 -39.05 16.32
N GLY D 53 33.70 -38.50 15.14
CA GLY D 53 33.09 -39.27 14.05
C GLY D 53 31.72 -39.85 14.35
N LYS D 54 30.85 -39.06 14.97
CA LYS D 54 29.47 -39.48 15.20
C LYS D 54 28.52 -38.31 15.01
N GLN D 55 27.63 -38.41 14.04
CA GLN D 55 26.57 -37.43 13.84
C GLN D 55 25.64 -37.54 15.03
N VAL D 56 25.27 -36.40 15.60
CA VAL D 56 24.40 -36.40 16.74
C VAL D 56 23.48 -35.21 16.63
N GLU D 57 22.26 -35.39 17.12
CA GLU D 57 21.30 -34.31 17.13
C GLU D 57 21.15 -33.87 18.57
N LEU D 58 21.59 -32.67 18.89
CA LEU D 58 21.41 -32.15 20.25
C LEU D 58 20.13 -31.37 20.33
N ALA D 59 19.07 -31.96 20.87
CA ALA D 59 17.94 -31.17 21.33
C ALA D 59 18.43 -30.16 22.42
N LEU D 60 18.66 -28.90 22.06
CA LEU D 60 19.03 -27.89 23.02
C LEU D 60 17.75 -27.35 23.64
N TRP D 61 17.64 -27.41 24.98
CA TRP D 61 16.59 -26.73 25.77
C TRP D 61 17.14 -25.60 26.64
N ASP D 62 16.62 -24.40 26.48
CA ASP D 62 16.84 -23.33 27.44
C ASP D 62 15.92 -23.57 28.63
N THR D 63 16.22 -22.89 29.74
CA THR D 63 15.45 -22.94 31.00
C THR D 63 15.63 -21.57 31.62
N ALA D 64 15.38 -20.55 30.83
CA ALA D 64 15.65 -19.20 31.23
C ALA D 64 14.34 -18.49 31.51
N GLY D 65 14.21 -17.97 32.73
CA GLY D 65 12.94 -17.42 33.26
C GLY D 65 12.06 -18.49 33.92
N GLN D 66 12.66 -19.64 34.20
CA GLN D 66 12.08 -20.65 35.04
C GLN D 66 12.73 -20.58 36.41
N GLU D 67 13.68 -19.65 36.57
CA GLU D 67 14.61 -19.75 37.68
C GLU D 67 13.97 -19.56 39.03
N ASP D 68 12.81 -18.91 39.05
CA ASP D 68 12.13 -18.60 40.30
C ASP D 68 10.90 -19.47 40.58
N TYR D 69 10.58 -20.46 39.73
CA TYR D 69 9.33 -21.25 39.89
C TYR D 69 9.48 -22.76 40.16
N ASP D 70 10.38 -23.07 41.09
CA ASP D 70 10.47 -24.30 41.90
C ASP D 70 9.80 -25.55 41.36
N ARG D 71 8.53 -25.46 41.02
CA ARG D 71 7.82 -26.66 40.58
C ARG D 71 7.57 -26.79 39.08
N LEU D 72 7.71 -25.67 38.37
CA LEU D 72 7.69 -25.69 36.91
C LEU D 72 9.03 -26.16 36.40
N ARG D 73 10.09 -25.57 36.96
CA ARG D 73 11.46 -25.82 36.54
C ARG D 73 11.75 -27.27 36.15
N PRO D 74 11.41 -28.25 37.01
CA PRO D 74 11.72 -29.64 36.64
C PRO D 74 10.95 -30.24 35.50
N LEU D 75 9.94 -29.56 34.97
CA LEU D 75 9.25 -30.11 33.79
C LEU D 75 10.19 -30.20 32.56
N SER D 76 11.32 -29.48 32.63
CA SER D 76 12.36 -29.58 31.60
C SER D 76 13.22 -30.84 31.69
N TYR D 77 13.47 -31.33 32.90
CA TYR D 77 14.51 -32.36 33.17
C TYR D 77 14.28 -33.85 32.76
N PRO D 78 13.06 -34.23 32.43
CA PRO D 78 12.95 -35.65 32.09
C PRO D 78 13.74 -36.00 30.85
N ASP D 79 14.13 -37.25 30.70
CA ASP D 79 14.87 -37.70 29.53
C ASP D 79 16.08 -36.86 29.16
N THR D 80 16.61 -36.09 30.10
CA THR D 80 17.80 -35.31 29.84
C THR D 80 19.00 -36.25 29.69
N ASP D 81 19.92 -35.94 28.76
CA ASP D 81 21.06 -36.80 28.45
C ASP D 81 22.44 -36.21 28.79
N VAL D 82 22.49 -34.93 29.10
CA VAL D 82 23.74 -34.23 29.40
C VAL D 82 23.31 -32.91 29.98
N ILE D 83 24.00 -32.38 31.00
CA ILE D 83 23.62 -31.10 31.57
C ILE D 83 24.75 -30.10 31.54
N LEU D 84 24.55 -29.02 30.80
CA LEU D 84 25.38 -27.86 30.96
C LEU D 84 24.85 -27.16 32.14
N MET D 85 25.60 -27.18 33.21
CA MET D 85 25.33 -26.25 34.29
C MET D 85 26.28 -25.10 34.13
N CYS D 86 25.98 -23.93 34.68
CA CYS D 86 27.00 -22.86 34.66
C CYS D 86 26.74 -21.53 35.37
N PHE D 87 27.74 -20.67 35.23
CA PHE D 87 27.80 -19.38 35.88
C PHE D 87 28.39 -18.33 34.96
N SER D 88 28.56 -17.12 35.49
CA SER D 88 29.28 -16.06 34.78
C SER D 88 30.59 -15.71 35.48
N ILE D 89 31.72 -15.95 34.81
CA ILE D 89 33.07 -15.65 35.32
C ILE D 89 33.21 -14.29 36.08
N ASP D 90 32.25 -13.39 35.85
CA ASP D 90 32.22 -12.07 36.46
C ASP D 90 31.41 -12.04 37.74
N SER D 91 30.90 -13.18 38.20
CA SER D 91 29.98 -13.20 39.34
C SER D 91 30.29 -14.42 40.18
N PRO D 92 31.15 -14.27 41.18
CA PRO D 92 31.37 -15.44 42.03
C PRO D 92 30.06 -15.82 42.72
N ASP D 93 29.20 -14.81 42.94
CA ASP D 93 27.82 -15.05 43.43
C ASP D 93 27.13 -16.12 42.59
N SER D 94 27.18 -15.98 41.28
CA SER D 94 26.58 -16.98 40.42
C SER D 94 27.31 -18.35 40.44
N LEU D 95 28.53 -18.36 40.94
CA LEU D 95 29.28 -19.59 41.09
C LEU D 95 28.84 -20.29 42.35
N GLU D 96 28.82 -19.53 43.45
CA GLU D 96 28.38 -20.03 44.75
C GLU D 96 26.96 -20.64 44.71
N ASN D 97 26.29 -20.63 43.56
CA ASN D 97 24.98 -21.27 43.43
C ASN D 97 24.99 -22.64 42.75
N ILE D 98 26.11 -22.98 42.13
CA ILE D 98 26.25 -24.25 41.46
C ILE D 98 26.12 -25.37 42.49
N PRO D 99 26.84 -25.25 43.60
CA PRO D 99 26.82 -26.34 44.53
C PRO D 99 25.75 -26.19 45.63
N GLU D 100 25.10 -25.06 45.75
CA GLU D 100 24.07 -24.93 46.79
C GLU D 100 22.66 -24.91 46.24
N LYS D 101 22.47 -24.54 44.97
CA LYS D 101 21.14 -24.61 44.40
C LYS D 101 21.02 -25.65 43.32
N TRP D 102 21.86 -25.55 42.30
CA TRP D 102 21.65 -26.33 41.08
C TRP D 102 22.09 -27.78 41.16
N THR D 103 23.30 -28.03 41.65
CA THR D 103 23.77 -29.41 41.77
C THR D 103 22.79 -30.23 42.64
N PRO D 104 22.54 -29.78 43.89
CA PRO D 104 21.52 -30.41 44.73
C PRO D 104 20.29 -30.88 43.96
N GLU D 105 19.73 -29.99 43.16
CA GLU D 105 18.47 -30.29 42.50
C GLU D 105 18.66 -31.12 41.24
N VAL D 106 19.77 -30.88 40.54
CA VAL D 106 19.97 -31.48 39.24
C VAL D 106 20.56 -32.88 39.34
N LYS D 107 21.13 -33.22 40.50
CA LYS D 107 21.60 -34.60 40.78
C LYS D 107 20.41 -35.45 41.16
N HIS D 108 19.33 -34.75 41.49
CA HIS D 108 18.10 -35.31 42.03
C HIS D 108 17.13 -35.73 40.92
N PHE D 109 16.88 -34.84 39.96
CA PHE D 109 15.98 -35.10 38.83
C PHE D 109 16.72 -35.62 37.62
N CYS D 110 18.03 -35.50 37.62
CA CYS D 110 18.85 -36.08 36.59
C CYS D 110 19.92 -36.80 37.34
N PRO D 111 19.55 -37.95 37.91
CA PRO D 111 20.58 -38.73 38.54
C PRO D 111 21.32 -39.55 37.47
N ASN D 112 22.64 -39.64 37.62
CA ASN D 112 23.52 -40.22 36.62
C ASN D 112 23.32 -39.60 35.28
N VAL D 113 23.47 -38.27 35.24
CA VAL D 113 23.41 -37.52 34.02
C VAL D 113 24.56 -36.56 34.04
N PRO D 114 25.51 -36.75 33.12
CA PRO D 114 26.80 -36.04 33.25
C PRO D 114 26.64 -34.52 33.18
N ILE D 115 27.24 -33.84 34.15
CA ILE D 115 27.16 -32.40 34.24
C ILE D 115 28.45 -31.82 33.66
N ILE D 116 28.33 -30.79 32.83
CA ILE D 116 29.48 -30.03 32.34
C ILE D 116 29.44 -28.62 32.94
N LEU D 117 30.07 -28.42 34.08
CA LEU D 117 30.15 -27.07 34.57
C LEU D 117 30.83 -26.19 33.53
N VAL D 118 30.17 -25.09 33.19
CA VAL D 118 30.69 -24.13 32.23
C VAL D 118 30.84 -22.72 32.81
N GLY D 119 31.98 -22.10 32.52
CA GLY D 119 32.24 -20.73 32.91
C GLY D 119 31.97 -19.85 31.72
N ASN D 120 30.85 -19.10 31.79
CA ASN D 120 30.43 -18.22 30.69
C ASN D 120 30.98 -16.80 30.81
N LYS D 121 30.84 -16.05 29.74
CA LYS D 121 31.42 -14.72 29.65
C LYS D 121 32.89 -14.70 30.06
N LYS D 122 33.65 -15.67 29.57
CA LYS D 122 35.09 -15.72 29.79
C LYS D 122 35.75 -14.36 29.59
N ASP D 123 35.30 -13.64 28.58
CA ASP D 123 36.00 -12.44 28.09
C ASP D 123 36.08 -11.26 29.10
N LEU D 124 35.11 -11.20 30.03
CA LEU D 124 35.00 -10.11 31.00
C LEU D 124 35.85 -10.38 32.22
N ARG D 125 36.66 -11.43 32.21
CA ARG D 125 37.62 -11.67 33.27
C ARG D 125 38.54 -10.46 33.37
N ASN D 126 38.85 -9.83 32.23
CA ASN D 126 39.75 -8.69 32.18
C ASN D 126 39.12 -7.38 31.71
N ASP D 127 37.78 -7.31 31.71
CA ASP D 127 37.08 -6.04 31.54
C ASP D 127 37.31 -5.25 32.83
N GLU D 128 37.92 -4.08 32.71
CA GLU D 128 38.17 -3.24 33.89
C GLU D 128 36.87 -2.84 34.58
N HIS D 129 35.88 -2.40 33.78
CA HIS D 129 34.55 -2.07 34.29
C HIS D 129 33.92 -3.23 35.08
N THR D 130 34.08 -4.47 34.59
CA THR D 130 33.63 -5.62 35.37
C THR D 130 34.42 -5.64 36.68
N ARG D 131 35.74 -5.84 36.59
CA ARG D 131 36.63 -5.91 37.77
C ARG D 131 36.22 -4.92 38.86
N ARG D 132 36.00 -3.67 38.44
CA ARG D 132 35.53 -2.59 39.34
C ARG D 132 34.28 -2.96 40.12
N GLU D 133 33.12 -2.91 39.46
CA GLU D 133 31.83 -3.02 40.17
C GLU D 133 31.86 -4.18 41.18
N LEU D 134 32.63 -5.23 40.87
CA LEU D 134 32.85 -6.32 41.81
C LEU D 134 33.71 -5.92 43.00
N ALA D 135 34.85 -5.27 42.75
CA ALA D 135 35.65 -4.67 43.86
C ALA D 135 34.84 -3.66 44.70
N LYS D 136 33.68 -3.24 44.20
CA LYS D 136 32.71 -2.45 44.97
C LYS D 136 31.70 -3.37 45.74
N MET D 137 31.94 -4.69 45.70
CA MET D 137 31.30 -5.63 46.63
C MET D 137 32.40 -6.42 47.42
N LYS D 138 33.62 -5.88 47.47
CA LYS D 138 34.81 -6.60 48.02
C LYS D 138 35.01 -7.95 47.28
N GLN D 139 34.73 -7.94 45.98
CA GLN D 139 34.73 -9.12 45.11
C GLN D 139 35.61 -8.96 43.87
N GLU D 140 35.83 -10.09 43.21
CA GLU D 140 36.62 -10.15 41.99
C GLU D 140 36.20 -11.33 41.13
N PRO D 141 36.44 -11.26 39.80
CA PRO D 141 35.98 -12.30 38.92
C PRO D 141 36.55 -13.64 39.29
N VAL D 142 35.83 -14.67 38.90
CA VAL D 142 36.19 -16.00 39.19
C VAL D 142 37.44 -16.28 38.41
N LYS D 143 38.37 -17.03 39.00
CA LYS D 143 39.56 -17.56 38.30
C LYS D 143 39.33 -19.00 37.74
N PRO D 144 40.14 -19.43 36.75
CA PRO D 144 39.91 -20.71 36.07
C PRO D 144 40.21 -21.89 36.96
N GLU D 145 40.90 -21.61 38.05
CA GLU D 145 41.40 -22.61 38.96
C GLU D 145 40.21 -22.97 39.85
N GLU D 146 39.47 -21.93 40.26
CA GLU D 146 38.23 -22.06 41.04
C GLU D 146 37.24 -23.00 40.36
N GLY D 147 36.90 -22.69 39.12
CA GLY D 147 36.01 -23.53 38.34
C GLY D 147 36.56 -24.94 38.17
N ARG D 148 37.85 -25.06 37.85
CA ARG D 148 38.44 -26.38 37.69
C ARG D 148 38.41 -27.16 38.99
N ASP D 149 38.19 -26.48 40.12
CA ASP D 149 37.92 -27.17 41.37
C ASP D 149 36.45 -27.42 41.48
N MET D 150 35.69 -26.35 41.52
CA MET D 150 34.24 -26.45 41.69
C MET D 150 33.64 -27.57 40.85
N ALA D 151 34.22 -27.78 39.68
CA ALA D 151 33.74 -28.79 38.76
C ALA D 151 34.02 -30.21 39.25
N ASN D 152 35.13 -30.36 39.97
CA ASN D 152 35.41 -31.60 40.68
C ASN D 152 34.39 -31.81 41.80
N ARG D 153 34.37 -30.85 42.73
CA ARG D 153 33.45 -30.84 43.87
C ARG D 153 31.99 -31.17 43.55
N ILE D 154 31.43 -30.61 42.48
CA ILE D 154 30.03 -30.88 42.17
C ILE D 154 29.86 -32.24 41.50
N GLY D 155 30.92 -32.78 40.92
CA GLY D 155 30.94 -34.14 40.40
C GLY D 155 30.91 -34.20 38.89
N ALA D 156 31.34 -33.11 38.27
CA ALA D 156 31.19 -32.89 36.85
C ALA D 156 32.07 -33.76 36.01
N PHE D 157 31.81 -33.70 34.73
CA PHE D 157 32.54 -34.49 33.73
C PHE D 157 33.68 -33.66 33.16
N GLY D 158 33.45 -32.36 33.09
CA GLY D 158 34.49 -31.42 32.73
C GLY D 158 34.11 -29.99 33.07
N TYR D 159 35.12 -29.15 33.14
CA TYR D 159 34.93 -27.74 33.23
C TYR D 159 35.35 -27.18 31.89
N MET D 160 34.64 -26.17 31.43
CA MET D 160 34.96 -25.55 30.16
C MET D 160 34.54 -24.10 30.21
N GLU D 161 35.38 -23.18 29.76
CA GLU D 161 35.00 -21.77 29.72
C GLU D 161 34.77 -21.32 28.31
N CYS D 162 33.99 -20.27 28.14
CA CYS D 162 33.71 -19.78 26.81
C CYS D 162 33.08 -18.41 26.85
N SER D 163 33.59 -17.53 25.99
CA SER D 163 33.05 -16.21 25.83
C SER D 163 32.14 -16.27 24.65
N ALA D 164 30.87 -15.97 24.89
CA ALA D 164 29.85 -16.12 23.88
C ALA D 164 29.98 -15.02 22.85
N LYS D 165 30.38 -13.83 23.31
CA LYS D 165 30.74 -12.69 22.44
C LYS D 165 31.85 -13.03 21.43
N THR D 166 33.05 -13.29 21.95
CA THR D 166 34.21 -13.63 21.11
C THR D 166 34.02 -14.98 20.45
N LYS D 167 32.84 -15.58 20.66
CA LYS D 167 32.44 -16.82 19.98
C LYS D 167 33.47 -17.91 20.29
N ASP D 168 34.18 -17.74 21.41
CA ASP D 168 35.42 -18.45 21.70
C ASP D 168 35.14 -19.58 22.69
N GLY D 169 35.50 -20.81 22.34
CA GLY D 169 35.30 -21.95 23.21
C GLY D 169 33.92 -22.56 23.07
N VAL D 170 33.04 -21.90 22.32
CA VAL D 170 31.66 -22.30 22.33
C VAL D 170 31.53 -23.69 21.72
N ARG D 171 32.30 -23.99 20.69
CA ARG D 171 32.22 -25.32 20.10
C ARG D 171 32.65 -26.37 21.12
N GLU D 172 33.82 -26.15 21.69
CA GLU D 172 34.46 -27.12 22.57
C GLU D 172 33.53 -27.52 23.75
N VAL D 173 32.76 -26.56 24.27
CA VAL D 173 31.78 -26.85 25.34
C VAL D 173 30.75 -27.90 24.90
N PHE D 174 30.11 -27.65 23.78
CA PHE D 174 29.12 -28.58 23.21
C PHE D 174 29.72 -29.85 22.60
N GLU D 175 31.05 -29.91 22.45
CA GLU D 175 31.68 -31.14 22.03
C GLU D 175 31.79 -32.05 23.22
N MET D 176 32.32 -31.48 24.28
CA MET D 176 32.47 -32.21 25.51
C MET D 176 31.10 -32.72 25.95
N ALA D 177 30.13 -31.82 25.99
CA ALA D 177 28.76 -32.19 26.36
C ALA D 177 28.34 -33.36 25.50
N THR D 178 28.69 -33.30 24.21
CA THR D 178 28.35 -34.36 23.25
C THR D 178 29.07 -35.66 23.54
N ARG D 179 30.38 -35.59 23.80
CA ARG D 179 31.15 -36.81 24.15
C ARG D 179 30.62 -37.43 25.42
N ALA D 180 30.19 -36.54 26.32
CA ALA D 180 29.69 -36.89 27.64
C ALA D 180 28.30 -37.45 27.54
N ALA D 181 27.48 -36.84 26.70
CA ALA D 181 26.16 -37.34 26.43
C ALA D 181 26.23 -38.78 25.97
N LEU D 182 27.17 -39.05 25.06
CA LEU D 182 27.29 -40.37 24.44
C LEU D 182 27.68 -41.47 25.41
N GLN D 183 28.45 -41.13 26.45
CA GLN D 183 28.84 -42.12 27.46
C GLN D 183 27.59 -42.70 28.11
N ALA D 184 27.50 -44.03 28.15
CA ALA D 184 26.36 -44.70 28.75
C ALA D 184 26.85 -45.96 29.49
N PRO E 3 15.61 15.64 13.08
CA PRO E 3 16.31 16.52 12.12
C PRO E 3 15.78 16.58 10.65
N PRO E 4 14.50 16.17 10.39
CA PRO E 4 14.19 15.56 9.08
C PRO E 4 13.55 16.46 8.00
N ASN E 5 14.08 16.48 6.77
CA ASN E 5 13.39 17.09 5.61
C ASN E 5 12.24 16.21 5.11
N TRP E 6 11.32 16.77 4.34
CA TRP E 6 10.18 16.01 3.86
C TRP E 6 10.56 15.19 2.65
N GLN E 7 11.34 15.80 1.76
CA GLN E 7 11.66 15.22 0.43
C GLN E 7 12.24 13.81 0.48
N GLN E 8 13.01 13.54 1.53
CA GLN E 8 13.69 12.26 1.72
C GLN E 8 12.82 11.20 2.39
N LEU E 9 11.51 11.35 2.23
CA LEU E 9 10.55 10.31 2.55
C LEU E 9 10.05 9.62 1.29
N VAL E 10 10.26 10.23 0.12
CA VAL E 10 9.62 9.78 -1.13
C VAL E 10 10.62 9.45 -2.25
N SER E 11 10.13 8.70 -3.24
CA SER E 11 10.86 8.37 -4.46
C SER E 11 11.36 9.63 -5.19
N ARG E 12 12.47 9.46 -5.92
CA ARG E 12 13.06 10.48 -6.80
C ARG E 12 12.09 10.84 -7.93
N GLU E 13 11.26 9.87 -8.28
CA GLU E 13 10.37 9.99 -9.41
C GLU E 13 9.07 10.66 -8.99
N VAL E 14 8.72 10.56 -7.71
CA VAL E 14 7.56 11.31 -7.16
C VAL E 14 7.87 12.82 -7.02
N LEU E 15 9.10 13.17 -6.65
CA LEU E 15 9.56 14.58 -6.58
C LEU E 15 9.76 15.21 -7.97
N LEU E 16 10.17 14.40 -8.95
CA LEU E 16 10.26 14.82 -10.35
C LEU E 16 8.85 15.00 -10.95
N GLY E 17 7.86 14.28 -10.40
CA GLY E 17 6.46 14.39 -10.79
C GLY E 17 5.66 15.50 -10.11
N LEU E 18 6.27 16.19 -9.15
CA LEU E 18 5.64 17.34 -8.50
C LEU E 18 6.23 18.66 -8.94
N LYS E 19 5.48 19.72 -8.65
CA LYS E 19 5.88 21.07 -9.02
C LYS E 19 7.16 21.51 -8.27
N PRO E 20 7.53 22.81 -8.36
CA PRO E 20 8.63 23.29 -7.55
C PRO E 20 8.15 23.85 -6.23
N CYS E 21 7.05 24.60 -6.24
CA CYS E 21 6.54 25.11 -4.99
C CYS E 21 5.67 24.04 -4.30
N GLU E 22 5.12 23.09 -5.06
CA GLU E 22 4.26 22.05 -4.49
C GLU E 22 5.09 21.23 -3.53
N ILE E 23 6.36 21.02 -3.87
CA ILE E 23 7.32 20.50 -2.92
C ILE E 23 7.38 21.40 -1.67
N LYS E 24 7.70 22.68 -1.85
CA LYS E 24 7.83 23.62 -0.72
C LYS E 24 6.62 23.69 0.20
N ARG E 25 5.48 23.21 -0.30
CA ARG E 25 4.25 23.17 0.48
C ARG E 25 4.29 21.94 1.36
N GLN E 26 4.34 20.77 0.73
CA GLN E 26 4.30 19.51 1.45
C GLN E 26 5.20 19.52 2.68
N GLU E 27 6.25 20.34 2.58
CA GLU E 27 7.19 20.60 3.67
C GLU E 27 6.49 21.28 4.82
N VAL E 28 5.84 22.40 4.55
CA VAL E 28 5.26 23.22 5.61
C VAL E 28 4.17 22.42 6.30
N ILE E 29 3.26 21.88 5.50
CA ILE E 29 2.27 20.90 5.98
C ILE E 29 2.90 19.83 6.86
N ASN E 30 4.10 19.40 6.49
CA ASN E 30 4.84 18.43 7.31
C ASN E 30 5.39 19.05 8.61
N GLU E 31 5.89 20.28 8.56
CA GLU E 31 6.35 20.89 9.79
C GLU E 31 5.15 21.13 10.69
N LEU E 32 3.96 21.26 10.10
CA LEU E 32 2.76 21.40 10.91
C LEU E 32 2.53 20.14 11.69
N PHE E 33 2.67 19.00 11.04
CA PHE E 33 2.34 17.76 11.66
C PHE E 33 3.32 17.42 12.76
N TYR E 34 4.61 17.30 12.42
CA TYR E 34 5.55 16.87 13.46
C TYR E 34 5.59 17.91 14.63
N THR E 35 5.55 19.20 14.36
CA THR E 35 5.58 20.11 15.48
C THR E 35 4.38 19.95 16.41
N GLU E 36 3.24 19.44 15.93
CA GLU E 36 2.12 19.14 16.86
C GLU E 36 2.53 17.93 17.73
N ARG E 37 2.93 16.84 17.09
CA ARG E 37 3.41 15.69 17.83
C ARG E 37 4.45 16.08 18.89
N ALA E 38 5.37 16.96 18.54
CA ALA E 38 6.39 17.49 19.48
C ALA E 38 5.78 18.19 20.66
N HIS E 39 4.74 18.95 20.37
CA HIS E 39 4.14 19.82 21.36
C HIS E 39 3.35 18.99 22.32
N VAL E 40 2.74 17.92 21.81
CA VAL E 40 2.08 16.99 22.68
C VAL E 40 3.10 16.39 23.61
N ARG E 41 4.27 16.05 23.05
CA ARG E 41 5.35 15.38 23.79
C ARG E 41 5.77 16.25 24.96
N THR E 42 5.88 17.56 24.71
CA THR E 42 6.19 18.53 25.75
C THR E 42 5.10 18.72 26.79
N LEU E 43 3.82 18.64 26.39
CA LEU E 43 2.72 18.56 27.39
C LEU E 43 2.71 17.22 28.15
N LYS E 44 3.06 16.12 27.48
CA LYS E 44 3.06 14.84 28.18
C LYS E 44 4.18 14.84 29.22
N VAL E 45 5.33 15.40 28.88
CA VAL E 45 6.40 15.58 29.84
C VAL E 45 5.91 16.31 31.06
N LEU E 46 5.36 17.49 30.83
CA LEU E 46 4.87 18.32 31.92
C LEU E 46 3.97 17.51 32.80
N ASP E 47 3.07 16.78 32.16
CA ASP E 47 2.08 15.98 32.84
C ASP E 47 2.71 14.81 33.61
N GLN E 48 3.37 13.89 32.91
CA GLN E 48 3.82 12.64 33.53
C GLN E 48 5.16 12.67 34.25
N VAL E 49 5.91 13.74 34.07
CA VAL E 49 7.18 13.93 34.76
C VAL E 49 7.05 14.99 35.86
N PHE E 50 5.93 15.69 35.93
CA PHE E 50 5.71 16.59 37.06
C PHE E 50 4.33 16.39 37.66
N TYR E 51 3.31 17.04 37.08
CA TYR E 51 1.98 17.01 37.67
C TYR E 51 1.62 15.62 38.19
N GLN E 52 1.70 14.61 37.35
CA GLN E 52 1.28 13.28 37.74
C GLN E 52 1.95 12.79 39.03
N ARG E 53 3.27 12.97 39.08
CA ARG E 53 4.13 12.41 40.14
C ARG E 53 4.06 13.23 41.41
N VAL E 54 4.36 14.52 41.34
CA VAL E 54 4.33 15.39 42.53
C VAL E 54 2.97 15.44 43.20
N SER E 55 1.94 15.11 42.43
CA SER E 55 0.61 15.00 43.00
C SER E 55 0.54 13.91 44.06
N ARG E 56 1.16 12.76 43.78
CA ARG E 56 1.10 11.59 44.68
C ARG E 56 2.07 11.60 45.85
N GLU E 57 3.23 12.24 45.67
CA GLU E 57 4.18 12.49 46.77
C GLU E 57 3.52 13.14 47.97
N GLY E 58 2.45 13.88 47.74
CA GLY E 58 1.74 14.55 48.83
C GLY E 58 2.55 15.71 49.35
N ILE E 59 3.02 16.57 48.44
CA ILE E 59 3.87 17.72 48.79
C ILE E 59 3.11 19.03 48.81
N LEU E 60 2.21 19.21 47.85
CA LEU E 60 1.38 20.40 47.83
C LEU E 60 -0.09 20.03 47.86
N SER E 61 -0.89 20.93 48.45
CA SER E 61 -2.33 20.78 48.56
C SER E 61 -2.89 20.74 47.17
N PRO E 62 -4.16 20.37 47.02
CA PRO E 62 -4.57 20.06 45.67
C PRO E 62 -4.97 21.33 44.92
N SER E 63 -4.97 22.48 45.62
CA SER E 63 -5.21 23.77 44.97
C SER E 63 -3.88 24.49 44.67
N GLU E 64 -2.90 24.39 45.58
CA GLU E 64 -1.51 24.79 45.28
C GLU E 64 -0.99 24.07 44.05
N LEU E 65 -1.64 22.94 43.73
CA LEU E 65 -1.38 22.22 42.51
C LEU E 65 -2.04 22.85 41.30
N ARG E 66 -3.27 23.32 41.42
CA ARG E 66 -3.94 24.01 40.30
C ARG E 66 -3.23 25.31 39.95
N LYS E 67 -2.85 26.05 40.99
CA LYS E 67 -2.17 27.32 40.82
C LYS E 67 -0.92 27.09 39.98
N ILE E 68 -0.28 25.94 40.06
CA ILE E 68 0.77 25.57 39.11
C ILE E 68 0.19 25.09 37.76
N PHE E 69 -0.24 23.83 37.70
CA PHE E 69 -0.62 23.14 36.45
C PHE E 69 -1.97 23.51 35.82
N SER E 70 -2.76 24.31 36.52
CA SER E 70 -3.98 24.92 36.00
C SER E 70 -4.82 23.91 35.24
N ASN E 71 -4.97 24.03 33.93
CA ASN E 71 -5.76 23.05 33.20
C ASN E 71 -4.91 22.19 32.26
N LEU E 72 -3.62 22.08 32.55
CA LEU E 72 -2.75 21.28 31.72
C LEU E 72 -3.46 20.02 31.20
N GLU E 73 -4.37 19.43 31.95
CA GLU E 73 -5.05 18.26 31.43
C GLU E 73 -6.02 18.58 30.29
N ASP E 74 -6.52 19.80 30.21
CA ASP E 74 -7.34 20.20 29.07
C ASP E 74 -6.50 20.29 27.84
N ILE E 75 -5.61 21.29 27.87
CA ILE E 75 -4.89 21.69 26.70
C ILE E 75 -4.10 20.52 26.24
N LEU E 76 -3.57 19.71 27.15
CA LEU E 76 -2.98 18.43 26.73
C LEU E 76 -3.97 17.62 25.91
N GLN E 77 -5.13 17.35 26.49
CA GLN E 77 -6.12 16.51 25.83
C GLN E 77 -6.60 17.08 24.52
N LEU E 78 -6.41 18.38 24.36
CA LEU E 78 -6.75 19.08 23.13
C LEU E 78 -5.81 18.64 22.02
N HIS E 79 -4.56 19.10 22.14
CA HIS E 79 -3.54 18.90 21.14
C HIS E 79 -3.37 17.43 20.89
N ILE E 80 -3.64 16.62 21.90
CA ILE E 80 -3.72 15.17 21.68
C ILE E 80 -4.63 14.86 20.50
N GLY E 81 -5.80 15.48 20.47
CA GLY E 81 -6.82 15.19 19.44
C GLY E 81 -6.43 15.79 18.10
N LEU E 82 -5.91 17.01 18.19
CA LEU E 82 -5.36 17.72 17.05
C LEU E 82 -4.36 16.85 16.33
N ASN E 83 -3.33 16.40 17.04
CA ASN E 83 -2.37 15.48 16.47
C ASN E 83 -3.01 14.13 16.05
N GLU E 84 -4.11 13.77 16.69
CA GLU E 84 -4.85 12.56 16.32
C GLU E 84 -5.62 12.72 15.00
N GLN E 85 -5.93 13.97 14.66
CA GLN E 85 -6.56 14.26 13.37
C GLN E 85 -5.52 14.47 12.28
N MET E 86 -4.35 14.99 12.68
CA MET E 86 -3.26 15.17 11.74
C MET E 86 -2.86 13.81 11.25
N LYS E 87 -2.45 12.91 12.15
CA LYS E 87 -2.08 11.60 11.66
C LYS E 87 -3.28 10.91 11.05
N ALA E 88 -4.47 11.41 11.34
CA ALA E 88 -5.64 11.00 10.59
C ALA E 88 -5.58 11.47 9.13
N VAL E 89 -5.11 12.71 8.88
CA VAL E 89 -4.95 13.23 7.51
C VAL E 89 -3.98 12.36 6.72
N ARG E 90 -2.88 12.01 7.35
CA ARG E 90 -1.78 11.34 6.69
C ARG E 90 -2.24 10.01 6.21
N LYS E 91 -3.04 9.32 7.01
CA LYS E 91 -3.48 7.99 6.63
C LYS E 91 -4.38 8.03 5.38
N ARG E 92 -5.24 9.04 5.26
CA ARG E 92 -6.16 9.14 4.11
C ARG E 92 -5.49 9.01 2.74
N ASN E 93 -4.26 9.51 2.61
CA ASN E 93 -3.58 9.55 1.30
C ASN E 93 -2.61 8.39 1.25
N GLU E 94 -2.70 7.55 0.22
CA GLU E 94 -1.76 6.43 0.10
C GLU E 94 -0.30 6.89 0.00
N THR E 95 -0.10 8.18 -0.28
CA THR E 95 1.22 8.72 -0.55
C THR E 95 1.68 9.70 0.52
N SER E 96 2.96 10.04 0.47
CA SER E 96 3.60 11.01 1.37
C SER E 96 3.23 12.46 1.02
N VAL E 97 2.60 12.62 -0.14
CA VAL E 97 2.11 13.90 -0.63
C VAL E 97 0.71 14.05 -0.14
N ILE E 98 0.52 14.90 0.85
CA ILE E 98 -0.81 15.25 1.32
C ILE E 98 -1.53 16.06 0.20
N ASP E 99 -2.75 15.68 -0.14
CA ASP E 99 -3.62 16.50 -1.01
C ASP E 99 -4.05 17.75 -0.24
N GLN E 100 -5.28 18.22 -0.42
CA GLN E 100 -5.70 19.44 0.27
C GLN E 100 -5.88 19.19 1.76
N ILE E 101 -5.84 20.28 2.49
CA ILE E 101 -5.77 20.29 3.92
C ILE E 101 -6.44 21.55 4.41
N GLY E 102 -7.22 22.17 3.53
CA GLY E 102 -7.76 23.47 3.79
C GLY E 102 -8.92 23.22 4.69
N GLU E 103 -9.92 22.47 4.19
CA GLU E 103 -11.10 22.21 4.96
C GLU E 103 -10.58 21.75 6.34
N ASP E 104 -9.72 20.73 6.34
CA ASP E 104 -9.16 20.19 7.59
C ASP E 104 -8.67 21.30 8.48
N LEU E 105 -7.72 22.09 8.01
CA LEU E 105 -7.17 23.23 8.77
C LEU E 105 -8.24 24.04 9.41
N LEU E 106 -9.26 24.36 8.63
CA LEU E 106 -10.34 25.20 9.14
C LEU E 106 -10.94 24.56 10.38
N THR E 107 -11.42 23.32 10.22
CA THR E 107 -11.98 22.50 11.30
C THR E 107 -11.20 22.59 12.61
N TRP E 108 -9.89 22.43 12.51
CA TRP E 108 -9.01 22.55 13.66
C TRP E 108 -8.96 23.95 14.25
N PHE E 109 -8.97 24.98 13.42
CA PHE E 109 -8.61 26.29 13.93
C PHE E 109 -9.74 27.31 13.85
N SER E 110 -10.92 26.87 13.43
CA SER E 110 -12.03 27.80 13.17
C SER E 110 -13.29 27.34 13.83
N GLY E 111 -13.95 28.28 14.53
CA GLY E 111 -15.27 28.03 15.12
C GLY E 111 -15.19 27.12 16.32
N PRO E 112 -15.88 25.96 16.30
CA PRO E 112 -15.81 25.07 17.44
C PRO E 112 -14.36 24.88 17.86
N GLY E 113 -13.56 24.28 16.99
CA GLY E 113 -12.13 24.11 17.26
C GLY E 113 -11.48 25.34 17.89
N GLU E 114 -11.79 26.50 17.37
CA GLU E 114 -11.13 27.70 17.81
C GLU E 114 -11.59 28.07 19.23
N GLU E 115 -12.90 28.02 19.46
CA GLU E 115 -13.48 28.41 20.74
C GLU E 115 -12.90 27.51 21.86
N LYS E 116 -12.90 26.20 21.63
CA LYS E 116 -12.31 25.23 22.58
C LYS E 116 -10.85 25.59 22.93
N LEU E 117 -10.08 25.93 21.90
CA LEU E 117 -8.65 26.19 22.02
C LEU E 117 -8.37 27.60 22.58
N LYS E 118 -9.11 28.60 22.16
CA LYS E 118 -8.79 29.98 22.64
C LYS E 118 -9.08 30.13 24.14
N HIS E 119 -10.12 29.43 24.58
CA HIS E 119 -10.59 29.49 25.96
C HIS E 119 -9.63 28.72 26.89
N ALA E 120 -9.35 27.48 26.46
CA ALA E 120 -8.53 26.53 27.22
C ALA E 120 -7.07 26.95 27.26
N ALA E 121 -6.63 27.60 26.20
CA ALA E 121 -5.29 28.14 26.14
C ALA E 121 -5.23 29.51 26.82
N ALA E 122 -6.39 30.15 26.90
CA ALA E 122 -6.46 31.44 27.54
C ALA E 122 -6.36 31.29 29.02
N THR E 123 -6.76 30.15 29.56
CA THR E 123 -6.69 30.02 30.99
C THR E 123 -5.24 29.70 31.32
N PHE E 124 -4.72 28.66 30.67
CA PHE E 124 -3.42 28.12 30.98
C PHE E 124 -2.29 29.12 30.83
N CYS E 125 -2.30 29.98 29.81
CA CYS E 125 -1.20 30.95 29.63
C CYS E 125 -1.29 32.07 30.59
N SER E 126 -2.48 32.65 30.72
CA SER E 126 -2.72 33.76 31.64
C SER E 126 -2.40 33.33 33.06
N ASN E 127 -2.11 32.04 33.22
CA ASN E 127 -1.63 31.48 34.46
C ASN E 127 -0.13 31.62 34.59
N GLN E 128 0.61 31.33 33.52
CA GLN E 128 2.07 31.28 33.55
C GLN E 128 2.69 32.08 34.72
N PRO E 129 2.59 33.41 34.71
CA PRO E 129 3.17 34.20 35.81
C PRO E 129 2.79 33.78 37.26
N PHE E 130 1.57 33.24 37.42
CA PHE E 130 1.09 32.75 38.75
C PHE E 130 1.76 31.46 39.12
N ALA E 131 1.75 30.50 38.22
CA ALA E 131 2.50 29.26 38.43
C ALA E 131 3.95 29.57 38.79
N LEU E 132 4.65 30.26 37.88
CA LEU E 132 6.09 30.53 38.08
C LEU E 132 6.36 31.13 39.48
N GLU E 133 5.38 31.82 40.06
CA GLU E 133 5.49 32.28 41.43
C GLU E 133 5.47 31.13 42.44
N MET E 134 4.46 30.27 42.32
CA MET E 134 4.40 29.01 43.08
C MET E 134 5.74 28.28 43.03
N ILE E 135 6.20 27.97 41.83
CA ILE E 135 7.35 27.09 41.66
C ILE E 135 8.65 27.68 42.23
N LYS E 136 8.73 29.00 42.38
CA LYS E 136 9.90 29.67 43.00
C LYS E 136 9.89 29.69 44.52
N SER E 137 8.69 29.86 45.08
CA SER E 137 8.50 30.01 46.53
C SER E 137 8.44 28.65 47.22
N ARG E 138 7.82 27.67 46.57
CA ARG E 138 7.82 26.34 47.12
C ARG E 138 9.23 25.79 47.13
N GLN E 139 10.05 26.16 46.13
CA GLN E 139 11.47 25.75 46.09
C GLN E 139 12.31 26.42 47.19
N LYS E 140 11.92 27.62 47.61
CA LYS E 140 12.59 28.32 48.73
C LYS E 140 12.14 27.85 50.13
N LYS E 141 10.92 27.30 50.23
CA LYS E 141 10.24 27.06 51.52
C LYS E 141 9.74 25.60 51.78
N ASP E 142 10.07 24.65 50.91
CA ASP E 142 9.62 23.26 51.07
C ASP E 142 10.71 22.28 50.64
N SER E 143 11.43 21.74 51.62
CA SER E 143 12.41 20.68 51.41
C SER E 143 12.05 19.74 50.27
N ARG E 144 11.01 18.94 50.49
CA ARG E 144 10.68 17.82 49.62
C ARG E 144 10.13 18.27 48.31
N PHE E 145 9.69 19.53 48.21
CA PHE E 145 9.31 20.09 46.91
C PHE E 145 10.52 20.25 46.00
N GLN E 146 11.45 21.12 46.41
CA GLN E 146 12.66 21.36 45.63
C GLN E 146 13.34 20.04 45.31
N THR E 147 13.42 19.17 46.30
CA THR E 147 13.89 17.81 46.13
C THR E 147 13.31 17.14 44.90
N PHE E 148 12.01 17.30 44.69
CA PHE E 148 11.29 16.63 43.59
C PHE E 148 11.46 17.32 42.25
N VAL E 149 11.39 18.65 42.27
CA VAL E 149 11.57 19.43 41.06
C VAL E 149 12.82 18.93 40.37
N GLN E 150 13.89 18.72 41.15
CA GLN E 150 15.19 18.31 40.60
C GLN E 150 15.31 16.80 40.39
N ASP E 151 14.50 16.03 41.11
CA ASP E 151 14.24 14.66 40.75
C ASP E 151 13.19 14.64 39.65
N ALA E 152 13.24 15.63 38.78
CA ALA E 152 12.36 15.64 37.64
C ALA E 152 13.10 16.18 36.44
N GLU E 153 13.63 17.40 36.57
CA GLU E 153 14.27 18.10 35.44
C GLU E 153 15.53 17.35 34.95
N SER E 154 16.05 16.48 35.81
CA SER E 154 17.06 15.51 35.38
C SER E 154 16.55 14.60 34.26
N ASN E 155 15.43 13.92 34.48
CA ASN E 155 14.89 12.97 33.49
C ASN E 155 15.07 13.51 32.09
N PRO E 156 15.80 12.78 31.22
CA PRO E 156 16.14 13.13 29.82
C PRO E 156 15.00 13.51 28.87
N LEU E 157 13.77 13.40 29.37
CA LEU E 157 12.57 13.87 28.67
C LEU E 157 12.38 15.38 28.75
N CYS E 158 13.04 16.05 29.69
CA CYS E 158 12.96 17.49 29.74
C CYS E 158 13.92 18.10 28.75
N ARG E 159 14.84 17.28 28.24
CA ARG E 159 15.90 17.76 27.36
C ARG E 159 16.62 18.91 28.06
N ARG E 160 16.86 18.75 29.35
CA ARG E 160 17.69 19.68 30.13
C ARG E 160 17.06 21.03 30.35
N LEU E 161 15.74 21.11 30.22
CA LEU E 161 15.01 22.31 30.57
C LEU E 161 14.48 22.12 31.98
N GLN E 162 14.09 23.21 32.62
CA GLN E 162 13.45 23.13 33.92
C GLN E 162 11.97 23.45 33.83
N LEU E 163 11.24 23.29 34.94
CA LEU E 163 9.79 23.55 34.97
C LEU E 163 9.52 24.98 34.57
N LYS E 164 10.34 25.92 35.02
CA LYS E 164 10.19 27.29 34.54
C LYS E 164 10.31 27.38 33.01
N ASP E 165 11.14 26.51 32.40
CA ASP E 165 11.51 26.64 30.97
C ASP E 165 10.42 26.10 30.03
N ILE E 166 9.48 25.36 30.58
CA ILE E 166 8.58 24.52 29.79
C ILE E 166 7.15 25.07 29.71
N ILE E 167 6.64 25.56 30.82
CA ILE E 167 5.27 26.06 30.88
C ILE E 167 4.88 27.07 29.78
N PRO E 168 5.77 28.05 29.46
CA PRO E 168 5.46 28.87 28.28
C PRO E 168 4.89 28.10 27.07
N THR E 169 5.52 26.99 26.67
CA THR E 169 5.22 26.41 25.34
C THR E 169 3.75 26.20 24.93
N GLN E 170 2.78 26.28 25.84
CA GLN E 170 1.41 26.26 25.35
C GLN E 170 1.24 27.54 24.63
N MET E 171 1.70 28.62 25.24
CA MET E 171 1.67 29.90 24.54
C MET E 171 2.57 29.81 23.29
N GLN E 172 3.81 29.38 23.43
CA GLN E 172 4.72 29.41 22.29
C GLN E 172 4.15 28.72 21.06
N ARG E 173 3.63 27.51 21.23
CA ARG E 173 3.01 26.78 20.12
C ARG E 173 1.83 27.54 19.53
N LEU E 174 1.07 28.20 20.37
CA LEU E 174 -0.05 28.96 19.85
C LEU E 174 0.40 30.03 18.82
N THR E 175 1.52 30.71 19.08
CA THR E 175 2.08 31.74 18.16
C THR E 175 2.80 31.22 16.90
N LYS E 176 3.03 29.91 16.82
CA LYS E 176 3.63 29.31 15.63
C LYS E 176 2.60 28.73 14.60
N TYR E 177 1.31 28.84 14.91
CA TYR E 177 0.28 28.33 13.99
C TYR E 177 0.03 29.27 12.82
N PRO E 178 -0.14 30.56 13.09
CA PRO E 178 -0.27 31.51 12.00
C PRO E 178 0.90 31.51 11.03
N LEU E 179 2.14 31.45 11.53
CA LEU E 179 3.29 31.49 10.64
C LEU E 179 3.35 30.21 9.83
N LEU E 180 3.05 29.09 10.47
CA LEU E 180 2.99 27.85 9.72
C LEU E 180 1.93 27.86 8.62
N LEU E 181 0.81 28.52 8.85
CA LEU E 181 -0.31 28.42 7.93
C LEU E 181 -0.15 29.41 6.82
N ASP E 182 0.45 30.55 7.17
CA ASP E 182 0.80 31.53 6.19
C ASP E 182 1.56 30.87 5.08
N ASN E 183 2.46 29.94 5.39
CA ASN E 183 3.26 29.34 4.32
C ASN E 183 2.49 28.31 3.56
N ILE E 184 1.77 27.48 4.27
CA ILE E 184 0.89 26.53 3.57
C ILE E 184 0.04 27.32 2.55
N ALA E 185 -0.33 28.55 2.89
CA ALA E 185 -1.04 29.39 1.94
C ALA E 185 -0.17 29.72 0.75
N LYS E 186 1.01 30.26 1.04
CA LYS E 186 1.91 30.84 0.06
C LYS E 186 2.33 29.86 -1.02
N TYR E 187 2.55 28.61 -0.65
CA TYR E 187 2.90 27.60 -1.65
C TYR E 187 1.70 26.83 -2.19
N THR E 188 0.50 27.28 -1.80
CA THR E 188 -0.77 26.64 -2.16
C THR E 188 -1.30 27.27 -3.47
N GLU E 189 -1.58 26.43 -4.46
CA GLU E 189 -1.59 26.88 -5.85
C GLU E 189 -2.96 27.36 -6.31
N TRP E 190 -3.95 26.49 -6.19
CA TRP E 190 -5.29 26.84 -6.56
C TRP E 190 -5.89 27.82 -5.60
N PRO E 191 -6.66 28.74 -6.11
CA PRO E 191 -7.07 29.79 -5.21
C PRO E 191 -8.15 29.35 -4.19
N THR E 192 -9.09 28.49 -4.54
CA THR E 192 -10.14 28.19 -3.57
C THR E 192 -9.48 27.72 -2.25
N GLU E 193 -8.58 26.73 -2.33
CA GLU E 193 -8.04 26.10 -1.13
C GLU E 193 -7.04 27.01 -0.43
N ARG E 194 -6.38 27.86 -1.21
CA ARG E 194 -5.49 28.85 -0.62
C ARG E 194 -6.27 29.82 0.21
N GLU E 195 -7.45 30.18 -0.25
CA GLU E 195 -8.21 31.13 0.49
C GLU E 195 -8.69 30.53 1.83
N LYS E 196 -8.99 29.24 1.83
CA LYS E 196 -9.36 28.54 3.07
C LYS E 196 -8.22 28.52 4.06
N VAL E 197 -6.99 28.39 3.59
CA VAL E 197 -5.84 28.35 4.49
C VAL E 197 -5.58 29.76 4.96
N LYS E 198 -5.52 30.70 4.03
CA LYS E 198 -5.45 32.09 4.43
C LYS E 198 -6.48 32.34 5.55
N LYS E 199 -7.65 31.69 5.48
CA LYS E 199 -8.73 31.96 6.41
C LYS E 199 -8.48 31.29 7.73
N ALA E 200 -8.22 30.01 7.71
CA ALA E 200 -7.82 29.34 8.92
C ALA E 200 -6.65 30.08 9.51
N ALA E 201 -5.71 30.57 8.72
CA ALA E 201 -4.60 31.33 9.30
C ALA E 201 -5.03 32.65 9.95
N ASP E 202 -6.16 33.18 9.51
CA ASP E 202 -6.69 34.34 10.15
C ASP E 202 -7.35 33.98 11.47
N HIS E 203 -8.01 32.83 11.54
CA HIS E 203 -8.57 32.44 12.82
C HIS E 203 -7.45 32.26 13.85
N CYS E 204 -6.39 31.55 13.47
CA CYS E 204 -5.27 31.31 14.40
C CYS E 204 -4.80 32.59 15.06
N ARG E 205 -4.87 33.71 14.35
CA ARG E 205 -4.52 34.97 14.95
C ARG E 205 -5.57 35.37 15.93
N GLN E 206 -6.85 35.28 15.56
CA GLN E 206 -7.95 35.63 16.48
C GLN E 206 -7.73 34.98 17.86
N ILE E 207 -7.58 33.66 17.79
CA ILE E 207 -7.17 32.86 18.93
C ILE E 207 -6.11 33.59 19.77
N LEU E 208 -5.06 34.10 19.15
CA LEU E 208 -3.97 34.71 19.90
C LEU E 208 -4.44 35.97 20.51
N ASN E 209 -5.26 36.69 19.80
CA ASN E 209 -5.71 37.98 20.30
C ASN E 209 -6.53 37.74 21.54
N PHE E 210 -7.24 36.61 21.56
CA PHE E 210 -8.10 36.28 22.66
C PHE E 210 -7.28 35.96 23.92
N VAL E 211 -6.43 34.95 23.80
CA VAL E 211 -5.40 34.64 24.80
C VAL E 211 -4.65 35.88 25.26
N ASN E 212 -3.96 36.52 24.34
CA ASN E 212 -3.24 37.72 24.66
C ASN E 212 -4.04 38.75 25.41
N GLN E 213 -5.28 38.97 25.00
CA GLN E 213 -6.09 39.95 25.71
C GLN E 213 -6.57 39.35 27.04
N ALA E 214 -6.76 38.02 27.05
CA ALA E 214 -7.08 37.28 28.28
C ALA E 214 -5.95 37.29 29.31
N VAL E 215 -4.70 37.34 28.82
CA VAL E 215 -3.54 37.57 29.71
C VAL E 215 -3.64 38.96 30.33
N LYS E 216 -3.63 39.97 29.47
CA LYS E 216 -3.73 41.36 29.90
C LYS E 216 -4.71 41.51 31.07
N GLU E 217 -5.81 40.77 30.99
CA GLU E 217 -6.89 40.91 31.97
C GLU E 217 -6.47 40.46 33.39
N ALA E 218 -5.91 39.25 33.46
CA ALA E 218 -5.31 38.74 34.71
C ALA E 218 -4.24 39.72 35.30
N GLU E 219 -3.04 39.71 34.73
CA GLU E 219 -1.92 40.57 35.15
C GLU E 219 -2.40 41.93 35.65
N ASN E 220 -3.39 42.53 34.99
CA ASN E 220 -3.93 43.84 35.45
C ASN E 220 -4.64 43.74 36.81
N LYS E 221 -5.64 42.85 36.85
CA LYS E 221 -6.45 42.54 38.05
C LYS E 221 -5.61 42.29 39.30
N GLN E 222 -4.56 41.50 39.11
CA GLN E 222 -3.57 41.20 40.12
C GLN E 222 -2.82 42.45 40.57
N ARG E 223 -2.36 43.21 39.58
CA ARG E 223 -1.70 44.48 39.85
C ARG E 223 -2.66 45.55 40.38
N LEU E 224 -3.97 45.33 40.18
CA LEU E 224 -4.98 46.27 40.66
C LEU E 224 -5.32 45.98 42.12
N GLU E 225 -5.42 44.69 42.47
CA GLU E 225 -5.53 44.31 43.87
C GLU E 225 -4.28 44.82 44.59
N ASP E 226 -3.12 44.50 44.02
CA ASP E 226 -1.84 45.03 44.44
C ASP E 226 -1.87 46.51 44.85
N TYR E 227 -2.53 47.34 44.05
CA TYR E 227 -2.59 48.78 44.34
C TYR E 227 -3.69 49.09 45.33
N GLN E 228 -4.86 48.47 45.16
CA GLN E 228 -5.98 48.69 46.08
C GLN E 228 -5.51 48.51 47.52
N ARG E 229 -4.81 47.41 47.77
CA ARG E 229 -4.12 47.16 49.03
C ARG E 229 -3.48 48.43 49.60
N ARG E 230 -2.87 49.22 48.72
CA ARG E 230 -2.17 50.45 49.11
C ARG E 230 -2.99 51.74 48.93
N LEU E 231 -4.31 51.61 48.78
CA LEU E 231 -5.16 52.78 48.59
C LEU E 231 -5.32 53.51 49.91
N ASP E 232 -5.31 54.84 49.83
CA ASP E 232 -5.42 55.70 50.99
C ASP E 232 -6.70 56.52 50.79
N THR E 233 -7.46 56.74 51.86
CA THR E 233 -8.59 57.71 51.85
C THR E 233 -9.11 58.03 53.27
N VAL E 244 -18.12 62.19 48.44
CA VAL E 244 -17.17 61.67 49.43
C VAL E 244 -17.49 60.24 49.84
N GLU E 245 -18.77 59.97 50.10
CA GLU E 245 -19.22 58.67 50.61
C GLU E 245 -19.01 57.52 49.62
N GLU E 246 -19.05 57.81 48.32
CA GLU E 246 -18.62 56.85 47.31
C GLU E 246 -17.09 56.93 47.15
N LEU E 247 -16.57 58.16 47.16
CA LEU E 247 -15.13 58.45 46.96
C LEU E 247 -14.21 57.79 48.00
N ARG E 248 -14.70 57.68 49.22
CA ARG E 248 -13.98 56.95 50.29
C ARG E 248 -14.40 55.46 50.40
N ASN E 249 -15.24 54.97 49.48
CA ASN E 249 -15.57 53.54 49.38
C ASN E 249 -15.12 53.00 48.02
N LEU E 250 -14.14 53.71 47.45
CA LEU E 250 -13.68 53.50 46.09
C LEU E 250 -13.05 52.11 45.91
N ASP E 251 -13.84 51.18 45.41
CA ASP E 251 -13.34 49.82 45.23
C ASP E 251 -12.78 49.54 43.81
N LEU E 252 -11.57 50.04 43.58
CA LEU E 252 -10.80 49.71 42.37
C LEU E 252 -11.19 48.34 41.85
N THR E 253 -11.00 47.35 42.72
CA THR E 253 -11.09 45.95 42.34
C THR E 253 -12.50 45.44 42.00
N LYS E 254 -13.50 46.33 42.03
CA LYS E 254 -14.84 46.03 41.49
C LYS E 254 -14.88 46.17 39.96
N ARG E 255 -13.91 46.89 39.41
CA ARG E 255 -13.88 47.19 37.96
C ARG E 255 -12.58 46.77 37.24
N LYS E 256 -12.72 46.40 35.98
CA LYS E 256 -11.58 45.99 35.15
C LYS E 256 -10.71 47.21 34.83
N MET E 257 -9.40 47.08 35.00
CA MET E 257 -8.45 48.11 34.56
C MET E 257 -8.15 47.98 33.04
N ILE E 258 -7.77 49.10 32.40
CA ILE E 258 -7.52 49.19 30.93
C ILE E 258 -6.10 49.65 30.55
N HIS E 259 -5.73 50.85 31.00
CA HIS E 259 -4.37 51.36 30.91
C HIS E 259 -3.95 52.10 32.18
N GLU E 260 -2.71 51.85 32.55
CA GLU E 260 -2.05 52.50 33.65
C GLU E 260 -0.77 53.03 33.08
N GLY E 261 -0.31 54.15 33.62
CA GLY E 261 0.93 54.74 33.19
C GLY E 261 1.18 56.08 33.86
N PRO E 262 2.45 56.50 33.93
CA PRO E 262 2.84 57.78 34.54
C PRO E 262 2.46 59.02 33.71
N LEU E 263 2.00 60.08 34.37
CA LEU E 263 1.62 61.33 33.69
C LEU E 263 2.17 62.56 34.40
N VAL E 264 1.93 63.76 33.84
CA VAL E 264 2.38 65.02 34.45
C VAL E 264 1.28 66.10 34.41
N TRP E 265 0.26 65.92 35.26
CA TRP E 265 -0.86 66.89 35.43
C TRP E 265 -0.39 68.35 35.46
N LYS E 266 -1.18 69.23 34.83
CA LYS E 266 -1.14 70.68 35.15
C LYS E 266 -2.54 71.29 35.35
N VAL E 267 -3.12 71.11 36.55
CA VAL E 267 -4.34 71.82 36.95
C VAL E 267 -4.01 73.30 37.21
N ASN E 268 -2.73 73.62 37.38
CA ASN E 268 -2.27 75.00 37.52
C ASN E 268 -0.81 75.19 37.04
N ARG E 269 -0.55 76.32 36.38
CA ARG E 269 0.83 76.71 36.05
C ARG E 269 1.56 76.91 37.37
N ASP E 270 0.97 77.76 38.22
CA ASP E 270 1.56 78.14 39.51
C ASP E 270 1.69 76.95 40.48
N LYS E 271 1.14 75.79 40.10
CA LYS E 271 1.17 74.60 40.93
C LYS E 271 0.89 73.38 40.08
N THR E 272 1.95 72.74 39.57
CA THR E 272 1.84 71.49 38.80
C THR E 272 2.25 70.30 39.69
N ILE E 273 1.50 69.20 39.65
CA ILE E 273 1.79 68.01 40.48
C ILE E 273 1.94 66.77 39.60
N ASP E 274 2.88 65.89 39.97
CA ASP E 274 3.12 64.62 39.24
C ASP E 274 1.99 63.61 39.46
N LEU E 275 2.07 62.47 38.80
CA LEU E 275 0.96 61.54 38.74
C LEU E 275 1.39 60.14 38.37
N TYR E 276 0.46 59.22 38.54
CA TYR E 276 0.51 57.89 37.97
C TYR E 276 -0.97 57.53 37.83
N THR E 277 -1.44 57.42 36.58
CA THR E 277 -2.89 57.41 36.36
C THR E 277 -3.34 56.08 35.80
N LEU E 278 -4.54 55.67 36.19
CA LEU E 278 -5.12 54.38 35.84
C LEU E 278 -6.49 54.57 35.19
N LEU E 279 -6.70 53.93 34.04
CA LEU E 279 -7.96 54.04 33.32
C LEU E 279 -8.77 52.78 33.51
N LEU E 280 -10.03 52.92 33.88
CA LEU E 280 -10.85 51.76 34.25
C LEU E 280 -12.19 51.70 33.49
N GLU E 281 -13.01 50.72 33.85
CA GLU E 281 -14.24 50.35 33.12
C GLU E 281 -15.28 51.47 33.06
N ASP E 282 -15.13 52.46 33.94
CA ASP E 282 -15.99 53.65 33.95
C ASP E 282 -15.37 54.87 34.68
N ILE E 283 -14.08 54.78 35.00
CA ILE E 283 -13.41 55.78 35.80
C ILE E 283 -11.94 55.88 35.42
N LEU E 284 -11.45 57.12 35.36
CA LEU E 284 -10.02 57.36 35.36
C LEU E 284 -9.64 57.71 36.79
N VAL E 285 -8.52 57.17 37.27
CA VAL E 285 -8.11 57.38 38.66
C VAL E 285 -6.76 58.08 38.72
N LEU E 286 -6.73 59.20 39.44
CA LEU E 286 -5.57 60.09 39.50
C LEU E 286 -4.76 59.89 40.77
N LEU E 287 -3.61 59.22 40.65
CA LEU E 287 -2.86 58.81 41.84
C LEU E 287 -1.60 59.61 42.15
N GLN E 288 -1.51 60.04 43.41
CA GLN E 288 -0.27 60.54 43.97
C GLN E 288 0.42 59.41 44.74
N LYS E 289 1.74 59.32 44.58
CA LYS E 289 2.57 58.30 45.21
C LYS E 289 3.59 58.90 46.22
N GLN E 290 3.54 58.44 47.47
CA GLN E 290 4.63 58.67 48.44
C GLN E 290 5.16 57.31 48.92
N ASP E 291 6.46 57.09 48.73
CA ASP E 291 7.16 55.85 49.11
C ASP E 291 6.52 54.59 48.51
N ASP E 292 5.70 53.90 49.29
CA ASP E 292 5.12 52.61 48.88
C ASP E 292 3.71 52.79 48.33
N ARG E 293 2.93 53.66 48.98
CA ARG E 293 1.49 53.77 48.74
C ARG E 293 1.07 54.82 47.73
N LEU E 294 -0.17 54.64 47.27
CA LEU E 294 -0.80 55.46 46.25
C LEU E 294 -2.07 56.07 46.85
N VAL E 295 -2.19 57.41 46.76
CA VAL E 295 -3.27 58.13 47.42
C VAL E 295 -4.23 58.78 46.44
N SER E 314 -10.26 66.71 42.22
CA SER E 314 -11.32 65.78 41.86
C SER E 314 -10.68 64.56 41.19
N PRO E 315 -10.29 63.55 41.99
CA PRO E 315 -9.38 62.47 41.58
C PRO E 315 -10.04 61.24 40.89
N VAL E 316 -11.38 61.20 40.97
CA VAL E 316 -12.19 60.31 40.17
C VAL E 316 -12.78 61.15 39.03
N ILE E 317 -12.64 60.64 37.80
CA ILE E 317 -13.12 61.36 36.60
C ILE E 317 -14.10 60.47 35.82
N LYS E 318 -15.23 60.15 36.46
CA LYS E 318 -16.19 59.22 35.89
C LYS E 318 -16.55 59.60 34.45
N LEU E 319 -16.48 58.59 33.57
CA LEU E 319 -16.56 58.77 32.11
C LEU E 319 -18.00 58.76 31.57
N SER E 320 -18.98 58.57 32.46
CA SER E 320 -20.40 58.77 32.14
C SER E 320 -20.54 59.99 31.25
N THR E 321 -19.83 61.05 31.63
CA THR E 321 -19.66 62.23 30.80
C THR E 321 -18.20 62.74 30.83
N VAL E 322 -17.44 62.37 29.80
CA VAL E 322 -16.09 62.91 29.55
C VAL E 322 -15.85 63.05 28.03
N LEU E 323 -15.02 64.04 27.65
CA LEU E 323 -14.55 64.19 26.27
C LEU E 323 -13.08 64.61 26.25
N VAL E 324 -12.41 64.31 25.15
CA VAL E 324 -10.97 64.55 25.02
C VAL E 324 -10.68 65.45 23.83
N ARG E 325 -9.65 66.27 23.97
CA ARG E 325 -9.29 67.28 22.97
C ARG E 325 -7.75 67.43 22.91
N GLN E 326 -7.24 68.64 22.61
CA GLN E 326 -5.80 68.95 22.67
C GLN E 326 -5.55 70.46 22.69
N VAL E 327 -4.28 70.87 22.73
CA VAL E 327 -3.92 72.30 22.83
C VAL E 327 -3.76 72.93 21.45
N ASN E 331 2.08 69.73 23.39
CA ASN E 331 2.59 68.74 22.46
C ASN E 331 2.00 67.37 22.78
N LYS E 332 2.18 66.94 24.03
CA LYS E 332 1.61 65.67 24.53
C LYS E 332 0.69 65.97 25.72
N ALA E 333 -0.40 66.67 25.44
CA ALA E 333 -1.35 67.15 26.46
C ALA E 333 -2.80 66.96 26.01
N LEU E 334 -3.55 66.17 26.76
CA LEU E 334 -4.96 65.94 26.45
C LEU E 334 -5.86 66.75 27.37
N PHE E 335 -7.11 66.84 26.94
CA PHE E 335 -8.14 67.49 27.70
C PHE E 335 -9.18 66.46 28.05
N VAL E 336 -9.04 65.87 29.22
CA VAL E 336 -10.14 65.20 29.85
C VAL E 336 -11.03 66.31 30.42
N ILE E 337 -12.34 66.16 30.25
CA ILE E 337 -13.28 67.21 30.61
C ILE E 337 -14.41 66.66 31.50
N SER E 338 -14.87 67.49 32.44
CA SER E 338 -15.84 67.08 33.45
C SER E 338 -16.76 68.21 33.85
N GLN E 345 -14.77 71.70 34.84
CA GLN E 345 -13.45 71.26 35.29
C GLN E 345 -12.67 70.43 34.25
N ILE E 346 -11.39 70.78 34.08
CA ILE E 346 -10.54 70.36 32.95
C ILE E 346 -9.16 69.88 33.40
N TYR E 347 -8.64 68.87 32.72
CA TYR E 347 -7.36 68.26 33.10
C TYR E 347 -6.37 68.14 31.94
N GLU E 348 -5.36 69.01 31.94
CA GLU E 348 -4.17 68.80 31.09
C GLU E 348 -3.40 67.67 31.69
N LEU E 349 -2.78 66.89 30.81
CA LEU E 349 -2.10 65.67 31.23
C LEU E 349 -0.90 65.43 30.32
N VAL E 350 0.29 65.54 30.90
CA VAL E 350 1.50 65.57 30.09
C VAL E 350 2.22 64.24 30.12
N ALA E 351 2.20 63.55 28.98
CA ALA E 351 2.99 62.35 28.79
C ALA E 351 4.47 62.74 28.87
N GLN E 352 5.28 61.76 29.25
CA GLN E 352 6.72 61.94 29.39
C GLN E 352 7.46 61.37 28.15
N THR E 353 6.72 60.64 27.29
CA THR E 353 7.16 60.34 25.92
C THR E 353 6.00 60.49 24.90
N VAL E 354 6.34 60.41 23.60
CA VAL E 354 5.41 60.76 22.52
C VAL E 354 4.29 59.72 22.34
N SER E 355 4.61 58.58 21.72
CA SER E 355 3.61 57.54 21.40
C SER E 355 2.54 57.44 22.48
N GLU E 356 2.99 57.45 23.72
CA GLU E 356 2.13 57.32 24.89
C GLU E 356 0.96 58.29 24.93
N LYS E 357 1.11 59.47 24.34
CA LYS E 357 0.02 60.44 24.37
C LYS E 357 -1.14 59.99 23.46
N THR E 358 -0.84 59.45 22.27
CA THR E 358 -1.90 59.01 21.35
C THR E 358 -2.64 57.81 21.92
N VAL E 359 -1.88 56.93 22.56
CA VAL E 359 -2.42 55.76 23.25
C VAL E 359 -3.47 56.17 24.27
N TRP E 360 -3.06 56.99 25.23
CA TRP E 360 -3.95 57.46 26.27
C TRP E 360 -5.26 57.92 25.65
N GLN E 361 -5.17 58.92 24.77
CA GLN E 361 -6.35 59.50 24.13
C GLN E 361 -7.29 58.43 23.61
N ASP E 362 -6.87 57.74 22.55
CA ASP E 362 -7.66 56.72 21.89
C ASP E 362 -8.54 55.98 22.88
N LEU E 363 -7.89 55.42 23.91
CA LEU E 363 -8.52 54.55 24.88
C LEU E 363 -9.59 55.25 25.74
N ILE E 364 -9.40 56.53 26.02
CA ILE E 364 -10.27 57.18 26.98
C ILE E 364 -11.61 57.48 26.33
N CYS E 365 -11.58 57.73 25.03
CA CYS E 365 -12.78 57.94 24.26
C CYS E 365 -13.51 56.62 24.10
N ARG E 366 -12.79 55.60 23.64
CA ARG E 366 -13.35 54.28 23.44
C ARG E 366 -13.98 53.68 24.71
N MET E 367 -13.57 54.18 25.88
CA MET E 367 -14.24 53.87 27.15
C MET E 367 -15.46 54.77 27.34
N ALA E 368 -15.27 56.07 27.17
CA ALA E 368 -16.37 57.02 27.24
C ALA E 368 -17.43 56.77 26.17
N ALA E 369 -17.04 56.13 25.07
CA ALA E 369 -17.97 55.76 24.00
C ALA E 369 -18.88 54.64 24.46
N SER E 370 -18.28 53.64 25.10
CA SER E 370 -19.02 52.48 25.58
C SER E 370 -19.64 52.74 26.95
N VAL E 371 -19.17 53.76 27.66
CA VAL E 371 -19.78 54.20 28.92
C VAL E 371 -21.07 55.02 28.68
N LYS E 372 -21.17 55.66 27.51
CA LYS E 372 -22.35 56.43 27.12
C LYS E 372 -23.34 55.61 26.29
N GLU E 373 -22.86 54.60 25.56
CA GLU E 373 -23.75 53.68 24.80
C GLU E 373 -24.67 52.90 25.74
N GLN E 374 -24.18 52.58 26.94
CA GLN E 374 -24.96 51.84 27.94
C GLN E 374 -26.16 52.65 28.46
N SER E 375 -26.06 53.98 28.45
CA SER E 375 -27.22 54.85 28.67
C SER E 375 -27.97 54.55 29.97
N ALA F 6 28.05 22.92 35.49
CA ALA F 6 27.72 23.84 34.36
C ALA F 6 26.86 25.01 34.83
N ILE F 7 26.90 26.11 34.09
CA ILE F 7 25.98 27.23 34.32
C ILE F 7 25.02 27.30 33.13
N ARG F 8 23.72 27.40 33.41
CA ARG F 8 22.71 27.66 32.37
C ARG F 8 22.41 29.16 32.32
N LYS F 9 22.39 29.73 31.12
CA LYS F 9 21.99 31.14 30.91
C LYS F 9 20.89 31.27 29.83
N LYS F 10 19.82 31.99 30.20
CA LYS F 10 18.62 32.12 29.38
C LYS F 10 18.80 33.13 28.27
N LEU F 11 19.22 32.65 27.09
CA LEU F 11 19.39 33.50 25.92
C LEU F 11 18.08 33.65 25.14
N VAL F 12 17.41 34.77 25.35
CA VAL F 12 16.30 35.21 24.51
C VAL F 12 16.90 36.03 23.36
N ILE F 13 16.15 36.14 22.26
CA ILE F 13 16.58 36.83 21.03
C ILE F 13 15.40 37.65 20.47
N VAL F 14 15.54 38.97 20.40
CA VAL F 14 14.41 39.82 20.00
C VAL F 14 14.69 40.74 18.83
N GLY F 15 13.79 40.74 17.85
CA GLY F 15 13.94 41.56 16.64
C GLY F 15 12.71 41.54 15.76
N ASP F 16 12.51 42.63 15.01
CA ASP F 16 11.36 42.78 14.12
C ASP F 16 11.00 41.52 13.37
N GLY F 17 9.73 41.43 13.00
CA GLY F 17 9.20 40.24 12.35
C GLY F 17 10.17 39.55 11.43
N ALA F 18 10.57 40.24 10.37
CA ALA F 18 11.21 39.63 9.20
C ALA F 18 12.62 39.09 9.47
N CYS F 19 13.38 39.82 10.28
CA CYS F 19 14.83 39.70 10.34
C CYS F 19 15.47 38.37 9.93
N GLY F 20 15.47 37.41 10.83
CA GLY F 20 16.18 36.15 10.64
C GLY F 20 16.60 35.57 11.97
N LYS F 21 15.67 35.60 12.92
CA LYS F 21 15.91 35.20 14.30
C LYS F 21 15.92 33.69 14.38
N THR F 22 14.91 33.06 13.81
CA THR F 22 14.80 31.61 13.86
C THR F 22 15.99 30.93 13.16
N CYS F 23 16.53 31.53 12.11
CA CYS F 23 17.69 30.94 11.43
C CYS F 23 18.89 31.00 12.31
N LEU F 24 19.25 32.22 12.70
CA LEU F 24 20.34 32.48 13.61
C LEU F 24 20.55 31.32 14.58
N LEU F 25 19.44 30.85 15.14
CA LEU F 25 19.45 29.85 16.21
C LEU F 25 19.46 28.40 15.71
N ILE F 26 18.82 28.13 14.58
CA ILE F 26 18.97 26.82 13.91
C ILE F 26 20.40 26.70 13.43
N VAL F 27 20.91 27.77 12.82
CA VAL F 27 22.29 27.80 12.32
C VAL F 27 23.23 27.54 13.48
N PHE F 28 23.17 28.39 14.49
CA PHE F 28 24.06 28.25 15.64
C PHE F 28 23.95 26.90 16.35
N SER F 29 22.75 26.34 16.37
CA SER F 29 22.51 25.08 17.10
C SER F 29 23.00 23.85 16.34
N LYS F 30 23.13 23.98 15.02
CA LYS F 30 23.58 22.89 14.18
C LYS F 30 24.78 23.26 13.33
N ASP F 31 25.42 24.39 13.63
CA ASP F 31 26.44 24.99 12.74
C ASP F 31 26.19 24.57 11.28
N GLN F 32 24.91 24.68 10.88
CA GLN F 32 24.43 24.22 9.58
C GLN F 32 23.17 24.97 9.13
N PHE F 33 23.21 25.55 7.92
CA PHE F 33 22.07 26.23 7.31
C PHE F 33 21.31 25.21 6.47
N PRO F 34 19.98 25.10 6.69
CA PRO F 34 19.21 24.16 5.85
C PRO F 34 19.09 24.67 4.41
N GLU F 35 19.89 24.11 3.51
CA GLU F 35 19.91 24.55 2.13
C GLU F 35 18.64 24.16 1.41
N VAL F 36 17.90 23.24 2.00
CA VAL F 36 16.66 22.74 1.40
C VAL F 36 15.44 23.58 1.91
N TYR F 37 14.84 23.18 3.03
CA TYR F 37 13.68 23.88 3.60
C TYR F 37 14.13 24.59 4.86
N VAL F 38 13.94 25.91 4.93
CA VAL F 38 14.12 26.63 6.20
C VAL F 38 12.88 26.39 7.07
N PRO F 39 13.06 25.80 8.24
CA PRO F 39 11.91 25.54 9.05
C PRO F 39 11.51 26.77 9.81
N THR F 40 10.28 26.72 10.32
CA THR F 40 9.60 27.88 10.89
C THR F 40 9.58 27.86 12.39
N VAL F 41 9.66 26.69 13.00
CA VAL F 41 9.51 26.62 14.45
C VAL F 41 10.85 26.33 15.08
N PHE F 42 11.23 27.11 16.08
CA PHE F 42 12.38 26.72 16.91
C PHE F 42 11.94 26.52 18.35
N GLU F 43 12.18 25.31 18.85
CA GLU F 43 11.75 24.92 20.18
C GLU F 43 12.70 25.56 21.20
N ASN F 44 12.36 25.53 22.48
CA ASN F 44 13.33 25.92 23.48
C ASN F 44 14.40 24.85 23.45
N TYR F 45 15.67 25.24 23.35
CA TYR F 45 16.79 24.28 23.27
C TYR F 45 18.04 24.66 24.04
N VAL F 46 18.59 23.67 24.75
CA VAL F 46 19.83 23.83 25.51
C VAL F 46 21.04 23.39 24.68
N ALA F 47 21.94 24.34 24.44
CA ALA F 47 23.14 24.07 23.70
C ALA F 47 24.36 24.24 24.58
N ASP F 48 25.42 23.55 24.20
CA ASP F 48 26.67 23.54 24.95
C ASP F 48 27.72 24.42 24.25
N ILE F 49 28.62 25.02 25.04
CA ILE F 49 29.60 25.97 24.51
C ILE F 49 30.74 26.24 25.49
N GLU F 50 31.99 26.13 25.01
CA GLU F 50 33.17 26.53 25.80
C GLU F 50 33.46 28.00 25.53
N VAL F 51 33.77 28.75 26.58
CA VAL F 51 34.22 30.14 26.45
C VAL F 51 35.19 30.42 27.58
N ASP F 52 36.36 30.94 27.22
CA ASP F 52 37.38 31.28 28.20
C ASP F 52 37.64 30.10 29.17
N GLY F 53 37.57 28.89 28.62
CA GLY F 53 37.75 27.67 29.40
C GLY F 53 36.58 27.31 30.29
N LYS F 54 35.45 27.99 30.09
CA LYS F 54 34.32 27.85 30.99
C LYS F 54 33.09 27.31 30.23
N GLN F 55 32.57 26.17 30.68
CA GLN F 55 31.51 25.43 29.98
C GLN F 55 30.12 25.87 30.45
N VAL F 56 29.33 26.38 29.52
CA VAL F 56 28.06 27.02 29.84
C VAL F 56 26.94 26.35 29.04
N GLU F 57 25.70 26.49 29.52
CA GLU F 57 24.55 25.84 28.88
C GLU F 57 23.49 26.84 28.42
N LEU F 58 23.82 27.61 27.38
CA LEU F 58 22.88 28.60 26.85
C LEU F 58 21.56 27.93 26.54
N ALA F 59 20.54 28.30 27.29
CA ALA F 59 19.17 27.93 26.97
C ALA F 59 18.72 28.91 25.89
N LEU F 60 18.20 28.40 24.77
CA LEU F 60 17.87 29.25 23.63
C LEU F 60 16.37 29.50 23.47
N TRP F 61 15.99 30.78 23.50
CA TRP F 61 14.58 31.19 23.47
C TRP F 61 14.24 32.06 22.25
N ASP F 62 13.74 31.45 21.19
CA ASP F 62 13.27 32.19 20.00
C ASP F 62 12.01 33.01 20.36
N THR F 63 11.99 34.32 20.12
CA THR F 63 10.76 35.13 20.36
C THR F 63 9.76 35.19 19.16
N ALA F 64 10.08 34.58 18.02
CA ALA F 64 9.33 34.84 16.77
C ALA F 64 7.89 34.31 16.69
N GLY F 65 7.02 35.18 16.22
CA GLY F 65 5.59 34.93 16.23
C GLY F 65 4.90 35.76 17.30
N GLN F 66 5.66 36.53 18.05
CA GLN F 66 5.10 37.25 19.18
C GLN F 66 5.11 38.77 18.99
N GLU F 67 5.56 39.24 17.84
CA GLU F 67 5.74 40.67 17.62
C GLU F 67 4.38 41.43 17.59
N ASP F 68 3.32 40.74 17.18
CA ASP F 68 1.93 41.26 17.23
C ASP F 68 1.25 41.25 18.61
N TYR F 69 1.62 40.29 19.48
CA TYR F 69 0.85 40.06 20.71
C TYR F 69 1.60 40.53 21.97
N ASP F 70 1.23 41.73 22.41
CA ASP F 70 2.06 42.53 23.31
C ASP F 70 2.01 42.17 24.78
N ARG F 71 1.15 41.25 25.17
CA ARG F 71 1.23 40.74 26.54
C ARG F 71 1.92 39.42 26.55
N LEU F 72 1.81 38.69 25.44
CA LEU F 72 2.40 37.38 25.35
C LEU F 72 3.92 37.47 25.27
N ARG F 73 4.46 38.50 24.63
CA ARG F 73 5.89 38.45 24.36
C ARG F 73 6.73 38.54 25.63
N PRO F 74 6.29 39.35 26.65
CA PRO F 74 7.00 39.42 27.92
C PRO F 74 6.80 38.19 28.80
N LEU F 75 6.05 37.19 28.32
CA LEU F 75 6.04 35.87 28.96
C LEU F 75 7.34 35.11 28.74
N SER F 76 8.16 35.55 27.80
CA SER F 76 9.44 34.89 27.55
C SER F 76 10.65 35.57 28.22
N TYR F 77 10.42 36.72 28.87
CA TYR F 77 11.51 37.49 29.49
C TYR F 77 11.89 37.16 30.94
N PRO F 78 11.02 36.48 31.72
CA PRO F 78 11.50 36.02 33.03
C PRO F 78 12.85 35.28 32.97
N ASP F 79 13.78 35.69 33.83
CA ASP F 79 15.06 35.03 34.01
C ASP F 79 15.97 35.04 32.77
N THR F 80 15.85 36.08 31.96
CA THR F 80 16.78 36.29 30.85
C THR F 80 18.09 36.85 31.39
N ASP F 81 19.17 36.42 30.77
CA ASP F 81 20.51 36.90 31.10
C ASP F 81 21.06 37.69 29.93
N VAL F 82 21.00 37.09 28.75
CA VAL F 82 21.53 37.72 27.55
C VAL F 82 20.46 37.81 26.46
N ILE F 83 20.42 38.96 25.79
CA ILE F 83 19.46 39.23 24.71
C ILE F 83 20.21 39.54 23.41
N LEU F 84 19.93 38.75 22.38
CA LEU F 84 20.45 39.01 21.03
C LEU F 84 19.47 39.90 20.30
N MET F 85 19.70 41.22 20.31
CA MET F 85 18.82 42.11 19.59
C MET F 85 19.41 42.38 18.24
N CYS F 86 18.65 42.05 17.21
CA CYS F 86 19.12 42.14 15.85
C CYS F 86 18.10 42.78 14.94
N PHE F 87 18.57 43.05 13.73
CA PHE F 87 17.76 43.64 12.68
C PHE F 87 18.36 43.11 11.39
N SER F 88 17.65 43.22 10.27
CA SER F 88 18.16 42.71 9.00
C SER F 88 18.82 43.86 8.24
N ILE F 89 20.10 43.69 7.92
CA ILE F 89 20.89 44.70 7.19
C ILE F 89 20.11 45.25 5.99
N ASP F 90 19.39 44.36 5.28
CA ASP F 90 18.53 44.75 4.15
C ASP F 90 17.16 45.26 4.62
N SER F 91 17.18 46.02 5.72
CA SER F 91 15.98 46.58 6.29
C SER F 91 16.36 47.64 7.34
N PRO F 92 16.87 48.80 6.89
CA PRO F 92 17.03 49.97 7.76
C PRO F 92 15.76 50.30 8.54
N ASP F 93 14.63 49.83 8.03
CA ASP F 93 13.36 49.82 8.75
C ASP F 93 13.45 49.05 10.07
N SER F 94 14.03 47.84 10.01
CA SER F 94 14.13 46.97 11.18
C SER F 94 15.22 47.43 12.16
N LEU F 95 16.15 48.27 11.69
CA LEU F 95 17.10 49.01 12.54
C LEU F 95 16.43 50.24 13.16
N GLU F 96 15.42 50.78 12.47
CA GLU F 96 14.62 51.88 13.01
C GLU F 96 13.58 51.44 14.09
N ASN F 97 13.43 50.13 14.33
CA ASN F 97 12.62 49.60 15.47
C ASN F 97 13.45 49.03 16.64
N ILE F 98 14.81 49.21 16.47
CA ILE F 98 15.79 48.90 17.51
C ILE F 98 15.74 49.95 18.64
N PRO F 99 15.56 51.20 18.28
CA PRO F 99 15.39 52.14 19.36
C PRO F 99 13.95 52.35 19.87
N GLU F 100 12.94 51.88 19.11
CA GLU F 100 11.57 52.24 19.46
C GLU F 100 10.69 51.14 20.06
N LYS F 101 10.55 50.00 19.38
CA LYS F 101 9.77 48.94 19.95
C LYS F 101 10.56 48.25 21.04
N TRP F 102 11.71 47.72 20.67
CA TRP F 102 12.34 46.69 21.47
C TRP F 102 13.04 47.23 22.71
N THR F 103 14.16 47.93 22.49
CA THR F 103 15.04 48.50 23.56
C THR F 103 14.38 49.22 24.75
N PRO F 104 13.30 49.96 24.48
CA PRO F 104 12.55 50.53 25.58
C PRO F 104 11.79 49.46 26.38
N GLU F 105 11.11 48.54 25.66
CA GLU F 105 10.37 47.40 26.26
C GLU F 105 11.21 46.24 26.87
N VAL F 106 12.52 46.29 26.44
CA VAL F 106 13.56 45.38 26.93
C VAL F 106 14.43 46.00 28.10
N LYS F 107 14.32 47.31 28.30
CA LYS F 107 14.80 47.85 29.54
C LYS F 107 13.78 47.51 30.64
N HIS F 108 12.46 47.56 30.16
CA HIS F 108 11.40 47.30 31.12
C HIS F 108 11.61 45.95 31.84
N PHE F 109 11.54 44.83 31.05
CA PHE F 109 11.50 43.45 31.57
C PHE F 109 12.82 42.77 31.95
N CYS F 110 13.91 43.25 31.34
CA CYS F 110 15.27 42.84 31.70
C CYS F 110 16.14 44.05 32.02
N PRO F 111 15.86 44.70 33.15
CA PRO F 111 16.69 45.82 33.58
C PRO F 111 18.12 45.42 33.89
N ASN F 112 19.07 46.30 33.56
CA ASN F 112 20.52 46.05 33.71
C ASN F 112 20.93 44.62 33.44
N VAL F 113 20.39 44.07 32.35
CA VAL F 113 20.63 42.71 31.93
C VAL F 113 20.99 42.75 30.44
N PRO F 114 22.27 42.46 30.12
CA PRO F 114 22.95 42.84 28.87
C PRO F 114 22.21 42.66 27.53
N ILE F 115 22.60 43.48 26.54
CA ILE F 115 22.04 43.49 25.18
C ILE F 115 23.17 43.39 24.14
N ILE F 116 23.14 42.35 23.31
CA ILE F 116 24.11 42.16 22.23
C ILE F 116 23.44 42.56 20.92
N LEU F 117 23.75 43.73 20.38
CA LEU F 117 23.21 44.10 19.08
C LEU F 117 23.83 43.22 18.00
N VAL F 118 23.03 42.82 17.01
CA VAL F 118 23.50 41.92 15.97
C VAL F 118 22.94 42.27 14.57
N GLY F 119 23.83 42.47 13.61
CA GLY F 119 23.44 42.65 12.20
C GLY F 119 23.16 41.32 11.52
N ASN F 120 21.95 40.81 11.74
CA ASN F 120 21.50 39.57 11.14
C ASN F 120 21.55 39.60 9.60
N LYS F 121 22.03 38.51 8.98
CA LYS F 121 22.35 38.48 7.55
C LYS F 121 23.35 39.57 7.10
N LYS F 122 24.64 39.23 7.08
CA LYS F 122 25.67 40.08 6.46
C LYS F 122 25.93 39.63 5.02
N ASP F 123 25.23 38.56 4.62
CA ASP F 123 25.41 37.93 3.32
C ASP F 123 24.91 38.77 2.14
N LEU F 124 23.96 39.67 2.38
CA LEU F 124 23.22 40.38 1.31
C LEU F 124 23.74 41.77 0.92
N ARG F 125 24.53 42.41 1.80
CA ARG F 125 24.84 43.84 1.64
C ARG F 125 25.17 44.23 0.19
N ASN F 126 25.88 43.37 -0.53
CA ASN F 126 26.28 43.68 -1.91
C ASN F 126 25.48 42.93 -2.97
N ASP F 127 24.27 42.51 -2.61
CA ASP F 127 23.43 41.73 -3.53
C ASP F 127 22.73 42.61 -4.56
N GLU F 128 22.59 42.07 -5.77
CA GLU F 128 21.99 42.79 -6.90
C GLU F 128 20.49 43.06 -6.69
N HIS F 129 19.75 42.07 -6.17
CA HIS F 129 18.30 42.22 -6.00
C HIS F 129 17.93 43.22 -4.92
N THR F 130 18.51 43.06 -3.73
CA THR F 130 18.13 43.88 -2.58
C THR F 130 18.53 45.36 -2.73
N ARG F 131 19.70 45.64 -3.31
CA ARG F 131 20.08 47.03 -3.62
C ARG F 131 19.13 47.64 -4.64
N ARG F 132 18.60 46.80 -5.51
CA ARG F 132 17.57 47.19 -6.49
C ARG F 132 16.21 47.45 -5.84
N GLU F 133 15.83 46.62 -4.86
CA GLU F 133 14.53 46.75 -4.18
C GLU F 133 14.57 47.63 -2.91
N LEU F 134 15.74 48.18 -2.56
CA LEU F 134 15.88 49.09 -1.41
C LEU F 134 15.83 50.53 -1.83
N ALA F 135 16.75 50.91 -2.73
CA ALA F 135 16.73 52.23 -3.38
C ALA F 135 15.41 52.46 -4.10
N LYS F 136 14.70 51.37 -4.43
CA LYS F 136 13.28 51.41 -4.80
C LYS F 136 12.52 52.23 -3.77
N MET F 137 12.47 51.76 -2.53
CA MET F 137 11.80 52.49 -1.46
C MET F 137 12.67 53.66 -0.98
N LYS F 138 13.52 54.17 -1.88
CA LYS F 138 14.53 55.18 -1.58
C LYS F 138 15.31 54.91 -0.29
N GLN F 139 15.64 53.63 -0.07
CA GLN F 139 16.44 53.16 1.06
C GLN F 139 17.69 52.43 0.55
N GLU F 140 18.50 51.93 1.48
CA GLU F 140 19.75 51.26 1.10
C GLU F 140 20.28 50.37 2.23
N PRO F 141 21.12 49.38 1.88
CA PRO F 141 21.66 48.48 2.92
C PRO F 141 22.42 49.21 4.04
N VAL F 142 22.38 48.62 5.23
CA VAL F 142 23.00 49.17 6.43
C VAL F 142 24.51 48.98 6.35
N LYS F 143 25.25 49.85 7.02
CA LYS F 143 26.72 49.82 7.04
C LYS F 143 27.21 49.51 8.47
N PRO F 144 28.47 49.05 8.62
CA PRO F 144 28.92 48.56 9.93
C PRO F 144 28.85 49.61 11.04
N GLU F 145 28.85 50.88 10.62
CA GLU F 145 28.85 52.00 11.57
C GLU F 145 27.42 52.31 12.01
N GLU F 146 26.51 52.39 11.02
CA GLU F 146 25.11 52.69 11.29
C GLU F 146 24.69 52.00 12.57
N GLY F 147 24.97 50.69 12.64
CA GLY F 147 24.61 49.84 13.77
C GLY F 147 25.50 49.95 14.99
N ARG F 148 26.78 50.25 14.80
CA ARG F 148 27.69 50.48 15.92
C ARG F 148 27.30 51.72 16.71
N ASP F 149 26.66 52.66 16.00
CA ASP F 149 26.20 53.90 16.63
C ASP F 149 24.75 53.75 17.13
N MET F 150 24.00 52.83 16.54
CA MET F 150 22.73 52.36 17.11
C MET F 150 22.95 51.42 18.33
N ALA F 151 24.19 50.90 18.42
CA ALA F 151 24.61 50.07 19.55
C ALA F 151 25.02 50.92 20.77
N ASN F 152 26.09 51.72 20.64
CA ASN F 152 26.53 52.55 21.75
C ASN F 152 25.38 53.43 22.25
N ARG F 153 24.60 53.95 21.31
CA ARG F 153 23.39 54.72 21.60
C ARG F 153 22.59 54.05 22.72
N ILE F 154 22.11 52.85 22.45
CA ILE F 154 21.36 52.03 23.41
C ILE F 154 22.27 51.31 24.41
N GLY F 155 23.58 51.41 24.17
CA GLY F 155 24.58 50.80 25.05
C GLY F 155 24.49 49.28 25.06
N ALA F 156 24.18 48.69 23.91
CA ALA F 156 24.15 47.23 23.79
C ALA F 156 25.58 46.69 23.85
N PHE F 157 25.85 45.79 24.80
CA PHE F 157 27.22 45.40 25.18
C PHE F 157 28.21 45.24 23.99
N GLY F 158 27.70 44.76 22.87
CA GLY F 158 28.47 44.74 21.63
C GLY F 158 27.59 44.77 20.39
N TYR F 159 28.25 44.67 19.23
CA TYR F 159 27.58 44.69 17.94
C TYR F 159 28.20 43.59 17.09
N MET F 160 27.37 42.76 16.45
CA MET F 160 27.87 41.66 15.63
C MET F 160 27.17 41.58 14.29
N GLU F 161 27.94 41.30 13.24
CA GLU F 161 27.40 41.01 11.94
C GLU F 161 27.66 39.55 11.68
N CYS F 162 26.77 38.91 10.94
CA CYS F 162 26.82 37.47 10.77
C CYS F 162 25.91 37.01 9.64
N SER F 163 26.32 35.94 8.97
CA SER F 163 25.52 35.35 7.91
C SER F 163 24.71 34.17 8.43
N ALA F 164 23.46 34.08 7.99
CA ALA F 164 22.68 32.85 8.16
C ALA F 164 23.17 31.83 7.15
N LYS F 165 23.35 32.30 5.92
CA LYS F 165 23.56 31.44 4.78
C LYS F 165 24.93 30.78 4.69
N THR F 166 25.95 31.32 5.37
CA THR F 166 27.27 30.68 5.37
C THR F 166 27.89 30.43 6.75
N LYS F 167 27.21 30.79 7.83
CA LYS F 167 27.74 30.55 9.17
C LYS F 167 28.95 31.45 9.47
N ASP F 168 28.92 32.68 8.94
CA ASP F 168 29.98 33.65 9.21
C ASP F 168 29.54 34.57 10.32
N GLY F 169 30.24 34.55 11.45
CA GLY F 169 29.89 35.38 12.59
C GLY F 169 29.15 34.62 13.69
N VAL F 170 28.42 33.57 13.30
CA VAL F 170 27.51 32.85 14.20
C VAL F 170 28.24 32.26 15.41
N ARG F 171 29.15 31.34 15.15
CA ARG F 171 29.98 30.76 16.20
C ARG F 171 30.70 31.87 17.00
N GLU F 172 30.91 33.02 16.37
CA GLU F 172 31.50 34.18 17.04
C GLU F 172 30.49 35.01 17.87
N VAL F 173 29.21 35.00 17.49
CA VAL F 173 28.20 35.78 18.24
C VAL F 173 27.98 35.19 19.62
N PHE F 174 27.71 33.89 19.67
CA PHE F 174 27.26 33.22 20.90
C PHE F 174 28.40 32.91 21.85
N GLU F 175 29.63 33.03 21.35
CA GLU F 175 30.79 33.12 22.22
C GLU F 175 30.78 34.48 22.92
N MET F 176 30.21 35.48 22.25
CA MET F 176 30.09 36.84 22.80
C MET F 176 28.88 36.95 23.73
N ALA F 177 27.74 36.39 23.33
CA ALA F 177 26.53 36.38 24.18
C ALA F 177 26.79 35.79 25.57
N THR F 178 27.55 34.70 25.60
CA THR F 178 27.97 34.05 26.85
C THR F 178 29.05 34.88 27.60
N ARG F 179 29.87 35.63 26.86
CA ARG F 179 30.84 36.54 27.46
C ARG F 179 30.14 37.63 28.26
N ALA F 180 28.98 38.04 27.78
CA ALA F 180 28.12 38.96 28.52
C ALA F 180 27.55 38.25 29.73
N ALA F 181 26.59 37.35 29.49
CA ALA F 181 25.86 36.61 30.54
C ALA F 181 26.70 36.22 31.76
N LEU F 182 27.96 35.88 31.51
CA LEU F 182 28.93 35.63 32.57
C LEU F 182 29.42 36.94 33.21
N GLN F 183 28.49 37.65 33.88
CA GLN F 183 28.78 38.86 34.65
C GLN F 183 27.60 39.14 35.59
N ALA F 184 27.87 39.83 36.70
CA ALA F 184 26.82 40.19 37.65
C ALA F 184 27.34 41.25 38.60
N PRO G 3 11.18 -14.75 -16.85
CA PRO G 3 9.81 -15.30 -16.97
C PRO G 3 8.76 -14.64 -16.00
N PRO G 4 7.44 -14.83 -16.25
CA PRO G 4 6.42 -14.26 -15.32
C PRO G 4 6.18 -15.14 -14.06
N ASN G 5 6.82 -14.80 -12.93
CA ASN G 5 6.70 -15.63 -11.71
C ASN G 5 6.45 -14.90 -10.37
N TRP G 6 5.71 -15.57 -9.47
CA TRP G 6 5.21 -14.99 -8.22
C TRP G 6 6.19 -14.11 -7.42
N GLN G 7 7.43 -14.57 -7.29
CA GLN G 7 8.38 -13.96 -6.36
C GLN G 7 8.81 -12.55 -6.69
N GLN G 8 8.95 -12.26 -7.98
CA GLN G 8 9.48 -10.98 -8.43
C GLN G 8 8.68 -9.81 -7.87
N LEU G 9 7.38 -10.04 -7.74
CA LEU G 9 6.40 -9.03 -7.32
C LEU G 9 6.26 -8.83 -5.82
N VAL G 10 6.50 -9.87 -5.03
CA VAL G 10 6.21 -9.80 -3.61
C VAL G 10 7.24 -8.91 -2.99
N SER G 11 6.82 -8.09 -2.03
CA SER G 11 7.72 -7.37 -1.16
C SER G 11 8.86 -8.30 -0.77
N ARG G 12 10.01 -7.76 -0.40
CA ARG G 12 11.10 -8.62 0.08
C ARG G 12 10.88 -8.88 1.58
N GLU G 13 10.10 -7.99 2.20
CA GLU G 13 9.70 -8.12 3.59
C GLU G 13 8.81 -9.35 3.73
N VAL G 14 7.70 -9.33 3.00
CA VAL G 14 6.76 -10.46 2.96
C VAL G 14 7.46 -11.80 2.66
N LEU G 15 8.44 -11.75 1.77
CA LEU G 15 9.12 -12.95 1.28
C LEU G 15 9.99 -13.52 2.36
N LEU G 16 10.53 -12.63 3.17
CA LEU G 16 11.63 -12.97 4.05
C LEU G 16 11.29 -13.99 5.13
N GLY G 17 10.02 -14.09 5.50
CA GLY G 17 9.58 -15.06 6.47
C GLY G 17 8.69 -16.04 5.77
N LEU G 18 9.27 -16.84 4.90
CA LEU G 18 8.52 -17.90 4.23
C LEU G 18 9.42 -19.10 3.91
N LYS G 19 9.00 -20.27 4.38
CA LYS G 19 9.76 -21.47 4.13
C LYS G 19 9.98 -21.55 2.63
N PRO G 20 11.20 -21.90 2.19
CA PRO G 20 11.49 -22.26 0.80
C PRO G 20 10.39 -22.96 0.01
N CYS G 21 9.58 -23.76 0.70
CA CYS G 21 8.49 -24.49 0.09
C CYS G 21 7.08 -23.99 0.49
N GLU G 22 7.01 -22.83 1.11
CA GLU G 22 5.75 -22.09 1.10
C GLU G 22 5.77 -21.27 -0.18
N ILE G 23 6.84 -20.51 -0.37
CA ILE G 23 7.08 -19.81 -1.62
C ILE G 23 6.84 -20.77 -2.76
N LYS G 24 7.56 -21.88 -2.75
CA LYS G 24 7.44 -22.85 -3.84
C LYS G 24 6.02 -23.35 -4.02
N ARG G 25 5.16 -23.27 -3.01
CA ARG G 25 3.75 -23.60 -3.20
C ARG G 25 3.08 -22.46 -3.93
N GLN G 26 3.33 -21.25 -3.44
CA GLN G 26 2.72 -20.06 -3.99
C GLN G 26 2.93 -20.00 -5.48
N GLU G 27 4.09 -20.46 -5.94
CA GLU G 27 4.41 -20.40 -7.35
C GLU G 27 3.41 -21.19 -8.11
N VAL G 28 3.07 -22.38 -7.59
CA VAL G 28 2.15 -23.30 -8.27
C VAL G 28 0.73 -22.80 -8.18
N ILE G 29 0.31 -22.31 -7.01
CA ILE G 29 -1.02 -21.74 -6.90
C ILE G 29 -1.19 -20.66 -7.96
N ASN G 30 -0.11 -19.93 -8.23
CA ASN G 30 -0.12 -18.86 -9.23
C ASN G 30 -0.28 -19.38 -10.62
N GLU G 31 0.44 -20.45 -10.94
CA GLU G 31 0.25 -21.14 -12.21
C GLU G 31 -1.16 -21.75 -12.33
N LEU G 32 -1.71 -22.29 -11.25
CA LEU G 32 -3.10 -22.66 -11.33
C LEU G 32 -3.86 -21.45 -11.86
N PHE G 33 -3.62 -20.26 -11.30
CA PHE G 33 -4.48 -19.11 -11.61
C PHE G 33 -4.30 -18.50 -12.99
N TYR G 34 -3.06 -18.22 -13.40
CA TYR G 34 -2.88 -17.63 -14.74
C TYR G 34 -3.04 -18.66 -15.82
N THR G 35 -3.19 -19.91 -15.46
CA THR G 35 -3.49 -20.87 -16.49
C THR G 35 -4.99 -20.97 -16.68
N GLU G 36 -5.76 -20.76 -15.61
CA GLU G 36 -7.20 -20.77 -15.75
C GLU G 36 -7.61 -19.56 -16.57
N ARG G 37 -6.90 -18.46 -16.40
CA ARG G 37 -7.18 -17.25 -17.13
C ARG G 37 -6.79 -17.41 -18.58
N ALA G 38 -5.58 -17.87 -18.86
CA ALA G 38 -5.15 -18.10 -20.26
C ALA G 38 -6.00 -19.14 -21.05
N HIS G 39 -6.57 -20.07 -20.29
CA HIS G 39 -7.48 -21.04 -20.83
C HIS G 39 -8.81 -20.42 -21.17
N VAL G 40 -9.25 -19.48 -20.35
CA VAL G 40 -10.46 -18.80 -20.68
C VAL G 40 -10.25 -18.01 -21.96
N ARG G 41 -9.01 -17.60 -22.21
CA ARG G 41 -8.77 -16.69 -23.31
C ARG G 41 -8.89 -17.45 -24.61
N THR G 42 -8.26 -18.61 -24.69
CA THR G 42 -8.38 -19.45 -25.88
C THR G 42 -9.83 -19.87 -26.08
N LEU G 43 -10.56 -20.08 -25.00
CA LEU G 43 -11.98 -20.37 -25.13
C LEU G 43 -12.74 -19.19 -25.73
N LYS G 44 -12.34 -17.97 -25.39
CA LYS G 44 -12.87 -16.76 -26.02
C LYS G 44 -12.50 -16.76 -27.52
N VAL G 45 -11.25 -17.12 -27.85
CA VAL G 45 -10.76 -17.00 -29.23
C VAL G 45 -11.62 -17.85 -30.16
N LEU G 46 -11.69 -19.12 -29.81
CA LEU G 46 -12.67 -20.07 -30.33
C LEU G 46 -14.11 -19.48 -30.51
N ASP G 47 -14.59 -18.81 -29.43
CA ASP G 47 -15.93 -18.18 -29.45
C ASP G 47 -16.05 -16.96 -30.37
N GLN G 48 -15.20 -15.96 -30.20
CA GLN G 48 -15.41 -14.69 -30.89
C GLN G 48 -14.79 -14.57 -32.27
N VAL G 49 -13.74 -15.33 -32.57
CA VAL G 49 -13.07 -15.22 -33.87
C VAL G 49 -13.51 -16.33 -34.82
N PHE G 50 -14.08 -17.40 -34.30
CA PHE G 50 -14.58 -18.43 -35.16
C PHE G 50 -16.07 -18.55 -35.01
N TYR G 51 -16.53 -19.01 -33.85
CA TYR G 51 -17.92 -19.43 -33.73
C TYR G 51 -18.90 -18.27 -33.88
N GLN G 52 -18.58 -17.15 -33.27
CA GLN G 52 -19.45 -15.98 -33.35
C GLN G 52 -19.56 -15.47 -34.78
N ARG G 53 -18.42 -15.45 -35.46
CA ARG G 53 -18.24 -14.86 -36.79
C ARG G 53 -18.93 -15.72 -37.85
N VAL G 54 -18.52 -16.98 -37.95
CA VAL G 54 -19.14 -17.92 -38.88
C VAL G 54 -20.65 -17.93 -38.69
N SER G 55 -21.12 -17.76 -37.46
CA SER G 55 -22.54 -17.86 -37.18
C SER G 55 -23.31 -16.80 -37.94
N ARG G 56 -22.96 -15.54 -37.71
CA ARG G 56 -23.64 -14.42 -38.37
C ARG G 56 -23.36 -14.31 -39.87
N GLU G 57 -22.25 -14.91 -40.34
CA GLU G 57 -21.93 -14.93 -41.77
C GLU G 57 -22.79 -15.93 -42.54
N GLY G 58 -23.46 -16.84 -41.83
CA GLY G 58 -24.38 -17.81 -42.42
C GLY G 58 -23.74 -18.86 -43.31
N ILE G 59 -22.47 -19.19 -43.05
CA ILE G 59 -21.73 -20.13 -43.89
C ILE G 59 -22.14 -21.59 -43.61
N LEU G 60 -22.45 -21.89 -42.35
CA LEU G 60 -22.94 -23.21 -41.94
C LEU G 60 -24.37 -23.06 -41.41
N SER G 61 -25.17 -24.11 -41.53
CA SER G 61 -26.53 -24.12 -40.96
C SER G 61 -26.44 -24.09 -39.43
N PRO G 62 -27.59 -24.01 -38.74
CA PRO G 62 -27.65 -24.39 -37.31
C PRO G 62 -27.29 -25.86 -36.99
N SER G 63 -27.52 -26.78 -37.93
CA SER G 63 -27.16 -28.19 -37.73
C SER G 63 -25.65 -28.44 -37.80
N GLU G 64 -24.91 -27.51 -38.42
CA GLU G 64 -23.44 -27.61 -38.50
C GLU G 64 -22.76 -26.77 -37.43
N LEU G 65 -23.36 -25.64 -37.09
CA LEU G 65 -22.93 -24.81 -35.95
C LEU G 65 -22.80 -25.61 -34.67
N ARG G 66 -23.75 -26.51 -34.43
CA ARG G 66 -23.74 -27.35 -33.24
C ARG G 66 -22.76 -28.53 -33.39
N LYS G 67 -22.51 -28.96 -34.63
CA LYS G 67 -21.66 -30.14 -34.89
C LYS G 67 -20.18 -29.79 -34.97
N ILE G 68 -19.85 -28.56 -35.40
CA ILE G 68 -18.44 -28.11 -35.40
C ILE G 68 -18.04 -27.67 -34.01
N PHE G 69 -18.93 -26.93 -33.34
CA PHE G 69 -18.59 -26.30 -32.06
C PHE G 69 -19.31 -26.91 -30.86
N SER G 70 -20.35 -27.71 -31.09
CA SER G 70 -21.10 -28.36 -30.02
C SER G 70 -21.44 -27.39 -28.87
N ASN G 71 -21.10 -27.71 -27.63
CA ASN G 71 -21.49 -26.88 -26.48
C ASN G 71 -20.35 -25.97 -25.95
N LEU G 72 -19.74 -25.22 -26.89
CA LEU G 72 -18.68 -24.26 -26.57
C LEU G 72 -19.10 -23.23 -25.53
N GLU G 73 -20.35 -22.79 -25.66
CA GLU G 73 -20.85 -21.73 -24.83
C GLU G 73 -20.91 -22.08 -23.35
N ASP G 74 -20.95 -23.36 -23.05
CA ASP G 74 -21.10 -23.81 -21.68
C ASP G 74 -19.74 -23.79 -21.00
N ILE G 75 -18.79 -24.50 -21.61
CA ILE G 75 -17.47 -24.69 -21.03
C ILE G 75 -16.74 -23.37 -20.96
N LEU G 76 -17.00 -22.49 -21.92
CA LEU G 76 -16.46 -21.16 -21.83
C LEU G 76 -17.09 -20.53 -20.61
N GLN G 77 -18.41 -20.49 -20.58
CA GLN G 77 -19.11 -19.85 -19.45
C GLN G 77 -18.76 -20.45 -18.10
N LEU G 78 -18.40 -21.73 -18.07
CA LEU G 78 -17.92 -22.36 -16.84
C LEU G 78 -16.54 -21.86 -16.33
N HIS G 79 -15.50 -22.07 -17.14
CA HIS G 79 -14.15 -21.62 -16.80
C HIS G 79 -14.14 -20.15 -16.51
N ILE G 80 -14.99 -19.41 -17.19
CA ILE G 80 -15.14 -18.00 -16.88
C ILE G 80 -15.49 -17.82 -15.41
N GLY G 81 -16.50 -18.53 -14.93
CA GLY G 81 -16.89 -18.46 -13.52
C GLY G 81 -15.79 -18.98 -12.60
N LEU G 82 -15.12 -20.04 -13.07
CA LEU G 82 -14.00 -20.63 -12.36
C LEU G 82 -12.94 -19.57 -12.19
N ASN G 83 -12.34 -19.13 -13.29
CA ASN G 83 -11.32 -18.10 -13.23
C ASN G 83 -11.78 -16.85 -12.48
N GLU G 84 -13.10 -16.65 -12.39
CA GLU G 84 -13.63 -15.56 -11.57
C GLU G 84 -13.45 -15.82 -10.07
N GLN G 85 -13.80 -17.04 -9.68
CA GLN G 85 -13.66 -17.46 -8.30
C GLN G 85 -12.20 -17.45 -7.85
N MET G 86 -11.27 -17.65 -8.79
CA MET G 86 -9.83 -17.47 -8.52
C MET G 86 -9.53 -15.99 -8.35
N LYS G 87 -9.93 -15.15 -9.32
CA LYS G 87 -9.72 -13.68 -9.22
C LYS G 87 -10.40 -13.13 -7.96
N ALA G 88 -11.11 -14.00 -7.25
CA ALA G 88 -11.76 -13.70 -5.99
C ALA G 88 -10.81 -13.97 -4.84
N VAL G 89 -10.28 -15.20 -4.82
CA VAL G 89 -9.35 -15.67 -3.78
C VAL G 89 -8.19 -14.69 -3.59
N ARG G 90 -7.73 -14.16 -4.71
CA ARG G 90 -6.63 -13.24 -4.77
C ARG G 90 -6.97 -11.93 -4.07
N LYS G 91 -8.27 -11.60 -4.08
CA LYS G 91 -8.78 -10.36 -3.51
C LYS G 91 -8.82 -10.38 -1.98
N ARG G 92 -9.18 -11.52 -1.41
CA ARG G 92 -9.16 -11.71 0.05
C ARG G 92 -7.87 -11.17 0.70
N ASN G 93 -6.82 -11.99 0.62
CA ASN G 93 -5.52 -11.76 1.26
C ASN G 93 -4.84 -10.57 0.61
N GLU G 94 -4.69 -9.50 1.37
CA GLU G 94 -4.23 -8.24 0.80
C GLU G 94 -2.91 -8.41 0.01
N THR G 95 -1.93 -9.10 0.59
CA THR G 95 -0.68 -9.35 -0.12
C THR G 95 -0.80 -10.64 -0.82
N SER G 96 0.06 -10.79 -1.81
CA SER G 96 -0.04 -11.86 -2.78
C SER G 96 0.06 -13.24 -2.16
N VAL G 97 0.28 -13.34 -0.85
CA VAL G 97 0.39 -14.66 -0.26
C VAL G 97 -1.01 -15.18 -0.07
N ILE G 98 -1.41 -16.06 -1.00
CA ILE G 98 -2.70 -16.72 -0.94
C ILE G 98 -2.67 -17.59 0.29
N ASP G 99 -3.69 -17.46 1.12
CA ASP G 99 -3.69 -18.12 2.41
C ASP G 99 -4.09 -19.60 2.16
N GLN G 100 -5.14 -20.10 2.79
CA GLN G 100 -5.52 -21.47 2.51
C GLN G 100 -6.25 -21.50 1.18
N ILE G 101 -6.26 -22.65 0.54
CA ILE G 101 -6.84 -22.82 -0.79
C ILE G 101 -7.56 -24.15 -0.89
N GLY G 102 -7.90 -24.72 0.25
CA GLY G 102 -8.33 -26.10 0.30
C GLY G 102 -9.78 -26.21 -0.06
N GLU G 103 -10.57 -25.27 0.46
CA GLU G 103 -12.01 -25.29 0.24
C GLU G 103 -12.35 -24.97 -1.20
N ASP G 104 -11.92 -23.80 -1.64
CA ASP G 104 -12.18 -23.34 -3.00
C ASP G 104 -11.83 -24.44 -3.99
N LEU G 105 -10.71 -25.12 -3.77
CA LEU G 105 -10.30 -26.22 -4.66
C LEU G 105 -11.31 -27.36 -4.69
N LEU G 106 -11.98 -27.61 -3.57
CA LEU G 106 -13.05 -28.61 -3.50
C LEU G 106 -14.32 -28.05 -4.09
N THR G 107 -14.70 -26.87 -3.62
CA THR G 107 -15.83 -26.13 -4.20
C THR G 107 -15.83 -26.15 -5.72
N TRP G 108 -14.64 -25.99 -6.30
CA TRP G 108 -14.46 -26.03 -7.74
C TRP G 108 -14.55 -27.44 -8.30
N PHE G 109 -13.75 -28.36 -7.79
CA PHE G 109 -13.51 -29.61 -8.49
C PHE G 109 -14.20 -30.83 -7.91
N SER G 110 -15.08 -30.59 -6.94
CA SER G 110 -15.83 -31.67 -6.32
C SER G 110 -17.23 -31.22 -5.95
N GLY G 111 -18.09 -32.21 -5.76
CA GLY G 111 -19.49 -31.95 -5.50
C GLY G 111 -20.18 -31.49 -6.77
N PRO G 112 -20.75 -30.27 -6.76
CA PRO G 112 -21.53 -29.80 -7.91
C PRO G 112 -20.67 -29.28 -9.08
N GLY G 113 -19.62 -28.51 -8.78
CA GLY G 113 -18.68 -28.02 -9.80
C GLY G 113 -18.10 -29.19 -10.58
N GLU G 114 -17.88 -30.30 -9.89
CA GLU G 114 -17.43 -31.52 -10.53
C GLU G 114 -18.46 -31.96 -11.57
N GLU G 115 -19.70 -32.17 -11.13
CA GLU G 115 -20.75 -32.69 -12.03
C GLU G 115 -20.90 -31.78 -13.24
N LYS G 116 -21.16 -30.51 -12.96
CA LYS G 116 -21.30 -29.47 -13.97
C LYS G 116 -20.12 -29.55 -14.97
N LEU G 117 -18.89 -29.64 -14.44
CA LEU G 117 -17.68 -29.67 -15.26
C LEU G 117 -17.48 -31.01 -15.95
N LYS G 118 -17.63 -32.11 -15.22
CA LYS G 118 -17.39 -33.43 -15.80
C LYS G 118 -18.35 -33.67 -16.98
N HIS G 119 -19.54 -33.07 -16.89
CA HIS G 119 -20.52 -33.16 -17.98
C HIS G 119 -20.16 -32.30 -19.18
N ALA G 120 -20.06 -30.98 -18.99
CA ALA G 120 -19.75 -30.10 -20.10
C ALA G 120 -18.46 -30.50 -20.81
N ALA G 121 -17.51 -31.06 -20.05
CA ALA G 121 -16.28 -31.57 -20.64
C ALA G 121 -16.57 -32.87 -21.37
N ALA G 122 -17.47 -33.67 -20.84
CA ALA G 122 -17.87 -34.89 -21.51
C ALA G 122 -18.44 -34.59 -22.90
N THR G 123 -19.33 -33.61 -22.99
CA THR G 123 -20.04 -33.40 -24.25
C THR G 123 -19.15 -32.72 -25.27
N PHE G 124 -18.49 -31.65 -24.89
CA PHE G 124 -17.60 -30.95 -25.80
C PHE G 124 -16.53 -31.91 -26.36
N CYS G 125 -15.97 -32.74 -25.50
CA CYS G 125 -14.75 -33.43 -25.84
C CYS G 125 -15.06 -34.58 -26.71
N SER G 126 -16.25 -35.18 -26.54
CA SER G 126 -16.67 -36.38 -27.31
C SER G 126 -17.23 -36.06 -28.70
N ASN G 127 -17.26 -34.77 -29.05
CA ASN G 127 -17.63 -34.33 -30.39
C ASN G 127 -16.36 -33.99 -31.23
N GLN G 128 -15.17 -34.17 -30.58
CA GLN G 128 -13.91 -33.46 -30.97
C GLN G 128 -13.35 -33.95 -32.31
N PRO G 129 -13.20 -35.25 -32.49
CA PRO G 129 -12.88 -35.67 -33.85
C PRO G 129 -14.13 -35.75 -34.79
N PHE G 130 -15.34 -35.71 -34.19
CA PHE G 130 -16.59 -35.55 -34.98
C PHE G 130 -16.56 -34.24 -35.76
N ALA G 131 -16.10 -33.19 -35.08
CA ALA G 131 -16.14 -31.82 -35.56
C ALA G 131 -14.88 -31.44 -36.33
N LEU G 132 -13.74 -32.03 -35.95
CA LEU G 132 -12.50 -31.76 -36.65
C LEU G 132 -12.60 -32.22 -38.09
N GLU G 133 -13.38 -33.29 -38.33
CA GLU G 133 -13.73 -33.77 -39.68
C GLU G 133 -14.49 -32.73 -40.49
N MET G 134 -15.52 -32.14 -39.86
CA MET G 134 -16.28 -30.98 -40.39
C MET G 134 -15.36 -29.96 -41.05
N ILE G 135 -14.38 -29.50 -40.27
CA ILE G 135 -13.49 -28.43 -40.68
C ILE G 135 -12.61 -28.83 -41.88
N LYS G 136 -12.18 -30.08 -41.93
CA LYS G 136 -11.64 -30.62 -43.17
C LYS G 136 -12.72 -30.60 -44.25
N SER G 137 -13.89 -31.14 -43.88
CA SER G 137 -14.97 -31.46 -44.83
C SER G 137 -15.87 -30.27 -45.19
N ARG G 138 -15.43 -29.06 -44.84
CA ARG G 138 -16.07 -27.82 -45.29
C ARG G 138 -15.04 -26.91 -45.95
N GLN G 139 -13.82 -26.94 -45.42
CA GLN G 139 -12.65 -26.51 -46.19
C GLN G 139 -12.49 -27.37 -47.44
N LYS G 140 -13.17 -28.52 -47.48
CA LYS G 140 -13.41 -29.25 -48.72
C LYS G 140 -14.45 -28.53 -49.58
N LYS G 141 -15.72 -28.80 -49.30
CA LYS G 141 -16.82 -28.52 -50.24
C LYS G 141 -17.50 -27.16 -49.96
N ASP G 142 -16.73 -26.17 -49.49
CA ASP G 142 -17.26 -24.82 -49.21
C ASP G 142 -16.16 -23.73 -49.23
N SER G 143 -15.83 -23.25 -50.43
CA SER G 143 -14.79 -22.25 -50.62
C SER G 143 -14.98 -21.18 -49.59
N ARG G 144 -16.19 -20.64 -49.54
CA ARG G 144 -16.55 -19.52 -48.65
C ARG G 144 -16.15 -19.83 -47.21
N PHE G 145 -16.45 -21.05 -46.78
CA PHE G 145 -15.98 -21.53 -45.49
C PHE G 145 -14.46 -21.41 -45.45
N GLN G 146 -13.77 -22.21 -46.26
CA GLN G 146 -12.31 -22.20 -46.25
C GLN G 146 -11.72 -20.78 -46.32
N THR G 147 -12.40 -19.89 -47.04
CA THR G 147 -12.03 -18.50 -47.08
C THR G 147 -12.09 -17.91 -45.68
N PHE G 148 -13.27 -18.04 -45.06
CA PHE G 148 -13.52 -17.52 -43.70
C PHE G 148 -12.50 -18.06 -42.69
N VAL G 149 -12.24 -19.37 -42.78
CA VAL G 149 -11.42 -20.07 -41.80
C VAL G 149 -10.01 -19.46 -41.82
N GLN G 150 -9.48 -19.27 -43.03
CA GLN G 150 -8.16 -18.68 -43.19
C GLN G 150 -8.09 -17.20 -42.77
N ASP G 151 -9.21 -16.48 -42.82
CA ASP G 151 -9.24 -15.15 -42.25
C ASP G 151 -9.00 -15.27 -40.76
N ALA G 152 -9.90 -15.97 -40.07
CA ALA G 152 -9.81 -16.09 -38.60
C ALA G 152 -8.40 -16.44 -38.16
N GLU G 153 -7.85 -17.48 -38.76
CA GLU G 153 -6.54 -18.04 -38.37
C GLU G 153 -5.38 -17.04 -38.41
N SER G 154 -5.49 -16.02 -39.26
CA SER G 154 -4.47 -14.95 -39.34
C SER G 154 -4.68 -13.83 -38.31
N ASN G 155 -5.72 -13.96 -37.48
CA ASN G 155 -5.82 -13.13 -36.30
C ASN G 155 -4.72 -13.54 -35.33
N PRO G 156 -3.82 -12.60 -34.94
CA PRO G 156 -2.76 -12.79 -33.91
C PRO G 156 -3.22 -13.39 -32.58
N LEU G 157 -4.49 -13.18 -32.25
CA LEU G 157 -5.16 -13.90 -31.15
C LEU G 157 -5.16 -15.42 -31.31
N CYS G 158 -4.79 -15.93 -32.47
CA CYS G 158 -4.61 -17.36 -32.63
C CYS G 158 -3.21 -17.87 -32.32
N ARG G 159 -2.18 -17.08 -32.61
CA ARG G 159 -0.79 -17.53 -32.54
C ARG G 159 -0.57 -18.65 -33.54
N ARG G 160 -0.95 -18.37 -34.78
CA ARG G 160 -0.81 -19.31 -35.86
C ARG G 160 -1.42 -20.67 -35.55
N LEU G 161 -2.31 -20.74 -34.56
CA LEU G 161 -3.03 -22.00 -34.36
C LEU G 161 -4.22 -22.07 -35.29
N GLN G 162 -4.28 -23.12 -36.10
CA GLN G 162 -5.41 -23.36 -36.96
C GLN G 162 -6.58 -23.78 -36.09
N LEU G 163 -7.79 -23.68 -36.61
CA LEU G 163 -8.97 -24.07 -35.82
C LEU G 163 -8.87 -25.54 -35.34
N LYS G 164 -8.17 -26.39 -36.07
CA LYS G 164 -7.98 -27.78 -35.65
C LYS G 164 -7.11 -27.90 -34.39
N ASP G 165 -6.17 -26.98 -34.24
CA ASP G 165 -5.19 -26.99 -33.13
C ASP G 165 -5.82 -26.45 -31.84
N ILE G 166 -6.70 -25.48 -32.01
CA ILE G 166 -7.36 -24.84 -30.90
C ILE G 166 -8.52 -25.69 -30.37
N ILE G 167 -9.05 -26.62 -31.16
CA ILE G 167 -10.32 -27.27 -30.77
C ILE G 167 -10.30 -28.22 -29.55
N PRO G 168 -9.17 -28.91 -29.27
CA PRO G 168 -9.22 -29.86 -28.17
C PRO G 168 -8.60 -29.37 -26.86
N THR G 169 -8.13 -28.10 -26.80
CA THR G 169 -7.37 -27.61 -25.62
C THR G 169 -8.17 -27.66 -24.31
N GLN G 170 -9.50 -27.68 -24.41
CA GLN G 170 -10.35 -27.97 -23.25
C GLN G 170 -10.07 -29.35 -22.65
N MET G 171 -9.70 -30.32 -23.50
CA MET G 171 -9.22 -31.60 -23.01
C MET G 171 -7.83 -31.36 -22.44
N GLN G 172 -6.95 -30.70 -23.21
CA GLN G 172 -5.60 -30.44 -22.73
C GLN G 172 -5.63 -29.75 -21.37
N ARG G 173 -6.59 -28.86 -21.15
CA ARG G 173 -6.70 -28.17 -19.86
C ARG G 173 -7.06 -29.15 -18.74
N LEU G 174 -7.94 -30.11 -19.01
CA LEU G 174 -8.35 -31.01 -17.95
C LEU G 174 -7.23 -31.90 -17.45
N THR G 175 -6.20 -32.10 -18.27
CA THR G 175 -5.10 -32.99 -17.89
C THR G 175 -4.24 -32.33 -16.85
N LYS G 176 -4.08 -31.02 -16.98
CA LYS G 176 -3.13 -30.31 -16.15
C LYS G 176 -3.70 -29.95 -14.75
N TYR G 177 -4.91 -30.41 -14.41
CA TYR G 177 -5.48 -30.09 -13.10
C TYR G 177 -4.96 -31.04 -12.06
N PRO G 178 -5.21 -32.33 -12.22
CA PRO G 178 -4.58 -33.19 -11.24
C PRO G 178 -3.14 -32.78 -11.01
N LEU G 179 -2.39 -32.54 -12.09
CA LEU G 179 -0.96 -32.18 -11.98
C LEU G 179 -0.60 -30.98 -11.12
N LEU G 180 -1.30 -29.87 -11.32
CA LEU G 180 -1.04 -28.65 -10.56
C LEU G 180 -1.38 -28.83 -9.11
N LEU G 181 -2.54 -29.41 -8.86
CA LEU G 181 -3.03 -29.60 -7.51
C LEU G 181 -2.15 -30.59 -6.75
N ASP G 182 -1.51 -31.53 -7.44
CA ASP G 182 -0.59 -32.43 -6.75
C ASP G 182 0.57 -31.62 -6.28
N ASN G 183 1.20 -30.90 -7.20
CA ASN G 183 2.29 -30.00 -6.85
C ASN G 183 1.91 -28.89 -5.88
N ILE G 184 0.63 -28.54 -5.78
CA ILE G 184 0.21 -27.75 -4.64
C ILE G 184 0.37 -28.57 -3.36
N ALA G 185 -0.29 -29.73 -3.30
CA ALA G 185 -0.23 -30.60 -2.13
C ALA G 185 1.21 -30.96 -1.73
N LYS G 186 2.05 -31.23 -2.73
CA LYS G 186 3.47 -31.51 -2.51
C LYS G 186 4.04 -30.51 -1.54
N TYR G 187 3.95 -29.24 -1.89
CA TYR G 187 4.58 -28.20 -1.09
C TYR G 187 3.70 -27.69 0.04
N THR G 188 2.50 -28.27 0.19
CA THR G 188 1.62 -28.04 1.34
C THR G 188 1.99 -29.01 2.49
N GLU G 189 2.26 -28.49 3.69
CA GLU G 189 2.73 -29.35 4.78
C GLU G 189 1.82 -29.47 6.03
N TRP G 190 0.65 -28.83 5.99
CA TRP G 190 -0.27 -28.83 7.14
C TRP G 190 -1.46 -29.76 6.97
N PRO G 191 -1.35 -31.02 7.42
CA PRO G 191 -2.36 -32.05 7.15
C PRO G 191 -3.81 -31.62 6.80
N THR G 192 -4.46 -30.82 7.65
CA THR G 192 -5.89 -30.50 7.43
C THR G 192 -6.20 -29.82 6.09
N GLU G 193 -5.34 -28.92 5.66
CA GLU G 193 -5.40 -28.36 4.32
C GLU G 193 -4.97 -29.46 3.35
N ARG G 194 -3.75 -29.95 3.50
CA ARG G 194 -3.19 -30.87 2.50
C ARG G 194 -4.11 -32.02 2.19
N GLU G 195 -4.92 -32.44 3.15
CA GLU G 195 -5.87 -33.55 2.89
C GLU G 195 -6.98 -33.16 1.91
N LYS G 196 -7.39 -31.89 1.92
CA LYS G 196 -8.28 -31.36 0.89
C LYS G 196 -7.57 -31.31 -0.47
N VAL G 197 -6.38 -30.69 -0.51
CA VAL G 197 -5.62 -30.52 -1.75
C VAL G 197 -5.30 -31.85 -2.40
N LYS G 198 -5.14 -32.91 -1.62
CA LYS G 198 -4.98 -34.23 -2.20
C LYS G 198 -6.33 -34.76 -2.70
N LYS G 199 -7.40 -34.42 -1.98
CA LYS G 199 -8.76 -34.81 -2.37
C LYS G 199 -9.12 -34.21 -3.72
N ALA G 200 -9.29 -32.90 -3.79
CA ALA G 200 -9.54 -32.26 -5.09
C ALA G 200 -8.69 -32.90 -6.19
N ALA G 201 -7.39 -33.03 -5.95
CA ALA G 201 -6.50 -33.70 -6.90
C ALA G 201 -7.10 -35.03 -7.35
N ASP G 202 -7.71 -35.74 -6.40
CA ASP G 202 -8.45 -36.98 -6.67
C ASP G 202 -9.64 -36.80 -7.63
N HIS G 203 -10.59 -35.94 -7.28
CA HIS G 203 -11.82 -35.79 -8.06
C HIS G 203 -11.60 -35.29 -9.47
N CYS G 204 -10.53 -34.53 -9.66
CA CYS G 204 -10.11 -34.07 -10.99
C CYS G 204 -9.61 -35.19 -11.87
N ARG G 205 -9.28 -36.33 -11.28
CA ARG G 205 -9.00 -37.53 -12.05
C ARG G 205 -10.29 -38.29 -12.31
N GLN G 206 -11.23 -38.24 -11.37
CA GLN G 206 -12.56 -38.83 -11.58
C GLN G 206 -13.27 -38.17 -12.77
N ILE G 207 -13.07 -36.87 -12.86
CA ILE G 207 -13.47 -36.04 -13.99
C ILE G 207 -12.75 -36.46 -15.30
N LEU G 208 -11.43 -36.66 -15.26
CA LEU G 208 -10.64 -37.14 -16.42
C LEU G 208 -10.89 -38.61 -16.77
N ASN G 209 -11.61 -39.32 -15.93
CA ASN G 209 -12.02 -40.69 -16.23
C ASN G 209 -13.45 -40.75 -16.74
N PHE G 210 -14.23 -39.72 -16.44
CA PHE G 210 -15.61 -39.63 -16.93
C PHE G 210 -15.57 -39.14 -18.36
N VAL G 211 -14.58 -38.28 -18.63
CA VAL G 211 -14.42 -37.65 -19.91
C VAL G 211 -13.52 -38.50 -20.78
N ASN G 212 -12.65 -39.30 -20.16
CA ASN G 212 -12.06 -40.46 -20.89
C ASN G 212 -13.16 -41.43 -21.34
N GLN G 213 -14.20 -41.56 -20.52
CA GLN G 213 -15.33 -42.42 -20.78
C GLN G 213 -16.20 -41.97 -21.95
N ALA G 214 -16.67 -40.72 -21.87
CA ALA G 214 -17.52 -40.19 -22.93
C ALA G 214 -16.88 -40.54 -24.28
N VAL G 215 -15.61 -40.13 -24.40
CA VAL G 215 -14.83 -40.29 -25.64
C VAL G 215 -14.84 -41.76 -26.18
N LYS G 216 -14.60 -42.73 -25.30
CA LYS G 216 -14.63 -44.14 -25.66
C LYS G 216 -16.01 -44.52 -26.24
N GLU G 217 -17.07 -43.91 -25.70
CA GLU G 217 -18.45 -44.24 -26.12
C GLU G 217 -18.75 -43.70 -27.52
N ALA G 218 -18.17 -42.54 -27.80
CA ALA G 218 -18.48 -41.78 -29.00
C ALA G 218 -17.87 -42.38 -30.26
N GLU G 219 -16.60 -42.78 -30.16
CA GLU G 219 -15.88 -43.41 -31.27
C GLU G 219 -16.35 -44.85 -31.36
N ASN G 220 -16.68 -45.44 -30.21
CA ASN G 220 -17.32 -46.74 -30.16
C ASN G 220 -18.48 -46.81 -31.14
N LYS G 221 -19.46 -45.94 -30.96
CA LYS G 221 -20.68 -46.01 -31.77
C LYS G 221 -20.33 -45.84 -33.24
N GLN G 222 -19.50 -44.82 -33.51
CA GLN G 222 -19.02 -44.49 -34.86
C GLN G 222 -18.46 -45.69 -35.62
N ARG G 223 -17.41 -46.31 -35.07
CA ARG G 223 -16.65 -47.33 -35.81
C ARG G 223 -17.34 -48.70 -35.93
N LEU G 224 -18.34 -48.98 -35.10
CA LEU G 224 -19.13 -50.21 -35.24
C LEU G 224 -20.13 -50.13 -36.40
N GLU G 225 -20.38 -48.92 -36.88
CA GLU G 225 -21.05 -48.71 -38.15
C GLU G 225 -20.02 -48.79 -39.28
N ASP G 226 -18.81 -48.27 -39.03
CA ASP G 226 -17.68 -48.41 -39.95
C ASP G 226 -17.19 -49.87 -40.09
N TYR G 227 -17.69 -50.78 -39.24
CA TYR G 227 -17.42 -52.22 -39.37
C TYR G 227 -18.68 -53.01 -39.75
N GLN G 228 -19.80 -52.74 -39.07
CA GLN G 228 -21.10 -53.31 -39.43
C GLN G 228 -21.32 -53.16 -40.91
N ARG G 229 -20.98 -51.98 -41.42
CA ARG G 229 -21.14 -51.65 -42.83
C ARG G 229 -20.17 -52.42 -43.74
N ARG G 230 -19.05 -52.89 -43.17
CA ARG G 230 -18.12 -53.78 -43.88
C ARG G 230 -17.90 -55.10 -43.12
N LEU G 231 -19.02 -55.77 -42.81
CA LEU G 231 -19.05 -57.03 -42.03
C LEU G 231 -19.15 -58.28 -42.94
N LEU G 252 -23.98 -55.03 -34.79
CA LEU G 252 -22.86 -54.47 -34.06
C LEU G 252 -23.26 -53.20 -33.35
N THR G 253 -24.17 -52.43 -33.97
CA THR G 253 -24.81 -51.25 -33.33
C THR G 253 -25.95 -51.68 -32.38
N LYS G 254 -26.19 -52.98 -32.28
CA LYS G 254 -27.17 -53.55 -31.33
C LYS G 254 -26.68 -53.39 -29.88
N ARG G 255 -25.36 -53.46 -29.68
CA ARG G 255 -24.73 -53.47 -28.36
C ARG G 255 -23.51 -52.53 -28.30
N LYS G 256 -23.16 -52.10 -27.09
CA LYS G 256 -21.99 -51.23 -26.87
C LYS G 256 -20.69 -52.05 -26.82
N MET G 257 -19.68 -51.65 -27.60
CA MET G 257 -18.39 -52.37 -27.67
C MET G 257 -17.48 -52.09 -26.44
N ILE G 258 -16.60 -53.06 -26.12
CA ILE G 258 -15.71 -52.99 -24.94
C ILE G 258 -14.24 -53.43 -25.22
N HIS G 259 -13.73 -53.15 -26.42
CA HIS G 259 -12.28 -53.22 -26.76
C HIS G 259 -12.01 -53.85 -28.12
N GLU G 260 -10.81 -53.62 -28.64
CA GLU G 260 -10.28 -54.29 -29.82
C GLU G 260 -8.75 -54.46 -29.72
N GLY G 261 -8.19 -55.32 -30.56
CA GLY G 261 -6.72 -55.40 -30.67
C GLY G 261 -6.22 -56.39 -31.71
N PRO G 262 -5.11 -56.05 -32.42
CA PRO G 262 -4.44 -56.95 -33.41
C PRO G 262 -3.71 -58.19 -32.81
N LEU G 263 -4.06 -59.39 -33.30
CA LEU G 263 -3.71 -60.68 -32.65
C LEU G 263 -3.08 -61.73 -33.61
N VAL G 264 -3.19 -63.03 -33.24
CA VAL G 264 -2.69 -64.21 -34.00
C VAL G 264 -3.56 -65.46 -33.67
N TRP G 265 -3.41 -66.54 -34.46
CA TRP G 265 -3.91 -67.89 -34.10
C TRP G 265 -2.90 -68.96 -34.53
N ASP G 274 -3.99 -62.47 -39.40
CA ASP G 274 -3.96 -61.29 -38.55
C ASP G 274 -5.37 -60.81 -38.20
N LEU G 275 -5.91 -61.39 -37.12
CA LEU G 275 -7.18 -60.95 -36.56
C LEU G 275 -6.98 -59.62 -35.78
N TYR G 276 -8.07 -58.88 -35.60
CA TYR G 276 -8.28 -58.07 -34.38
C TYR G 276 -9.31 -58.92 -33.64
N THR G 277 -9.78 -58.46 -32.49
CA THR G 277 -10.99 -59.08 -31.91
C THR G 277 -11.70 -57.94 -31.20
N LEU G 278 -13.02 -58.04 -31.06
CA LEU G 278 -13.88 -56.98 -30.53
C LEU G 278 -14.87 -57.52 -29.52
N LEU G 279 -14.62 -57.24 -28.25
CA LEU G 279 -15.55 -57.63 -27.19
C LEU G 279 -16.72 -56.65 -27.19
N LEU G 280 -17.95 -57.17 -27.23
CA LEU G 280 -19.12 -56.30 -27.26
C LEU G 280 -19.92 -56.47 -25.95
N GLU G 281 -21.09 -55.83 -25.85
CA GLU G 281 -21.87 -55.75 -24.60
C GLU G 281 -22.44 -57.07 -24.08
N ASP G 282 -22.44 -58.10 -24.93
CA ASP G 282 -22.66 -59.49 -24.46
C ASP G 282 -22.11 -60.62 -25.36
N ILE G 283 -21.46 -60.30 -26.48
CA ILE G 283 -20.81 -61.30 -27.31
C ILE G 283 -19.31 -61.08 -27.29
N LEU G 284 -18.59 -61.92 -28.02
CA LEU G 284 -17.22 -61.57 -28.43
C LEU G 284 -17.19 -61.71 -29.96
N VAL G 285 -16.10 -61.32 -30.61
CA VAL G 285 -15.95 -61.53 -32.06
C VAL G 285 -14.50 -61.79 -32.54
N LEU G 286 -14.25 -63.03 -32.98
CA LEU G 286 -12.94 -63.45 -33.54
C LEU G 286 -12.84 -63.05 -35.03
N LEU G 287 -12.02 -62.05 -35.38
CA LEU G 287 -12.13 -61.38 -36.71
C LEU G 287 -11.09 -61.67 -37.81
N GLN G 288 -11.54 -61.64 -39.07
CA GLN G 288 -10.69 -61.86 -40.26
C GLN G 288 -10.43 -60.57 -41.04
N LYS G 289 -9.22 -60.03 -40.92
CA LYS G 289 -8.81 -58.78 -41.60
C LYS G 289 -8.77 -58.94 -43.11
N GLN G 290 -9.75 -58.33 -43.79
CA GLN G 290 -9.80 -58.29 -45.25
C GLN G 290 -9.63 -56.82 -45.67
N ASP G 291 -9.03 -56.60 -46.85
CA ASP G 291 -8.66 -55.25 -47.29
C ASP G 291 -9.64 -54.15 -46.85
N ASP G 292 -10.91 -54.30 -47.24
CA ASP G 292 -11.95 -53.33 -46.88
C ASP G 292 -12.97 -53.92 -45.91
N ARG G 293 -13.51 -55.08 -46.29
CA ARG G 293 -14.56 -55.78 -45.54
C ARG G 293 -14.01 -56.54 -44.32
N LEU G 294 -14.88 -57.30 -43.65
CA LEU G 294 -14.48 -58.10 -42.47
C LEU G 294 -15.40 -59.33 -42.23
N VAL G 295 -15.05 -60.48 -42.81
CA VAL G 295 -15.85 -61.70 -42.59
C VAL G 295 -15.16 -62.60 -41.57
N VAL G 316 -20.39 -65.10 -32.63
CA VAL G 316 -20.98 -64.88 -31.30
C VAL G 316 -20.50 -65.97 -30.31
N ILE G 317 -19.51 -65.62 -29.48
CA ILE G 317 -19.03 -66.48 -28.38
C ILE G 317 -19.85 -66.11 -27.14
N LYS G 318 -21.18 -66.21 -27.26
CA LYS G 318 -22.12 -65.73 -26.24
C LYS G 318 -21.53 -65.85 -24.82
N LEU G 319 -21.16 -64.71 -24.24
CA LEU G 319 -20.62 -64.63 -22.86
C LEU G 319 -21.68 -64.81 -21.76
N SER G 320 -22.65 -65.71 -21.98
CA SER G 320 -23.60 -66.13 -20.95
C SER G 320 -23.15 -67.46 -20.31
N THR G 321 -22.10 -68.07 -20.87
CA THR G 321 -21.45 -69.25 -20.29
C THR G 321 -20.02 -69.39 -20.84
N VAL G 322 -19.14 -68.44 -20.47
CA VAL G 322 -17.75 -68.41 -20.94
C VAL G 322 -16.78 -68.22 -19.77
N LEU G 323 -15.59 -68.82 -19.89
CA LEU G 323 -14.48 -68.59 -18.95
C LEU G 323 -13.16 -68.35 -19.70
N VAL G 324 -12.17 -67.83 -18.96
CA VAL G 324 -10.84 -67.49 -19.51
C VAL G 324 -9.72 -68.20 -18.73
N ARG G 325 -8.51 -68.27 -19.29
CA ARG G 325 -7.38 -68.88 -18.56
C ARG G 325 -6.00 -68.44 -19.07
N GLN G 326 -5.08 -68.21 -18.15
CA GLN G 326 -3.74 -67.71 -18.45
C GLN G 326 -2.76 -68.85 -18.72
N VAL G 327 -1.82 -68.62 -19.64
CA VAL G 327 -0.91 -69.65 -20.17
C VAL G 327 0.51 -69.52 -19.59
N ALA G 328 1.25 -70.65 -19.61
CA ALA G 328 2.58 -70.74 -18.97
C ALA G 328 3.78 -70.52 -19.89
N THR G 329 3.97 -71.39 -20.90
CA THR G 329 5.11 -71.25 -21.82
C THR G 329 5.05 -69.93 -22.57
N ASP G 330 3.85 -69.55 -22.98
CA ASP G 330 3.63 -68.29 -23.67
C ASP G 330 3.30 -67.16 -22.69
N ASN G 331 3.94 -66.01 -22.90
CA ASN G 331 3.76 -64.84 -22.01
C ASN G 331 2.46 -64.10 -22.28
N LYS G 332 1.66 -64.62 -23.22
CA LYS G 332 0.59 -63.86 -23.88
C LYS G 332 -0.71 -64.65 -24.12
N ALA G 333 -0.62 -65.96 -24.36
CA ALA G 333 -1.80 -66.76 -24.74
C ALA G 333 -2.92 -66.71 -23.70
N LEU G 334 -4.16 -66.84 -24.18
CA LEU G 334 -5.33 -66.83 -23.32
C LEU G 334 -6.43 -67.70 -23.89
N PHE G 335 -6.85 -68.69 -23.12
CA PHE G 335 -7.93 -69.57 -23.52
C PHE G 335 -9.27 -69.00 -23.12
N VAL G 336 -10.18 -68.94 -24.09
CA VAL G 336 -11.60 -68.68 -23.84
C VAL G 336 -12.31 -70.02 -23.99
N ILE G 337 -13.51 -70.14 -23.42
CA ILE G 337 -14.26 -71.39 -23.45
C ILE G 337 -15.67 -71.17 -23.95
N SER G 338 -16.33 -72.26 -24.34
CA SER G 338 -17.75 -72.29 -24.68
C SER G 338 -18.20 -73.74 -24.84
N GLN G 345 -15.79 -74.36 -27.49
CA GLN G 345 -14.49 -74.74 -28.02
C GLN G 345 -13.35 -74.06 -27.22
N ILE G 346 -12.14 -74.05 -27.80
CA ILE G 346 -10.89 -73.94 -27.03
C ILE G 346 -9.87 -73.03 -27.74
N TYR G 347 -9.73 -71.78 -27.28
CA TYR G 347 -9.02 -70.74 -28.06
C TYR G 347 -7.73 -70.16 -27.44
N GLU G 348 -6.57 -70.59 -27.93
CA GLU G 348 -5.28 -70.03 -27.51
C GLU G 348 -4.88 -68.91 -28.46
N LEU G 349 -5.47 -67.74 -28.24
CA LEU G 349 -5.13 -66.56 -29.00
C LEU G 349 -3.85 -65.97 -28.43
N VAL G 350 -2.86 -65.71 -29.27
CA VAL G 350 -1.69 -64.94 -28.85
C VAL G 350 -2.04 -63.44 -28.97
N ALA G 351 -1.29 -62.60 -28.24
CA ALA G 351 -1.32 -61.14 -28.38
C ALA G 351 0.09 -60.69 -28.77
N GLN G 352 0.17 -59.63 -29.57
CA GLN G 352 1.45 -59.24 -30.13
C GLN G 352 2.44 -58.66 -29.08
N THR G 353 1.91 -58.26 -27.91
CA THR G 353 2.73 -57.95 -26.71
C THR G 353 2.02 -58.34 -25.38
N VAL G 354 2.75 -58.24 -24.26
CA VAL G 354 2.29 -58.74 -22.95
C VAL G 354 1.00 -58.08 -22.46
N SER G 355 1.02 -56.76 -22.36
CA SER G 355 -0.11 -56.00 -21.82
C SER G 355 -1.35 -56.16 -22.69
N GLU G 356 -1.15 -56.27 -24.00
CA GLU G 356 -2.23 -56.59 -24.95
C GLU G 356 -2.89 -57.93 -24.57
N LYS G 357 -2.10 -58.85 -24.04
CA LYS G 357 -2.65 -60.07 -23.50
C LYS G 357 -3.50 -59.74 -22.27
N THR G 358 -2.85 -59.09 -21.31
CA THR G 358 -3.37 -58.98 -19.96
C THR G 358 -4.65 -58.15 -19.99
N VAL G 359 -4.59 -57.06 -20.76
CA VAL G 359 -5.75 -56.26 -21.09
C VAL G 359 -6.94 -57.14 -21.48
N TRP G 360 -6.71 -58.01 -22.45
CA TRP G 360 -7.80 -58.83 -22.96
C TRP G 360 -8.39 -59.66 -21.83
N GLN G 361 -7.60 -60.56 -21.27
CA GLN G 361 -8.07 -61.44 -20.18
C GLN G 361 -8.93 -60.67 -19.20
N ASP G 362 -8.33 -59.61 -18.64
CA ASP G 362 -8.87 -58.81 -17.54
C ASP G 362 -10.34 -58.42 -17.71
N LEU G 363 -10.67 -57.86 -18.87
CA LEU G 363 -12.01 -57.34 -19.14
C LEU G 363 -13.01 -58.46 -19.36
N ILE G 364 -12.66 -59.35 -20.29
CA ILE G 364 -13.48 -60.50 -20.69
C ILE G 364 -14.17 -61.17 -19.50
N CYS G 365 -13.39 -61.35 -18.43
CA CYS G 365 -13.84 -61.99 -17.21
C CYS G 365 -14.91 -61.18 -16.46
N ARG G 366 -14.72 -59.87 -16.37
CA ARG G 366 -15.75 -58.98 -15.82
C ARG G 366 -16.98 -58.91 -16.74
N MET G 367 -16.79 -59.25 -18.02
CA MET G 367 -17.88 -59.39 -19.00
C MET G 367 -18.67 -60.69 -18.80
N ALA G 368 -17.96 -61.81 -18.77
CA ALA G 368 -18.58 -63.06 -18.34
C ALA G 368 -19.35 -62.84 -17.03
N ALA G 369 -18.66 -62.26 -16.03
CA ALA G 369 -19.25 -61.96 -14.72
C ALA G 369 -20.63 -61.35 -14.83
N SER G 370 -20.77 -60.41 -15.77
CA SER G 370 -22.05 -59.79 -16.03
C SER G 370 -22.98 -60.78 -16.74
N ALA H 6 4.25 -20.34 -45.58
CA ALA H 6 4.86 -21.11 -44.44
C ALA H 6 4.34 -22.55 -44.41
N ILE H 7 5.23 -23.49 -44.06
CA ILE H 7 4.91 -24.92 -43.91
C ILE H 7 4.81 -25.23 -42.42
N ARG H 8 3.70 -25.84 -42.00
CA ARG H 8 3.51 -26.19 -40.58
C ARG H 8 3.81 -27.65 -40.34
N LYS H 9 4.49 -27.94 -39.22
CA LYS H 9 4.71 -29.32 -38.79
C LYS H 9 4.35 -29.48 -37.31
N LYS H 10 3.31 -30.30 -37.05
CA LYS H 10 2.87 -30.65 -35.69
C LYS H 10 3.87 -31.61 -35.06
N LEU H 11 4.72 -31.07 -34.18
CA LEU H 11 5.65 -31.86 -33.38
C LEU H 11 4.97 -32.21 -32.06
N VAL H 12 4.91 -33.50 -31.75
CA VAL H 12 4.24 -33.96 -30.54
C VAL H 12 5.23 -34.80 -29.71
N ILE H 13 5.42 -34.42 -28.45
CA ILE H 13 6.36 -35.12 -27.56
C ILE H 13 5.60 -36.06 -26.62
N VAL H 14 6.10 -37.28 -26.47
CA VAL H 14 5.37 -38.40 -25.83
C VAL H 14 6.26 -39.20 -24.88
N GLY H 15 5.89 -39.28 -23.60
CA GLY H 15 6.67 -40.07 -22.64
C GLY H 15 6.06 -40.21 -21.26
N ASP H 16 6.41 -41.31 -20.56
CA ASP H 16 6.03 -41.56 -19.16
C ASP H 16 6.26 -40.30 -18.31
N GLY H 17 5.25 -39.90 -17.53
CA GLY H 17 5.17 -38.56 -16.94
C GLY H 17 6.25 -38.12 -15.96
N ALA H 18 7.27 -38.95 -15.76
CA ALA H 18 8.36 -38.64 -14.84
C ALA H 18 9.50 -37.84 -15.49
N CYS H 19 9.88 -38.22 -16.71
CA CYS H 19 11.16 -37.80 -17.32
C CYS H 19 11.34 -36.29 -17.58
N GLY H 20 10.31 -35.64 -18.11
CA GLY H 20 10.32 -34.17 -18.20
C GLY H 20 10.15 -33.56 -19.58
N LYS H 21 9.15 -34.05 -20.30
CA LYS H 21 8.83 -33.53 -21.61
C LYS H 21 8.54 -32.04 -21.48
N THR H 22 7.50 -31.71 -20.71
CA THR H 22 7.03 -30.33 -20.50
C THR H 22 8.19 -29.37 -20.47
N CYS H 23 9.19 -29.66 -19.63
CA CYS H 23 10.33 -28.78 -19.47
C CYS H 23 11.07 -28.64 -20.77
N LEU H 24 11.39 -29.76 -21.41
CA LEU H 24 12.20 -29.72 -22.63
C LEU H 24 11.64 -28.74 -23.67
N LEU H 25 10.35 -28.86 -23.95
CA LEU H 25 9.69 -27.97 -24.87
C LEU H 25 10.04 -26.54 -24.48
N ILE H 26 9.87 -26.24 -23.20
CA ILE H 26 10.11 -24.91 -22.61
C ILE H 26 11.57 -24.49 -22.65
N VAL H 27 12.49 -25.43 -22.49
CA VAL H 27 13.91 -25.12 -22.61
C VAL H 27 14.15 -24.67 -24.04
N PHE H 28 13.65 -25.48 -24.96
CA PHE H 28 13.87 -25.25 -26.36
C PHE H 28 13.19 -23.98 -26.85
N SER H 29 11.93 -23.77 -26.45
CA SER H 29 11.15 -22.60 -26.92
C SER H 29 11.63 -21.27 -26.33
N LYS H 30 11.47 -21.04 -25.02
CA LYS H 30 12.00 -19.82 -24.39
C LYS H 30 13.54 -19.82 -24.43
N ASP H 31 14.13 -20.97 -24.75
CA ASP H 31 15.57 -21.11 -24.99
C ASP H 31 16.35 -20.76 -23.74
N GLN H 32 15.84 -21.23 -22.61
CA GLN H 32 16.50 -21.06 -21.32
C GLN H 32 15.87 -22.02 -20.34
N PHE H 33 16.60 -22.31 -19.26
CA PHE H 33 16.07 -23.09 -18.16
C PHE H 33 15.57 -22.13 -17.08
N PRO H 34 14.35 -22.38 -16.56
CA PRO H 34 13.84 -21.60 -15.42
C PRO H 34 14.48 -22.07 -14.13
N GLU H 35 15.50 -21.35 -13.67
CA GLU H 35 16.21 -21.76 -12.47
C GLU H 35 15.49 -21.29 -11.20
N VAL H 36 14.20 -20.95 -11.32
CA VAL H 36 13.40 -20.39 -10.24
C VAL H 36 12.16 -21.27 -9.99
N TYR H 37 11.24 -21.33 -10.97
CA TYR H 37 10.09 -22.23 -10.93
C TYR H 37 9.87 -22.90 -12.28
N VAL H 38 9.94 -24.24 -12.26
CA VAL H 38 9.64 -25.11 -13.39
C VAL H 38 8.14 -25.25 -13.56
N PRO H 39 7.56 -24.67 -14.64
CA PRO H 39 6.13 -24.75 -14.93
C PRO H 39 5.56 -26.12 -15.33
N THR H 40 4.35 -26.36 -14.87
CA THR H 40 3.62 -27.57 -15.17
C THR H 40 3.02 -27.49 -16.56
N VAL H 41 2.47 -26.32 -16.89
CA VAL H 41 1.64 -26.17 -18.07
C VAL H 41 2.45 -25.62 -19.24
N PHE H 42 2.46 -26.38 -20.33
CA PHE H 42 2.90 -25.92 -21.64
C PHE H 42 1.69 -25.96 -22.60
N GLU H 43 1.10 -24.78 -22.80
CA GLU H 43 0.03 -24.59 -23.79
C GLU H 43 0.66 -24.61 -25.18
N ASN H 44 -0.02 -25.26 -26.14
CA ASN H 44 0.46 -25.35 -27.52
C ASN H 44 1.07 -24.07 -28.06
N TYR H 45 2.39 -24.10 -28.25
CA TYR H 45 3.18 -22.98 -28.77
C TYR H 45 3.43 -23.27 -30.25
N VAL H 46 3.80 -22.26 -31.03
CA VAL H 46 4.26 -22.51 -32.39
C VAL H 46 5.66 -21.91 -32.55
N ALA H 47 6.62 -22.81 -32.77
CA ALA H 47 8.03 -22.51 -32.69
C ALA H 47 8.66 -22.32 -34.08
N ASP H 48 9.20 -21.13 -34.31
CA ASP H 48 9.86 -20.85 -35.57
C ASP H 48 11.34 -21.26 -35.50
N ILE H 49 11.69 -22.24 -36.34
CA ILE H 49 13.04 -22.81 -36.40
C ILE H 49 13.53 -22.83 -37.86
N GLU H 50 14.85 -22.84 -38.07
CA GLU H 50 15.46 -22.90 -39.41
C GLU H 50 16.46 -24.07 -39.56
N VAL H 51 16.08 -25.11 -40.32
CA VAL H 51 17.00 -26.20 -40.69
C VAL H 51 17.01 -26.39 -42.21
N ASP H 52 18.15 -26.84 -42.74
CA ASP H 52 18.34 -27.06 -44.19
C ASP H 52 18.17 -25.81 -45.06
N GLY H 53 18.02 -24.64 -44.44
CA GLY H 53 17.63 -23.43 -45.16
C GLY H 53 16.15 -23.42 -45.48
N LYS H 54 15.36 -24.07 -44.60
CA LYS H 54 13.91 -24.08 -44.67
C LYS H 54 13.33 -23.50 -43.37
N GLN H 55 12.39 -22.57 -43.49
CA GLN H 55 11.74 -22.00 -42.31
C GLN H 55 10.38 -22.65 -42.12
N VAL H 56 10.16 -23.18 -40.92
CA VAL H 56 8.99 -23.98 -40.55
C VAL H 56 8.24 -23.34 -39.39
N GLU H 57 6.93 -23.57 -39.36
CA GLU H 57 6.15 -23.41 -38.14
C GLU H 57 6.07 -24.77 -37.46
N LEU H 58 6.77 -24.91 -36.33
CA LEU H 58 6.76 -26.19 -35.61
C LEU H 58 5.80 -26.05 -34.43
N ALA H 59 4.60 -26.60 -34.61
CA ALA H 59 3.55 -26.58 -33.58
C ALA H 59 3.89 -27.53 -32.42
N LEU H 60 4.54 -26.99 -31.40
CA LEU H 60 4.96 -27.80 -30.25
C LEU H 60 3.74 -28.17 -29.44
N TRP H 61 3.58 -29.47 -29.23
CA TRP H 61 2.54 -29.98 -28.35
C TRP H 61 3.16 -30.49 -27.03
N ASP H 62 2.38 -31.21 -26.24
CA ASP H 62 2.83 -31.75 -24.96
C ASP H 62 1.84 -32.85 -24.56
N THR H 63 2.30 -33.90 -23.89
CA THR H 63 1.35 -34.93 -23.42
C THR H 63 1.13 -34.88 -21.91
N ALA H 64 1.98 -34.16 -21.18
CA ALA H 64 1.89 -34.04 -19.71
C ALA H 64 0.46 -34.10 -19.14
N GLY H 65 0.20 -35.18 -18.39
CA GLY H 65 -1.10 -35.42 -17.76
C GLY H 65 -1.88 -36.56 -18.40
N GLN H 66 -1.67 -36.76 -19.70
CA GLN H 66 -2.48 -37.67 -20.52
C GLN H 66 -2.08 -39.16 -20.42
N GLU H 67 -0.91 -39.43 -19.85
CA GLU H 67 -0.31 -40.78 -19.95
C GLU H 67 -1.14 -41.83 -19.24
N ASP H 68 -2.02 -41.40 -18.35
CA ASP H 68 -2.89 -42.31 -17.62
C ASP H 68 -4.19 -42.58 -18.35
N TYR H 69 -4.75 -41.54 -18.96
CA TYR H 69 -6.11 -41.61 -19.51
C TYR H 69 -6.03 -42.03 -20.95
N ASP H 70 -6.30 -43.33 -21.15
CA ASP H 70 -6.14 -43.98 -22.43
C ASP H 70 -6.82 -43.23 -23.57
N ARG H 71 -8.15 -43.12 -23.50
CA ARG H 71 -8.93 -42.65 -24.65
C ARG H 71 -8.74 -41.18 -25.03
N LEU H 72 -8.18 -40.38 -24.12
CA LEU H 72 -7.99 -38.93 -24.34
C LEU H 72 -6.70 -38.61 -25.12
N ARG H 73 -5.55 -38.87 -24.50
CA ARG H 73 -4.21 -38.70 -25.09
C ARG H 73 -4.07 -38.82 -26.63
N PRO H 74 -4.67 -39.86 -27.26
CA PRO H 74 -4.68 -39.99 -28.72
C PRO H 74 -5.25 -38.80 -29.54
N LEU H 75 -5.83 -37.80 -28.87
CA LEU H 75 -6.36 -36.61 -29.54
C LEU H 75 -5.26 -35.60 -29.84
N SER H 76 -4.09 -35.81 -29.24
CA SER H 76 -2.91 -35.00 -29.54
C SER H 76 -2.18 -35.50 -30.77
N TYR H 77 -2.66 -36.62 -31.31
CA TYR H 77 -2.00 -37.30 -32.44
C TYR H 77 -2.51 -36.98 -33.86
N PRO H 78 -3.83 -36.71 -34.06
CA PRO H 78 -4.24 -36.47 -35.45
C PRO H 78 -3.45 -35.36 -36.15
N ASP H 79 -3.19 -35.55 -37.43
CA ASP H 79 -2.38 -34.63 -38.24
C ASP H 79 -1.02 -34.28 -37.58
N THR H 80 -0.39 -35.30 -37.00
CA THR H 80 0.96 -35.19 -36.44
C THR H 80 1.97 -35.74 -37.45
N ASP H 81 3.16 -35.14 -37.46
CA ASP H 81 4.12 -35.31 -38.56
C ASP H 81 5.45 -35.88 -38.12
N VAL H 82 5.97 -35.35 -37.01
CA VAL H 82 7.20 -35.84 -36.38
C VAL H 82 6.95 -36.07 -34.89
N ILE H 83 7.62 -37.07 -34.31
CA ILE H 83 7.43 -37.42 -32.91
C ILE H 83 8.77 -37.42 -32.15
N LEU H 84 8.70 -37.09 -30.86
CA LEU H 84 9.83 -37.19 -29.92
C LEU H 84 9.41 -38.10 -28.76
N MET H 85 9.80 -39.37 -28.81
CA MET H 85 9.47 -40.34 -27.76
C MET H 85 10.48 -40.19 -26.62
N CYS H 86 9.97 -39.93 -25.42
CA CYS H 86 10.79 -39.46 -24.30
C CYS H 86 11.07 -40.48 -23.20
N PHE H 87 12.19 -40.27 -22.51
CA PHE H 87 12.60 -41.05 -21.34
C PHE H 87 13.70 -40.28 -20.62
N SER H 88 14.11 -40.75 -19.45
CA SER H 88 15.18 -40.11 -18.71
C SER H 88 16.39 -41.02 -18.53
N ILE H 89 17.57 -40.42 -18.47
CA ILE H 89 18.85 -41.13 -18.32
C ILE H 89 18.93 -41.87 -16.97
N ASP H 90 18.25 -41.31 -15.98
CA ASP H 90 18.18 -41.93 -14.65
C ASP H 90 16.94 -42.84 -14.50
N SER H 91 16.56 -43.54 -15.57
CA SER H 91 15.35 -44.37 -15.52
C SER H 91 15.26 -45.34 -16.69
N PRO H 92 15.69 -46.60 -16.47
CA PRO H 92 15.39 -47.65 -17.43
C PRO H 92 13.94 -48.16 -17.33
N ASP H 93 13.17 -47.58 -16.41
CA ASP H 93 11.77 -47.97 -16.22
C ASP H 93 10.86 -47.35 -17.28
N SER H 94 11.23 -46.14 -17.74
CA SER H 94 10.53 -45.50 -18.87
C SER H 94 11.09 -45.95 -20.23
N LEU H 95 12.41 -46.20 -20.28
CA LEU H 95 13.05 -46.78 -21.47
C LEU H 95 12.53 -48.20 -21.74
N GLU H 96 12.18 -48.92 -20.68
CA GLU H 96 11.56 -50.24 -20.84
C GLU H 96 10.11 -50.12 -21.29
N ASN H 97 9.47 -49.00 -20.95
CA ASN H 97 8.13 -48.70 -21.45
C ASN H 97 8.12 -48.00 -22.82
N ILE H 98 9.28 -47.92 -23.49
CA ILE H 98 9.33 -47.37 -24.86
C ILE H 98 8.71 -48.34 -25.88
N PRO H 99 9.18 -49.60 -25.91
CA PRO H 99 8.66 -50.53 -26.91
C PRO H 99 7.44 -51.38 -26.49
N GLU H 100 7.10 -51.40 -25.20
CA GLU H 100 5.91 -52.10 -24.70
C GLU H 100 4.86 -51.09 -24.22
N LYS H 101 4.76 -49.96 -24.92
CA LYS H 101 3.69 -48.97 -24.67
C LYS H 101 3.61 -47.98 -25.84
N TRP H 102 4.49 -46.99 -25.84
CA TRP H 102 4.42 -45.87 -26.77
C TRP H 102 4.53 -46.36 -28.20
N THR H 103 5.66 -46.97 -28.52
CA THR H 103 5.94 -47.40 -29.87
C THR H 103 4.72 -48.07 -30.56
N PRO H 104 4.14 -49.14 -29.98
CA PRO H 104 2.95 -49.73 -30.61
C PRO H 104 1.66 -48.90 -30.53
N GLU H 105 1.61 -47.89 -29.67
CA GLU H 105 0.53 -46.91 -29.68
C GLU H 105 0.78 -45.77 -30.68
N VAL H 106 2.05 -45.39 -30.84
CA VAL H 106 2.45 -44.43 -31.88
C VAL H 106 2.43 -45.06 -33.28
N LYS H 107 2.64 -46.39 -33.35
CA LYS H 107 2.42 -47.20 -34.57
C LYS H 107 0.94 -47.11 -35.01
N HIS H 108 0.07 -47.38 -34.03
CA HIS H 108 -1.36 -47.57 -34.25
C HIS H 108 -2.02 -46.35 -34.90
N PHE H 109 -1.89 -45.22 -34.22
CA PHE H 109 -2.59 -43.99 -34.60
C PHE H 109 -1.88 -43.27 -35.75
N CYS H 110 -0.56 -43.10 -35.62
CA CYS H 110 0.22 -42.26 -36.52
C CYS H 110 1.16 -43.07 -37.41
N PRO H 111 0.64 -43.66 -38.51
CA PRO H 111 1.54 -44.41 -39.39
C PRO H 111 2.44 -43.49 -40.22
N ASN H 112 3.61 -44.00 -40.60
CA ASN H 112 4.61 -43.23 -41.37
C ASN H 112 5.03 -41.89 -40.72
N VAL H 113 4.91 -41.80 -39.40
CA VAL H 113 5.15 -40.55 -38.71
C VAL H 113 6.53 -40.60 -38.03
N PRO H 114 7.57 -40.12 -38.73
CA PRO H 114 8.97 -40.29 -38.29
C PRO H 114 9.18 -40.00 -36.81
N ILE H 115 9.82 -40.93 -36.11
CA ILE H 115 10.03 -40.84 -34.67
C ILE H 115 11.51 -40.57 -34.33
N ILE H 116 11.72 -39.65 -33.39
CA ILE H 116 13.02 -39.39 -32.78
C ILE H 116 12.96 -39.93 -31.34
N LEU H 117 14.13 -40.21 -30.76
CA LEU H 117 14.23 -40.65 -29.37
C LEU H 117 15.00 -39.58 -28.58
N VAL H 118 14.72 -39.46 -27.28
CA VAL H 118 15.15 -38.30 -26.51
C VAL H 118 15.81 -38.67 -25.18
N GLY H 119 17.14 -38.66 -25.17
CA GLY H 119 17.89 -38.86 -23.94
C GLY H 119 17.74 -37.66 -23.03
N ASN H 120 16.67 -37.65 -22.24
CA ASN H 120 16.38 -36.54 -21.32
C ASN H 120 17.23 -36.63 -20.06
N LYS H 121 17.67 -35.47 -19.57
CA LYS H 121 18.55 -35.35 -18.41
C LYS H 121 19.89 -36.08 -18.66
N LYS H 122 20.56 -35.61 -19.71
CA LYS H 122 21.86 -36.12 -20.15
C LYS H 122 22.98 -35.82 -19.16
N ASP H 123 22.82 -34.77 -18.36
CA ASP H 123 23.82 -34.38 -17.35
C ASP H 123 23.94 -35.35 -16.16
N LEU H 124 22.87 -36.13 -15.91
CA LEU H 124 22.84 -37.11 -14.80
C LEU H 124 23.78 -38.31 -14.99
N ARG H 125 24.27 -38.50 -16.21
CA ARG H 125 25.24 -39.54 -16.51
C ARG H 125 26.42 -39.39 -15.57
N ASN H 126 26.88 -38.15 -15.39
CA ASN H 126 27.95 -37.86 -14.44
C ASN H 126 27.41 -37.23 -13.15
N ASP H 127 26.61 -38.00 -12.42
CA ASP H 127 25.91 -37.51 -11.22
C ASP H 127 26.37 -38.16 -9.91
N GLU H 128 26.27 -37.39 -8.83
CA GLU H 128 26.62 -37.83 -7.49
C GLU H 128 25.44 -38.56 -6.84
N HIS H 129 24.38 -37.80 -6.51
CA HIS H 129 23.26 -38.29 -5.70
C HIS H 129 22.54 -39.52 -6.28
N THR H 130 22.24 -39.47 -7.58
CA THR H 130 21.43 -40.51 -8.24
C THR H 130 22.04 -41.90 -8.14
N ARG H 131 23.17 -42.12 -8.82
CA ARG H 131 23.87 -43.42 -8.82
C ARG H 131 23.34 -44.42 -7.79
N ARG H 132 23.33 -43.97 -6.53
CA ARG H 132 22.78 -44.74 -5.42
C ARG H 132 21.30 -45.05 -5.60
N GLU H 133 20.45 -44.01 -5.64
CA GLU H 133 19.00 -44.18 -5.76
C GLU H 133 18.65 -45.20 -6.84
N LEU H 134 19.42 -45.20 -7.93
CA LEU H 134 19.38 -46.25 -8.95
C LEU H 134 19.86 -47.58 -8.38
N ALA H 135 21.07 -47.56 -7.84
CA ALA H 135 21.65 -48.73 -7.19
C ALA H 135 20.70 -49.37 -6.16
N LYS H 136 19.94 -48.55 -5.44
CA LYS H 136 18.92 -49.05 -4.49
C LYS H 136 18.07 -50.18 -5.11
N MET H 137 17.83 -50.11 -6.42
CA MET H 137 17.03 -51.10 -7.14
C MET H 137 17.88 -52.12 -7.90
N LYS H 138 19.17 -52.21 -7.57
CA LYS H 138 20.15 -52.95 -8.39
C LYS H 138 20.19 -52.40 -9.82
N GLN H 139 20.23 -51.06 -9.93
CA GLN H 139 20.16 -50.36 -11.22
C GLN H 139 21.21 -49.25 -11.40
N GLU H 140 21.41 -48.82 -12.65
CA GLU H 140 22.35 -47.76 -13.03
C GLU H 140 21.74 -46.86 -14.12
N PRO H 141 22.35 -45.68 -14.38
CA PRO H 141 21.86 -44.85 -15.50
C PRO H 141 22.17 -45.44 -16.89
N VAL H 142 21.62 -44.82 -17.93
CA VAL H 142 21.67 -45.38 -19.30
C VAL H 142 22.85 -44.82 -20.11
N LYS H 143 23.37 -45.64 -21.04
CA LYS H 143 24.49 -45.28 -21.92
C LYS H 143 24.00 -44.96 -23.36
N PRO H 144 24.85 -44.30 -24.19
CA PRO H 144 24.45 -43.99 -25.57
C PRO H 144 24.19 -45.25 -26.41
N GLU H 145 25.09 -46.24 -26.28
CA GLU H 145 24.97 -47.53 -26.98
C GLU H 145 23.66 -48.25 -26.70
N GLU H 146 23.11 -48.07 -25.50
CA GLU H 146 21.77 -48.54 -25.16
C GLU H 146 20.68 -47.78 -25.93
N GLY H 147 20.81 -46.45 -25.95
CA GLY H 147 19.84 -45.60 -26.63
C GLY H 147 19.91 -45.69 -28.14
N ARG H 148 21.13 -45.76 -28.67
CA ARG H 148 21.34 -45.94 -30.11
C ARG H 148 20.59 -47.15 -30.64
N ASP H 149 20.82 -48.31 -30.03
CA ASP H 149 20.19 -49.55 -30.48
C ASP H 149 18.73 -49.68 -30.01
N MET H 150 18.28 -48.77 -29.14
CA MET H 150 16.87 -48.64 -28.80
C MET H 150 16.12 -47.86 -29.89
N ALA H 151 16.71 -46.78 -30.39
CA ALA H 151 16.17 -46.05 -31.55
C ALA H 151 16.31 -46.88 -32.81
N ASN H 152 17.45 -47.57 -32.93
CA ASN H 152 17.68 -48.55 -34.01
C ASN H 152 16.81 -49.79 -33.85
N ARG H 153 16.20 -49.96 -32.68
CA ARG H 153 15.22 -51.03 -32.46
C ARG H 153 13.89 -50.65 -33.08
N ILE H 154 13.24 -49.64 -32.53
CA ILE H 154 11.86 -49.33 -32.90
C ILE H 154 11.78 -48.50 -34.20
N GLY H 155 12.39 -49.02 -35.26
CA GLY H 155 12.35 -48.42 -36.61
C GLY H 155 12.43 -46.91 -36.72
N ALA H 156 13.00 -46.25 -35.72
CA ALA H 156 12.85 -44.81 -35.53
C ALA H 156 13.97 -43.99 -36.16
N PHE H 157 13.58 -42.99 -36.95
CA PHE H 157 14.49 -42.06 -37.65
C PHE H 157 15.94 -42.00 -37.15
N GLY H 158 16.11 -41.71 -35.87
CA GLY H 158 17.44 -41.62 -35.27
C GLY H 158 17.43 -41.21 -33.81
N TYR H 159 18.45 -41.62 -33.06
CA TYR H 159 18.58 -41.32 -31.63
C TYR H 159 19.25 -39.96 -31.39
N MET H 160 18.96 -39.35 -30.24
CA MET H 160 19.67 -38.16 -29.79
C MET H 160 19.51 -38.03 -28.27
N GLU H 161 20.48 -37.38 -27.61
CA GLU H 161 20.41 -37.11 -26.17
C GLU H 161 20.40 -35.62 -25.88
N CYS H 162 20.07 -35.23 -24.65
CA CYS H 162 20.00 -33.80 -24.30
C CYS H 162 19.96 -33.51 -22.80
N SER H 163 20.36 -32.29 -22.42
CA SER H 163 20.40 -31.84 -21.03
C SER H 163 19.44 -30.67 -20.78
N ALA H 164 18.36 -30.96 -20.06
CA ALA H 164 17.32 -29.96 -19.79
C ALA H 164 17.86 -28.77 -19.00
N LYS H 165 18.68 -29.04 -17.98
CA LYS H 165 19.03 -28.05 -16.96
C LYS H 165 20.21 -27.13 -17.35
N THR H 166 20.80 -27.36 -18.50
CA THR H 166 21.86 -26.49 -18.97
C THR H 166 21.66 -26.03 -20.42
N LYS H 167 20.64 -26.55 -21.10
CA LYS H 167 20.37 -26.27 -22.52
C LYS H 167 21.26 -27.09 -23.47
N ASP H 168 22.08 -27.99 -22.93
CA ASP H 168 23.13 -28.67 -23.70
C ASP H 168 22.57 -29.78 -24.59
N GLY H 169 22.59 -29.55 -25.90
CA GLY H 169 22.15 -30.53 -26.90
C GLY H 169 20.68 -30.44 -27.28
N VAL H 170 19.98 -29.47 -26.71
CA VAL H 170 18.53 -29.40 -26.82
C VAL H 170 18.10 -28.93 -28.22
N ARG H 171 18.77 -27.90 -28.70
CA ARG H 171 18.47 -27.34 -30.00
C ARG H 171 18.76 -28.38 -31.08
N GLU H 172 19.75 -29.24 -30.84
CA GLU H 172 20.12 -30.30 -31.79
C GLU H 172 18.99 -31.30 -31.99
N VAL H 173 18.48 -31.85 -30.89
CA VAL H 173 17.32 -32.75 -30.93
C VAL H 173 16.21 -32.13 -31.80
N PHE H 174 15.84 -30.89 -31.48
CA PHE H 174 14.72 -30.23 -32.15
C PHE H 174 14.95 -29.90 -33.61
N GLU H 175 16.16 -29.48 -33.96
CA GLU H 175 16.54 -29.34 -35.37
C GLU H 175 16.32 -30.66 -36.07
N MET H 176 16.69 -31.75 -35.39
CA MET H 176 16.60 -33.08 -35.96
C MET H 176 15.14 -33.49 -36.18
N ALA H 177 14.25 -33.10 -35.27
CA ALA H 177 12.83 -33.38 -35.43
C ALA H 177 12.24 -32.60 -36.61
N THR H 178 12.77 -31.41 -36.87
CA THR H 178 12.27 -30.58 -37.95
C THR H 178 12.74 -31.10 -39.31
N ARG H 179 14.00 -31.55 -39.36
CA ARG H 179 14.51 -32.23 -40.56
C ARG H 179 13.71 -33.50 -40.86
N ALA H 180 13.52 -34.34 -39.84
CA ALA H 180 12.77 -35.61 -40.01
C ALA H 180 11.34 -35.39 -40.49
N ALA H 181 10.75 -34.27 -40.08
CA ALA H 181 9.39 -33.92 -40.49
C ALA H 181 9.32 -33.58 -41.98
N LEU H 182 10.21 -32.69 -42.42
CA LEU H 182 10.25 -32.23 -43.80
C LEU H 182 10.29 -33.41 -44.77
N GLN H 183 11.28 -34.29 -44.56
CA GLN H 183 11.41 -35.53 -45.35
C GLN H 183 10.09 -36.29 -45.33
N ALA H 184 9.68 -36.81 -46.49
CA ALA H 184 8.39 -37.48 -46.63
C ALA H 184 8.33 -38.34 -47.88
#